data_2HJQ
#
_entry.id   2HJQ
#
_entity_poly.entity_id   1
_entity_poly.type   'polypeptide(L)'
_entity_poly.pdbx_seq_one_letter_code
;MFTAKLIKGKTYNVMGITFRAGVSQTVPKKLYEYLNENPYFILTQELNNQKDDPINYTESELKGMNKAEHESIISNLGRN
PSDFKNADERIAYILKQIDNKGELEHHHHHH
;
_entity_poly.pdbx_strand_id   A
#
# COMPACT_ATOMS: atom_id res chain seq x y z
N MET A 1 -0.16 1.04 4.66
CA MET A 1 -1.36 1.90 4.48
C MET A 1 -2.46 1.50 5.44
N PHE A 2 -3.02 2.49 6.12
CA PHE A 2 -4.13 2.25 7.03
C PHE A 2 -5.42 2.73 6.39
N THR A 3 -6.51 2.02 6.59
CA THR A 3 -7.80 2.43 6.05
C THR A 3 -8.92 2.08 7.01
N ALA A 4 -9.93 2.93 7.04
CA ALA A 4 -11.10 2.72 7.90
C ALA A 4 -12.37 2.81 7.09
N LYS A 5 -13.37 2.02 7.47
CA LYS A 5 -14.66 2.03 6.81
C LYS A 5 -15.78 2.04 7.83
N LEU A 6 -16.73 2.96 7.69
CA LEU A 6 -17.82 3.11 8.63
C LEU A 6 -18.72 1.88 8.65
N ILE A 7 -18.78 1.23 9.81
CA ILE A 7 -19.67 0.08 9.98
C ILE A 7 -20.83 0.46 10.89
N LYS A 8 -20.57 1.42 11.78
CA LYS A 8 -21.57 1.85 12.76
C LYS A 8 -22.43 2.97 12.21
N GLY A 9 -21.82 3.82 11.40
CA GLY A 9 -22.51 4.99 10.90
C GLY A 9 -22.93 4.85 9.45
N LYS A 10 -23.14 5.99 8.81
CA LYS A 10 -23.56 6.08 7.43
C LYS A 10 -22.80 7.22 6.79
N THR A 11 -22.68 8.31 7.54
CA THR A 11 -21.85 9.44 7.17
C THR A 11 -21.39 10.15 8.44
N TYR A 12 -20.09 10.12 8.70
CA TYR A 12 -19.54 10.62 9.96
C TYR A 12 -18.29 11.45 9.70
N ASN A 13 -18.16 12.55 10.41
CA ASN A 13 -17.00 13.43 10.25
C ASN A 13 -16.06 13.29 11.45
N VAL A 14 -14.89 12.74 11.20
CA VAL A 14 -13.89 12.55 12.24
C VAL A 14 -12.81 13.63 12.14
N MET A 15 -12.87 14.61 13.05
CA MET A 15 -11.92 15.71 13.09
C MET A 15 -12.05 16.59 11.85
N GLY A 16 -11.45 16.14 10.76
CA GLY A 16 -11.56 16.84 9.49
C GLY A 16 -11.70 15.88 8.34
N ILE A 17 -11.93 14.61 8.66
CA ILE A 17 -12.06 13.56 7.67
C ILE A 17 -13.51 13.12 7.56
N THR A 18 -13.98 12.88 6.35
CA THR A 18 -15.36 12.48 6.15
C THR A 18 -15.46 11.02 5.73
N PHE A 19 -16.03 10.21 6.60
CA PHE A 19 -16.23 8.80 6.31
C PHE A 19 -17.70 8.51 6.05
N ARG A 20 -17.96 7.53 5.21
CA ARG A 20 -19.31 7.10 4.93
C ARG A 20 -19.38 5.59 5.00
N ALA A 21 -20.48 5.05 5.51
CA ALA A 21 -20.64 3.60 5.59
C ALA A 21 -20.48 2.96 4.22
N GLY A 22 -19.60 1.97 4.14
CA GLY A 22 -19.34 1.31 2.87
C GLY A 22 -18.16 1.92 2.15
N VAL A 23 -17.72 3.08 2.60
CA VAL A 23 -16.61 3.79 1.99
C VAL A 23 -15.34 3.65 2.82
N SER A 24 -14.35 2.95 2.28
CA SER A 24 -13.06 2.84 2.92
C SER A 24 -12.19 4.04 2.55
N GLN A 25 -11.50 4.60 3.51
CA GLN A 25 -10.64 5.75 3.27
C GLN A 25 -9.34 5.61 4.02
N THR A 26 -8.23 5.88 3.33
CA THR A 26 -6.91 5.74 3.93
C THR A 26 -6.64 6.81 4.99
N VAL A 27 -6.18 6.36 6.14
CA VAL A 27 -5.91 7.26 7.26
C VAL A 27 -4.49 7.07 7.77
N PRO A 28 -3.93 8.11 8.41
CA PRO A 28 -2.62 8.02 9.06
C PRO A 28 -2.68 7.17 10.32
N LYS A 29 -1.51 6.80 10.84
CA LYS A 29 -1.43 5.95 12.03
C LYS A 29 -2.18 6.58 13.21
N LYS A 30 -2.11 7.90 13.30
CA LYS A 30 -2.78 8.65 14.36
C LYS A 30 -4.27 8.35 14.37
N LEU A 31 -4.90 8.48 13.21
CA LEU A 31 -6.35 8.30 13.10
C LEU A 31 -6.72 6.82 13.20
N TYR A 32 -5.81 5.96 12.75
CA TYR A 32 -6.04 4.52 12.81
C TYR A 32 -6.27 4.07 14.26
N GLU A 33 -5.41 4.52 15.15
CA GLU A 33 -5.53 4.15 16.56
C GLU A 33 -6.59 5.00 17.26
N TYR A 34 -6.82 6.21 16.76
CA TYR A 34 -7.90 7.04 17.25
C TYR A 34 -9.24 6.37 16.99
N LEU A 35 -9.37 5.78 15.80
CA LEU A 35 -10.58 5.06 15.42
C LEU A 35 -10.51 3.62 15.91
N ASN A 36 -9.35 3.22 16.42
CA ASN A 36 -9.21 1.93 17.08
C ASN A 36 -9.92 1.96 18.41
N GLU A 37 -9.92 3.12 19.03
CA GLU A 37 -10.70 3.35 20.25
C GLU A 37 -12.19 3.51 19.92
N ASN A 38 -12.47 4.19 18.82
CA ASN A 38 -13.85 4.49 18.42
C ASN A 38 -14.46 3.36 17.61
N PRO A 39 -15.42 2.62 18.20
CA PRO A 39 -16.02 1.43 17.59
C PRO A 39 -17.06 1.76 16.52
N TYR A 40 -16.75 2.70 15.64
CA TYR A 40 -17.66 3.05 14.56
C TYR A 40 -17.21 2.45 13.25
N PHE A 41 -15.95 2.02 13.18
CA PHE A 41 -15.35 1.65 11.92
C PHE A 41 -14.77 0.25 11.97
N ILE A 42 -14.60 -0.35 10.81
CA ILE A 42 -13.79 -1.54 10.68
C ILE A 42 -12.40 -1.11 10.22
N LEU A 43 -11.39 -1.60 10.89
CA LEU A 43 -10.03 -1.14 10.64
C LEU A 43 -9.22 -2.20 9.93
N THR A 44 -8.50 -1.77 8.91
CA THR A 44 -7.68 -2.67 8.13
C THR A 44 -6.40 -1.95 7.70
N GLN A 45 -5.25 -2.58 7.86
CA GLN A 45 -4.01 -2.02 7.39
C GLN A 45 -3.28 -3.03 6.51
N GLU A 46 -2.86 -2.58 5.34
CA GLU A 46 -2.16 -3.45 4.41
C GLU A 46 -0.94 -2.72 3.89
N LEU A 47 0.08 -3.48 3.52
CA LEU A 47 1.33 -2.91 3.05
C LEU A 47 1.47 -3.07 1.54
N ASN A 48 1.29 -1.98 0.82
CA ASN A 48 1.52 -1.97 -0.62
C ASN A 48 3.02 -1.98 -0.88
N ASN A 49 3.75 -1.27 -0.04
CA ASN A 49 5.21 -1.25 -0.10
C ASN A 49 5.77 -2.40 0.72
N GLN A 50 5.91 -3.55 0.07
CA GLN A 50 6.46 -4.74 0.72
C GLN A 50 7.96 -4.62 0.87
N LYS A 51 8.63 -4.39 -0.25
CA LYS A 51 10.07 -4.18 -0.27
C LYS A 51 10.44 -3.03 -1.19
N ASP A 52 11.09 -2.04 -0.63
CA ASP A 52 11.66 -0.94 -1.41
C ASP A 52 13.18 -1.05 -1.31
N ASP A 53 13.88 0.05 -1.52
CA ASP A 53 15.31 0.07 -1.34
C ASP A 53 15.63 0.62 0.05
N PRO A 54 15.90 -0.28 1.01
CA PRO A 54 16.02 0.09 2.41
C PRO A 54 17.45 0.47 2.79
N ILE A 55 17.85 1.68 2.41
CA ILE A 55 19.18 2.18 2.70
C ILE A 55 19.24 3.67 2.35
N ASN A 56 18.09 4.32 2.44
CA ASN A 56 17.96 5.73 2.08
C ASN A 56 16.70 6.31 2.72
N TYR A 57 16.92 7.17 3.70
CA TYR A 57 15.82 7.76 4.46
C TYR A 57 16.15 9.21 4.77
N THR A 58 15.19 9.92 5.36
CA THR A 58 15.41 11.29 5.79
C THR A 58 16.47 11.33 6.86
N GLU A 59 17.47 12.20 6.69
CA GLU A 59 18.48 12.37 7.72
C GLU A 59 17.81 12.84 9.00
N SER A 60 16.72 13.60 8.85
CA SER A 60 15.91 14.03 9.97
C SER A 60 15.32 12.81 10.68
N GLU A 61 14.94 11.81 9.91
CA GLU A 61 14.37 10.59 10.50
C GLU A 61 15.49 9.70 11.04
N LEU A 62 16.65 9.78 10.41
CA LEU A 62 17.79 8.97 10.81
C LEU A 62 18.50 9.59 12.02
N LYS A 63 18.26 10.89 12.24
CA LYS A 63 18.73 11.57 13.45
C LYS A 63 17.99 11.05 14.68
N GLY A 64 16.75 10.64 14.46
CA GLY A 64 15.95 10.07 15.53
C GLY A 64 15.73 8.59 15.32
N MET A 65 16.63 7.95 14.60
CA MET A 65 16.52 6.54 14.30
C MET A 65 17.50 5.76 15.17
N ASN A 66 17.03 4.66 15.74
CA ASN A 66 17.79 3.91 16.75
C ASN A 66 18.99 3.17 16.16
N LYS A 67 19.82 2.66 17.07
CA LYS A 67 21.03 1.92 16.75
C LYS A 67 20.75 0.72 15.83
N ALA A 68 19.88 -0.18 16.28
CA ALA A 68 19.58 -1.41 15.55
C ALA A 68 18.86 -1.11 14.25
N GLU A 69 18.17 0.03 14.21
CA GLU A 69 17.46 0.45 13.02
C GLU A 69 18.45 0.73 11.89
N HIS A 70 19.43 1.59 12.17
CA HIS A 70 20.48 1.89 11.21
C HIS A 70 21.16 0.62 10.72
N GLU A 71 21.38 -0.30 11.64
CA GLU A 71 22.08 -1.54 11.32
C GLU A 71 21.25 -2.43 10.40
N SER A 72 19.99 -2.65 10.74
CA SER A 72 19.12 -3.49 9.92
C SER A 72 18.96 -2.90 8.52
N ILE A 73 18.93 -1.57 8.43
CA ILE A 73 18.89 -0.88 7.15
C ILE A 73 20.06 -1.30 6.26
N ILE A 74 21.27 -1.03 6.73
CA ILE A 74 22.45 -1.25 5.91
C ILE A 74 22.72 -2.75 5.72
N SER A 75 22.19 -3.56 6.63
CA SER A 75 22.27 -5.01 6.49
C SER A 75 21.43 -5.47 5.30
N ASN A 76 20.31 -4.79 5.06
CA ASN A 76 19.46 -5.10 3.92
C ASN A 76 20.11 -4.64 2.63
N LEU A 77 20.94 -3.60 2.74
CA LEU A 77 21.76 -3.15 1.62
C LEU A 77 22.78 -4.22 1.24
N GLY A 78 23.26 -4.95 2.24
CA GLY A 78 24.26 -5.98 2.00
C GLY A 78 25.63 -5.54 2.46
N ARG A 79 25.67 -4.54 3.32
CA ARG A 79 26.93 -4.07 3.89
C ARG A 79 26.96 -4.33 5.39
N ASN A 80 28.14 -4.34 5.97
CA ASN A 80 28.28 -4.54 7.41
C ASN A 80 28.39 -3.19 8.12
N PRO A 81 27.32 -2.79 8.83
CA PRO A 81 27.29 -1.52 9.55
C PRO A 81 27.96 -1.62 10.92
N SER A 82 28.67 -2.71 11.13
CA SER A 82 29.34 -2.96 12.39
C SER A 82 30.63 -2.15 12.50
N ASP A 83 31.21 -1.80 11.35
CA ASP A 83 32.43 -1.00 11.33
C ASP A 83 32.10 0.46 11.63
N PHE A 84 30.96 0.90 11.13
CA PHE A 84 30.50 2.26 11.34
C PHE A 84 29.82 2.34 12.70
N LYS A 85 30.48 2.98 13.64
CA LYS A 85 30.04 2.95 15.02
C LYS A 85 29.38 4.27 15.42
N ASN A 86 29.82 5.35 14.80
CA ASN A 86 29.28 6.65 15.11
C ASN A 86 28.07 6.97 14.24
N ALA A 87 27.18 7.80 14.76
CA ALA A 87 25.97 8.17 14.06
C ALA A 87 26.28 8.85 12.74
N ASP A 88 27.31 9.71 12.77
CA ASP A 88 27.74 10.43 11.58
C ASP A 88 28.05 9.49 10.43
N GLU A 89 28.82 8.44 10.72
CA GLU A 89 29.18 7.45 9.72
C GLU A 89 27.94 6.81 9.11
N ARG A 90 27.06 6.35 9.99
CA ARG A 90 25.88 5.60 9.58
C ARG A 90 24.90 6.47 8.80
N ILE A 91 24.71 7.71 9.22
CA ILE A 91 23.79 8.60 8.55
C ILE A 91 24.32 9.00 7.17
N ALA A 92 25.60 9.33 7.10
CA ALA A 92 26.23 9.74 5.85
C ALA A 92 26.18 8.63 4.82
N TYR A 93 26.46 7.40 5.25
CA TYR A 93 26.47 6.26 4.35
C TYR A 93 25.07 6.01 3.77
N ILE A 94 24.05 6.14 4.61
CA ILE A 94 22.67 5.98 4.16
C ILE A 94 22.28 7.11 3.21
N LEU A 95 22.81 8.31 3.46
CA LEU A 95 22.55 9.46 2.61
C LEU A 95 23.17 9.29 1.21
N LYS A 96 24.19 8.47 1.11
CA LYS A 96 24.79 8.17 -0.19
C LYS A 96 23.79 7.46 -1.11
N GLN A 97 22.88 6.69 -0.54
CA GLN A 97 21.91 5.95 -1.34
C GLN A 97 20.67 6.79 -1.63
N ILE A 98 20.37 7.76 -0.77
CA ILE A 98 19.29 8.69 -1.05
C ILE A 98 19.72 9.60 -2.20
N ASP A 99 21.04 9.70 -2.37
CA ASP A 99 21.65 10.41 -3.49
C ASP A 99 21.67 9.52 -4.73
N ASN A 100 21.65 8.21 -4.51
CA ASN A 100 21.66 7.25 -5.62
C ASN A 100 20.27 7.12 -6.23
N LYS A 101 19.25 7.52 -5.48
CA LYS A 101 17.91 7.64 -6.05
C LYS A 101 17.78 8.98 -6.75
N GLY A 102 18.27 9.04 -7.99
CA GLY A 102 18.27 10.29 -8.72
C GLY A 102 17.04 10.43 -9.59
N GLU A 103 16.64 9.34 -10.22
CA GLU A 103 15.49 9.36 -11.11
C GLU A 103 14.57 8.18 -10.87
N LEU A 104 13.32 8.36 -11.24
CA LEU A 104 12.33 7.30 -11.21
C LEU A 104 11.70 7.19 -12.58
N GLU A 105 11.10 8.28 -13.03
CA GLU A 105 10.53 8.34 -14.36
C GLU A 105 11.54 8.90 -15.35
N HIS A 106 12.54 8.09 -15.67
CA HIS A 106 13.52 8.43 -16.70
C HIS A 106 12.98 7.97 -18.05
N HIS A 107 11.75 7.51 -18.02
CA HIS A 107 11.09 6.96 -19.20
C HIS A 107 10.38 8.08 -19.95
N HIS A 108 10.31 7.97 -21.27
CA HIS A 108 9.63 8.97 -22.08
C HIS A 108 8.12 8.78 -21.99
N HIS A 109 7.38 9.70 -22.61
CA HIS A 109 5.91 9.72 -22.55
C HIS A 109 5.43 10.05 -21.13
N HIS A 110 6.38 10.43 -20.28
CA HIS A 110 6.09 10.84 -18.91
C HIS A 110 7.16 11.81 -18.44
N HIS A 111 7.24 12.94 -19.12
CA HIS A 111 8.27 13.93 -18.87
C HIS A 111 7.74 15.31 -19.20
N MET A 1 -0.60 0.59 4.15
CA MET A 1 -1.81 1.45 4.13
C MET A 1 -2.75 1.08 5.28
N PHE A 2 -3.01 2.04 6.15
CA PHE A 2 -3.98 1.86 7.23
C PHE A 2 -5.32 2.46 6.81
N THR A 3 -6.26 1.60 6.44
CA THR A 3 -7.51 2.07 5.91
C THR A 3 -8.67 1.75 6.85
N ALA A 4 -9.48 2.76 7.13
CA ALA A 4 -10.63 2.61 8.00
C ALA A 4 -11.92 2.81 7.21
N LYS A 5 -12.95 2.09 7.58
CA LYS A 5 -14.24 2.21 6.92
C LYS A 5 -15.35 2.30 7.95
N LEU A 6 -16.21 3.30 7.80
CA LEU A 6 -17.35 3.47 8.69
C LEU A 6 -18.34 2.32 8.48
N ILE A 7 -18.58 1.55 9.54
CA ILE A 7 -19.44 0.38 9.43
C ILE A 7 -20.76 0.59 10.16
N LYS A 8 -20.75 1.46 11.16
CA LYS A 8 -21.94 1.70 11.95
C LYS A 8 -22.35 3.18 11.91
N GLY A 9 -23.29 3.48 11.03
CA GLY A 9 -23.77 4.85 10.90
C GLY A 9 -24.20 5.16 9.48
N LYS A 10 -23.53 6.14 8.88
CA LYS A 10 -23.81 6.56 7.51
C LYS A 10 -22.80 7.61 7.10
N THR A 11 -22.76 8.70 7.87
CA THR A 11 -21.85 9.80 7.61
C THR A 11 -21.32 10.35 8.93
N TYR A 12 -20.02 10.28 9.13
CA TYR A 12 -19.40 10.78 10.34
C TYR A 12 -18.13 11.56 10.02
N ASN A 13 -18.00 12.73 10.62
CA ASN A 13 -16.85 13.59 10.40
C ASN A 13 -15.81 13.40 11.50
N VAL A 14 -14.69 12.81 11.15
CA VAL A 14 -13.57 12.70 12.08
C VAL A 14 -12.62 13.86 11.82
N MET A 15 -12.83 14.95 12.54
CA MET A 15 -12.05 16.18 12.36
C MET A 15 -12.25 16.77 10.97
N GLY A 16 -11.44 16.32 10.02
CA GLY A 16 -11.51 16.89 8.68
C GLY A 16 -11.76 15.84 7.62
N ILE A 17 -12.13 14.64 8.05
CA ILE A 17 -12.41 13.56 7.12
C ILE A 17 -13.85 13.07 7.27
N THR A 18 -14.59 13.06 6.17
CA THR A 18 -15.95 12.54 6.17
C THR A 18 -15.95 11.05 5.84
N PHE A 19 -16.25 10.23 6.85
CA PHE A 19 -16.35 8.80 6.65
C PHE A 19 -17.79 8.42 6.35
N ARG A 20 -17.98 7.62 5.31
CA ARG A 20 -19.30 7.17 4.92
C ARG A 20 -19.41 5.68 5.09
N ALA A 21 -20.60 5.22 5.50
CA ALA A 21 -20.86 3.80 5.68
C ALA A 21 -20.59 3.03 4.39
N GLY A 22 -19.59 2.15 4.43
CA GLY A 22 -19.26 1.35 3.27
C GLY A 22 -18.07 1.88 2.51
N VAL A 23 -17.63 3.08 2.87
CA VAL A 23 -16.51 3.71 2.17
C VAL A 23 -15.21 3.56 2.98
N SER A 24 -14.26 2.84 2.41
CA SER A 24 -12.95 2.67 3.03
C SER A 24 -12.04 3.86 2.67
N GLN A 25 -11.32 4.36 3.66
CA GLN A 25 -10.44 5.51 3.46
C GLN A 25 -9.16 5.33 4.25
N THR A 26 -8.02 5.49 3.58
CA THR A 26 -6.73 5.38 4.23
C THR A 26 -6.48 6.60 5.13
N VAL A 27 -6.15 6.35 6.38
CA VAL A 27 -5.97 7.41 7.36
C VAL A 27 -4.54 7.41 7.90
N PRO A 28 -4.11 8.51 8.53
CA PRO A 28 -2.86 8.55 9.28
C PRO A 28 -2.94 7.69 10.54
N LYS A 29 -1.81 7.23 11.03
CA LYS A 29 -1.81 6.31 12.18
C LYS A 29 -2.36 6.99 13.43
N LYS A 30 -2.30 8.31 13.47
CA LYS A 30 -2.96 9.09 14.53
C LYS A 30 -4.44 8.74 14.59
N LEU A 31 -5.05 8.61 13.42
CA LEU A 31 -6.46 8.30 13.33
C LEU A 31 -6.69 6.80 13.44
N TYR A 32 -5.67 6.02 13.13
CA TYR A 32 -5.78 4.58 13.25
C TYR A 32 -6.00 4.20 14.71
N GLU A 33 -5.18 4.78 15.59
CA GLU A 33 -5.34 4.57 17.03
C GLU A 33 -6.62 5.26 17.53
N TYR A 34 -6.90 6.42 16.96
CA TYR A 34 -8.07 7.21 17.35
C TYR A 34 -9.36 6.45 17.03
N LEU A 35 -9.39 5.78 15.89
CA LEU A 35 -10.56 5.00 15.50
C LEU A 35 -10.51 3.61 16.10
N ASN A 36 -9.35 3.24 16.65
CA ASN A 36 -9.25 2.01 17.43
C ASN A 36 -10.05 2.17 18.72
N GLU A 37 -10.05 3.40 19.23
CA GLU A 37 -10.85 3.76 20.40
C GLU A 37 -12.33 3.84 20.06
N ASN A 38 -12.63 3.91 18.77
CA ASN A 38 -14.01 4.02 18.28
C ASN A 38 -14.34 2.86 17.35
N PRO A 39 -14.78 1.73 17.93
CA PRO A 39 -14.93 0.46 17.20
C PRO A 39 -16.09 0.43 16.19
N TYR A 40 -16.67 1.57 15.86
CA TYR A 40 -17.71 1.60 14.85
C TYR A 40 -17.12 1.85 13.46
N PHE A 41 -15.80 1.67 13.37
CA PHE A 41 -15.10 1.62 12.11
C PHE A 41 -14.45 0.26 11.96
N ILE A 42 -14.33 -0.23 10.74
CA ILE A 42 -13.54 -1.42 10.51
C ILE A 42 -12.16 -1.00 10.04
N LEU A 43 -11.15 -1.56 10.67
CA LEU A 43 -9.78 -1.18 10.40
C LEU A 43 -9.07 -2.28 9.63
N THR A 44 -8.69 -1.98 8.41
CA THR A 44 -8.08 -2.96 7.53
C THR A 44 -6.75 -2.44 6.99
N GLN A 45 -5.70 -3.22 7.17
CA GLN A 45 -4.39 -2.86 6.65
C GLN A 45 -4.22 -3.40 5.26
N GLU A 46 -3.90 -2.52 4.33
CA GLU A 46 -3.65 -2.90 2.95
C GLU A 46 -2.15 -2.93 2.71
N LEU A 47 -1.63 -4.10 2.39
CA LEU A 47 -0.20 -4.29 2.25
C LEU A 47 0.17 -4.75 0.85
N ASN A 48 0.62 -3.80 0.03
CA ASN A 48 1.18 -4.06 -1.30
C ASN A 48 0.10 -4.43 -2.32
N ASN A 49 0.35 -4.03 -3.56
CA ASN A 49 -0.55 -4.33 -4.68
C ASN A 49 0.21 -5.09 -5.76
N GLN A 50 1.53 -4.95 -5.74
CA GLN A 50 2.37 -5.48 -6.80
C GLN A 50 2.87 -6.88 -6.48
N LYS A 51 2.34 -7.88 -7.17
CA LYS A 51 2.91 -9.21 -7.11
C LYS A 51 3.32 -9.65 -8.52
N ASP A 52 4.19 -8.88 -9.14
CA ASP A 52 4.86 -9.30 -10.36
C ASP A 52 6.18 -9.93 -9.96
N ASP A 53 6.25 -10.24 -8.66
CA ASP A 53 7.46 -10.71 -8.01
C ASP A 53 8.52 -9.62 -8.04
N PRO A 54 8.41 -8.66 -7.11
CA PRO A 54 9.24 -7.45 -7.08
C PRO A 54 10.65 -7.69 -6.56
N ILE A 55 11.20 -8.83 -6.91
CA ILE A 55 12.55 -9.20 -6.52
C ILE A 55 13.18 -9.99 -7.67
N ASN A 56 12.64 -9.74 -8.85
CA ASN A 56 13.01 -10.49 -10.06
C ASN A 56 13.00 -9.56 -11.27
N TYR A 57 14.15 -9.01 -11.60
CA TYR A 57 14.28 -8.09 -12.72
C TYR A 57 15.58 -8.34 -13.47
N THR A 58 15.63 -7.86 -14.70
CA THR A 58 16.86 -7.92 -15.48
C THR A 58 17.92 -7.04 -14.83
N GLU A 59 19.10 -7.61 -14.58
CA GLU A 59 20.19 -6.84 -14.01
C GLU A 59 20.63 -5.77 -15.00
N SER A 60 20.41 -6.06 -16.28
CA SER A 60 20.69 -5.11 -17.32
C SER A 60 19.71 -3.95 -17.23
N GLU A 61 18.50 -4.23 -16.74
CA GLU A 61 17.50 -3.18 -16.55
C GLU A 61 17.75 -2.44 -15.24
N LEU A 62 18.03 -3.20 -14.18
CA LEU A 62 18.29 -2.64 -12.86
C LEU A 62 19.62 -1.87 -12.82
N LYS A 63 20.42 -2.06 -13.86
CA LYS A 63 21.72 -1.41 -13.94
C LYS A 63 21.56 0.10 -14.11
N GLY A 64 20.78 0.49 -15.11
CA GLY A 64 20.53 1.91 -15.34
C GLY A 64 19.26 2.37 -14.67
N MET A 65 19.19 2.19 -13.36
CA MET A 65 18.01 2.54 -12.59
C MET A 65 18.31 3.59 -11.53
N ASN A 66 17.35 3.79 -10.67
CA ASN A 66 17.43 4.75 -9.58
C ASN A 66 17.78 4.01 -8.28
N LYS A 67 17.63 4.67 -7.14
CA LYS A 67 17.86 4.02 -5.86
C LYS A 67 16.53 3.63 -5.22
N ALA A 68 15.51 4.48 -5.40
CA ALA A 68 14.25 4.37 -4.69
C ALA A 68 13.51 3.07 -4.99
N GLU A 69 13.56 2.60 -6.24
CA GLU A 69 12.82 1.42 -6.60
C GLU A 69 13.48 0.17 -6.02
N HIS A 70 14.81 0.14 -6.05
CA HIS A 70 15.57 -0.92 -5.37
C HIS A 70 15.21 -0.98 -3.90
N GLU A 71 15.09 0.18 -3.27
CA GLU A 71 14.72 0.25 -1.86
C GLU A 71 13.35 -0.37 -1.64
N SER A 72 12.40 -0.01 -2.49
CA SER A 72 11.04 -0.56 -2.41
C SER A 72 11.03 -2.04 -2.77
N ILE A 73 11.95 -2.43 -3.66
CA ILE A 73 12.08 -3.83 -4.08
C ILE A 73 12.35 -4.76 -2.90
N ILE A 74 13.42 -4.49 -2.17
CA ILE A 74 13.87 -5.42 -1.14
C ILE A 74 13.16 -5.17 0.19
N SER A 75 12.47 -4.04 0.31
CA SER A 75 11.64 -3.80 1.48
C SER A 75 10.31 -4.53 1.30
N ASN A 76 9.84 -4.58 0.06
CA ASN A 76 8.65 -5.34 -0.29
C ASN A 76 8.90 -6.82 -0.06
N LEU A 77 10.15 -7.22 -0.31
CA LEU A 77 10.60 -8.58 -0.05
C LEU A 77 10.54 -8.92 1.43
N GLY A 78 10.61 -7.88 2.27
CA GLY A 78 10.61 -8.08 3.69
C GLY A 78 12.01 -8.20 4.26
N ARG A 79 13.00 -7.87 3.44
CA ARG A 79 14.40 -7.96 3.85
C ARG A 79 14.88 -6.62 4.41
N ASN A 80 14.40 -5.53 3.82
CA ASN A 80 14.78 -4.17 4.22
C ASN A 80 16.23 -3.86 3.82
N PRO A 81 16.41 -2.99 2.81
CA PRO A 81 17.74 -2.64 2.31
C PRO A 81 18.52 -1.71 3.24
N SER A 82 18.85 -2.19 4.43
CA SER A 82 19.61 -1.40 5.38
C SER A 82 21.10 -1.65 5.22
N ASP A 83 21.46 -2.85 4.78
CA ASP A 83 22.86 -3.23 4.63
C ASP A 83 23.43 -2.73 3.30
N PHE A 84 22.54 -2.52 2.35
CA PHE A 84 22.94 -2.19 0.99
C PHE A 84 23.24 -0.71 0.85
N LYS A 85 24.42 -0.42 0.33
CA LYS A 85 24.90 0.95 0.21
C LYS A 85 24.90 1.36 -1.25
N ASN A 86 25.62 0.58 -2.05
CA ASN A 86 25.76 0.84 -3.48
C ASN A 86 24.65 0.12 -4.23
N ALA A 87 24.30 0.63 -5.41
CA ALA A 87 23.27 0.02 -6.25
C ALA A 87 23.69 -1.40 -6.64
N ASP A 88 25.00 -1.60 -6.77
CA ASP A 88 25.57 -2.91 -7.10
C ASP A 88 25.08 -3.98 -6.15
N GLU A 89 25.26 -3.75 -4.85
CA GLU A 89 24.85 -4.70 -3.82
C GLU A 89 23.37 -5.02 -3.94
N ARG A 90 22.59 -4.00 -4.29
CA ARG A 90 21.15 -4.13 -4.41
C ARG A 90 20.79 -5.01 -5.61
N ILE A 91 21.46 -4.77 -6.73
CA ILE A 91 21.20 -5.54 -7.96
C ILE A 91 21.62 -6.99 -7.76
N ALA A 92 22.78 -7.20 -7.14
CA ALA A 92 23.32 -8.53 -6.91
C ALA A 92 22.38 -9.35 -6.02
N TYR A 93 21.74 -8.70 -5.06
CA TYR A 93 20.83 -9.39 -4.16
C TYR A 93 19.56 -9.77 -4.89
N ILE A 94 19.05 -8.84 -5.69
CA ILE A 94 17.85 -9.09 -6.49
C ILE A 94 18.08 -10.27 -7.44
N LEU A 95 19.26 -10.30 -8.06
CA LEU A 95 19.66 -11.42 -8.90
C LEU A 95 19.64 -12.74 -8.13
N LYS A 96 20.07 -12.67 -6.87
CA LYS A 96 20.21 -13.87 -6.05
C LYS A 96 18.84 -14.48 -5.73
N GLN A 97 17.81 -13.64 -5.69
CA GLN A 97 16.46 -14.13 -5.42
C GLN A 97 15.82 -14.66 -6.69
N ILE A 98 16.35 -14.24 -7.83
CA ILE A 98 15.95 -14.82 -9.11
C ILE A 98 16.43 -16.27 -9.17
N ASP A 99 17.66 -16.47 -8.70
CA ASP A 99 18.23 -17.80 -8.58
C ASP A 99 17.42 -18.65 -7.59
N ASN A 100 17.00 -18.02 -6.49
CA ASN A 100 16.26 -18.73 -5.45
C ASN A 100 14.75 -18.67 -5.69
N LYS A 101 14.35 -18.34 -6.91
CA LYS A 101 12.93 -18.29 -7.24
C LYS A 101 12.43 -19.69 -7.57
N GLY A 102 12.15 -20.46 -6.52
CA GLY A 102 11.76 -21.85 -6.68
C GLY A 102 10.30 -22.00 -7.08
N GLU A 103 9.96 -21.45 -8.23
CA GLU A 103 8.60 -21.58 -8.76
C GLU A 103 8.56 -22.72 -9.78
N LEU A 104 9.53 -23.61 -9.68
CA LEU A 104 9.66 -24.73 -10.60
C LEU A 104 8.77 -25.89 -10.16
N GLU A 105 7.47 -25.76 -10.40
CA GLU A 105 6.53 -26.82 -10.07
C GLU A 105 6.45 -27.82 -11.21
N HIS A 106 7.24 -28.89 -11.09
CA HIS A 106 7.31 -29.95 -12.11
C HIS A 106 7.56 -29.34 -13.48
N HIS A 107 8.68 -28.62 -13.59
CA HIS A 107 9.04 -27.86 -14.80
C HIS A 107 8.12 -26.65 -14.96
N HIS A 108 8.68 -25.47 -14.76
CA HIS A 108 7.90 -24.24 -14.78
C HIS A 108 7.68 -23.76 -16.22
N HIS A 109 6.56 -24.17 -16.80
CA HIS A 109 6.22 -23.82 -18.18
C HIS A 109 4.76 -24.12 -18.48
N HIS A 110 4.17 -25.02 -17.68
CA HIS A 110 2.75 -25.38 -17.78
C HIS A 110 2.49 -26.33 -18.96
N HIS A 111 2.18 -27.57 -18.63
CA HIS A 111 1.77 -28.55 -19.63
C HIS A 111 0.43 -29.16 -19.25
N MET A 1 -0.05 4.07 6.17
CA MET A 1 -1.36 4.01 5.48
C MET A 1 -2.19 2.85 6.03
N PHE A 2 -3.40 3.16 6.48
CA PHE A 2 -4.33 2.15 6.97
C PHE A 2 -5.70 2.44 6.39
N THR A 3 -6.53 1.42 6.24
CA THR A 3 -7.84 1.62 5.66
C THR A 3 -8.93 1.58 6.74
N ALA A 4 -9.68 2.65 6.83
CA ALA A 4 -10.80 2.72 7.77
C ALA A 4 -12.10 2.89 7.00
N LYS A 5 -13.10 2.11 7.37
CA LYS A 5 -14.41 2.18 6.74
C LYS A 5 -15.50 2.22 7.80
N LEU A 6 -16.45 3.13 7.64
CA LEU A 6 -17.60 3.20 8.53
C LEU A 6 -18.47 1.96 8.37
N ILE A 7 -18.72 1.27 9.47
CA ILE A 7 -19.55 0.08 9.43
C ILE A 7 -20.88 0.32 10.15
N LYS A 8 -20.92 1.38 10.94
CA LYS A 8 -22.12 1.75 11.67
C LYS A 8 -22.46 3.21 11.45
N GLY A 9 -23.72 3.49 11.19
CA GLY A 9 -24.16 4.87 11.04
C GLY A 9 -24.48 5.25 9.62
N LYS A 10 -23.83 6.30 9.14
CA LYS A 10 -24.15 6.90 7.85
C LYS A 10 -22.98 7.75 7.37
N THR A 11 -22.63 8.76 8.17
CA THR A 11 -21.57 9.68 7.81
C THR A 11 -20.93 10.27 9.08
N TYR A 12 -19.65 10.05 9.25
CA TYR A 12 -18.94 10.52 10.43
C TYR A 12 -17.63 11.19 10.02
N ASN A 13 -17.43 12.42 10.46
CA ASN A 13 -16.23 13.17 10.14
C ASN A 13 -15.22 13.08 11.26
N VAL A 14 -14.06 12.50 10.98
CA VAL A 14 -13.03 12.32 11.99
C VAL A 14 -11.82 13.20 11.69
N MET A 15 -11.68 14.27 12.47
CA MET A 15 -10.51 15.16 12.41
C MET A 15 -10.49 16.00 11.13
N GLY A 16 -11.49 15.80 10.28
CA GLY A 16 -11.53 16.50 9.03
C GLY A 16 -11.84 15.56 7.88
N ILE A 17 -11.45 14.31 8.03
CA ILE A 17 -11.72 13.30 7.01
C ILE A 17 -13.14 12.76 7.20
N THR A 18 -13.96 12.93 6.18
CA THR A 18 -15.35 12.53 6.24
C THR A 18 -15.53 11.08 5.77
N PHE A 19 -15.93 10.22 6.69
CA PHE A 19 -16.19 8.82 6.37
C PHE A 19 -17.68 8.60 6.21
N ARG A 20 -18.05 7.75 5.27
CA ARG A 20 -19.43 7.35 5.10
C ARG A 20 -19.54 5.85 5.18
N ALA A 21 -20.60 5.36 5.79
CA ALA A 21 -20.81 3.92 5.94
C ALA A 21 -20.72 3.20 4.59
N GLY A 22 -19.69 2.37 4.45
CA GLY A 22 -19.49 1.64 3.22
C GLY A 22 -18.26 2.10 2.45
N VAL A 23 -17.71 3.25 2.82
CA VAL A 23 -16.57 3.81 2.11
C VAL A 23 -15.27 3.63 2.90
N SER A 24 -14.38 2.80 2.38
CA SER A 24 -13.05 2.63 2.94
C SER A 24 -12.13 3.76 2.50
N GLN A 25 -11.33 4.30 3.42
CA GLN A 25 -10.39 5.38 3.12
C GLN A 25 -9.09 5.18 3.87
N THR A 26 -8.00 5.69 3.30
CA THR A 26 -6.68 5.57 3.92
C THR A 26 -6.46 6.66 4.97
N VAL A 27 -6.15 6.25 6.18
CA VAL A 27 -6.00 7.18 7.31
C VAL A 27 -4.58 7.17 7.88
N PRO A 28 -4.17 8.29 8.50
CA PRO A 28 -2.87 8.42 9.18
C PRO A 28 -2.81 7.66 10.51
N LYS A 29 -1.61 7.64 11.08
CA LYS A 29 -1.34 7.07 12.40
C LYS A 29 -2.34 7.56 13.45
N LYS A 30 -2.56 8.87 13.47
CA LYS A 30 -3.48 9.50 14.42
C LYS A 30 -4.89 8.92 14.33
N LEU A 31 -5.45 8.91 13.13
CA LEU A 31 -6.83 8.47 12.94
C LEU A 31 -6.97 6.98 13.20
N TYR A 32 -5.93 6.22 12.86
CA TYR A 32 -5.94 4.78 13.08
C TYR A 32 -6.12 4.46 14.56
N GLU A 33 -5.45 5.22 15.41
CA GLU A 33 -5.54 5.03 16.86
C GLU A 33 -6.83 5.66 17.40
N TYR A 34 -7.17 6.82 16.85
CA TYR A 34 -8.37 7.54 17.26
C TYR A 34 -9.61 6.70 17.01
N LEU A 35 -9.63 6.01 15.87
CA LEU A 35 -10.74 5.14 15.52
C LEU A 35 -10.57 3.76 16.16
N ASN A 36 -9.36 3.43 16.56
CA ASN A 36 -9.09 2.19 17.26
C ASN A 36 -9.85 2.18 18.59
N GLU A 37 -10.01 3.37 19.17
CA GLU A 37 -10.77 3.51 20.40
C GLU A 37 -12.27 3.67 20.12
N ASN A 38 -12.67 3.60 18.87
CA ASN A 38 -14.08 3.75 18.50
C ASN A 38 -14.52 2.63 17.56
N PRO A 39 -15.10 1.55 18.13
CA PRO A 39 -15.38 0.30 17.40
C PRO A 39 -16.61 0.35 16.49
N TYR A 40 -16.89 1.49 15.88
CA TYR A 40 -17.95 1.56 14.87
C TYR A 40 -17.36 1.83 13.50
N PHE A 41 -16.03 1.76 13.42
CA PHE A 41 -15.33 1.74 12.16
C PHE A 41 -14.63 0.40 12.03
N ILE A 42 -14.49 -0.10 10.82
CA ILE A 42 -13.65 -1.27 10.60
C ILE A 42 -12.27 -0.82 10.15
N LEU A 43 -11.27 -1.23 10.91
CA LEU A 43 -9.89 -0.86 10.63
C LEU A 43 -9.15 -2.03 10.04
N THR A 44 -8.73 -1.90 8.80
CA THR A 44 -8.04 -2.96 8.11
C THR A 44 -6.72 -2.46 7.55
N GLN A 45 -5.64 -3.11 7.93
CA GLN A 45 -4.32 -2.78 7.43
C GLN A 45 -4.03 -3.58 6.17
N GLU A 46 -4.11 -2.93 5.03
CA GLU A 46 -3.91 -3.57 3.76
C GLU A 46 -2.55 -3.20 3.18
N LEU A 47 -1.81 -4.21 2.76
CA LEU A 47 -0.43 -4.02 2.31
C LEU A 47 -0.39 -3.40 0.92
N ASN A 48 0.12 -2.16 0.86
CA ASN A 48 0.37 -1.46 -0.40
C ASN A 48 -0.93 -1.09 -1.11
N ASN A 49 -2.04 -1.17 -0.40
CA ASN A 49 -3.34 -0.84 -0.99
C ASN A 49 -3.66 0.63 -0.76
N GLN A 50 -4.38 1.21 -1.71
CA GLN A 50 -4.72 2.62 -1.66
C GLN A 50 -6.20 2.80 -1.96
N LYS A 51 -6.58 3.92 -2.56
CA LYS A 51 -7.97 4.13 -2.91
C LYS A 51 -8.29 3.42 -4.23
N ASP A 52 -8.43 2.11 -4.15
CA ASP A 52 -8.80 1.30 -5.29
C ASP A 52 -10.32 1.31 -5.44
N ASP A 53 -10.81 2.20 -6.29
CA ASP A 53 -12.25 2.38 -6.50
C ASP A 53 -12.87 1.13 -7.14
N PRO A 54 -13.76 0.44 -6.41
CA PRO A 54 -14.47 -0.73 -6.92
C PRO A 54 -15.65 -0.34 -7.82
N ILE A 55 -16.05 -1.29 -8.68
CA ILE A 55 -17.20 -1.14 -9.60
C ILE A 55 -17.09 0.13 -10.47
N ASN A 56 -15.86 0.57 -10.68
CA ASN A 56 -15.60 1.77 -11.48
C ASN A 56 -14.27 1.64 -12.21
N TYR A 57 -14.32 1.08 -13.40
CA TYR A 57 -13.12 0.86 -14.20
C TYR A 57 -13.43 1.09 -15.68
N THR A 58 -12.41 1.49 -16.44
CA THR A 58 -12.54 1.64 -17.87
C THR A 58 -12.95 0.33 -18.51
N GLU A 59 -13.96 0.38 -19.35
CA GLU A 59 -14.46 -0.83 -19.99
C GLU A 59 -13.37 -1.45 -20.86
N SER A 60 -12.56 -0.60 -21.48
CA SER A 60 -11.42 -1.07 -22.23
C SER A 60 -10.39 -1.69 -21.29
N GLU A 61 -10.33 -1.22 -20.05
CA GLU A 61 -9.43 -1.82 -19.07
C GLU A 61 -9.96 -3.18 -18.66
N LEU A 62 -11.28 -3.25 -18.48
CA LEU A 62 -11.94 -4.48 -18.07
C LEU A 62 -12.02 -5.50 -19.21
N LYS A 63 -11.77 -5.02 -20.43
CA LYS A 63 -11.76 -5.89 -21.60
C LYS A 63 -10.61 -6.91 -21.51
N GLY A 64 -9.42 -6.43 -21.17
CA GLY A 64 -8.26 -7.29 -21.07
C GLY A 64 -8.02 -7.76 -19.65
N MET A 65 -9.05 -8.34 -19.05
CA MET A 65 -8.95 -8.88 -17.69
C MET A 65 -9.65 -10.22 -17.61
N ASN A 66 -9.35 -10.99 -16.59
CA ASN A 66 -10.02 -12.27 -16.37
C ASN A 66 -11.19 -12.08 -15.41
N LYS A 67 -12.05 -13.10 -15.29
CA LYS A 67 -13.31 -12.94 -14.59
C LYS A 67 -13.14 -12.87 -13.06
N ALA A 68 -12.08 -13.49 -12.54
CA ALA A 68 -11.85 -13.57 -11.10
C ALA A 68 -11.96 -12.20 -10.43
N GLU A 69 -11.27 -11.21 -10.98
CA GLU A 69 -11.33 -9.85 -10.46
C GLU A 69 -12.77 -9.35 -10.47
N HIS A 70 -13.43 -9.45 -11.61
CA HIS A 70 -14.84 -9.05 -11.75
C HIS A 70 -15.69 -9.65 -10.64
N GLU A 71 -15.42 -10.90 -10.31
CA GLU A 71 -16.23 -11.62 -9.34
C GLU A 71 -16.08 -11.00 -7.95
N SER A 72 -14.86 -10.70 -7.54
CA SER A 72 -14.61 -10.14 -6.22
C SER A 72 -15.06 -8.66 -6.17
N ILE A 73 -14.84 -7.94 -7.26
CA ILE A 73 -15.25 -6.55 -7.37
C ILE A 73 -16.75 -6.39 -7.07
N ILE A 74 -17.57 -7.05 -7.87
CA ILE A 74 -19.00 -6.87 -7.78
C ILE A 74 -19.57 -7.60 -6.56
N SER A 75 -18.84 -8.61 -6.08
CA SER A 75 -19.24 -9.31 -4.87
C SER A 75 -19.19 -8.36 -3.68
N ASN A 76 -18.25 -7.42 -3.72
CA ASN A 76 -18.18 -6.38 -2.71
C ASN A 76 -19.30 -5.37 -2.90
N LEU A 77 -19.62 -5.08 -4.16
CA LEU A 77 -20.75 -4.22 -4.47
C LEU A 77 -22.04 -4.80 -3.90
N GLY A 78 -22.18 -6.12 -3.97
CA GLY A 78 -23.35 -6.78 -3.41
C GLY A 78 -23.76 -8.00 -4.21
N ARG A 79 -23.74 -7.87 -5.52
CA ARG A 79 -24.13 -8.97 -6.40
C ARG A 79 -22.90 -9.67 -6.98
N ASN A 80 -22.62 -10.86 -6.49
CA ASN A 80 -21.56 -11.67 -7.06
C ASN A 80 -21.98 -12.15 -8.44
N PRO A 81 -21.17 -11.86 -9.47
CA PRO A 81 -21.55 -12.12 -10.87
C PRO A 81 -21.62 -13.60 -11.22
N SER A 82 -22.67 -14.27 -10.75
CA SER A 82 -22.97 -15.63 -11.14
C SER A 82 -24.12 -15.64 -12.13
N ASP A 83 -24.89 -14.56 -12.13
CA ASP A 83 -25.99 -14.38 -13.08
C ASP A 83 -25.47 -13.72 -14.35
N PHE A 84 -24.15 -13.59 -14.44
CA PHE A 84 -23.49 -13.11 -15.63
C PHE A 84 -22.57 -14.20 -16.14
N LYS A 85 -22.76 -14.61 -17.38
CA LYS A 85 -22.03 -15.75 -17.91
C LYS A 85 -20.69 -15.31 -18.49
N ASN A 86 -20.73 -14.41 -19.47
CA ASN A 86 -19.51 -13.96 -20.13
C ASN A 86 -18.95 -12.71 -19.47
N ALA A 87 -17.84 -12.22 -20.01
CA ALA A 87 -17.15 -11.08 -19.44
C ALA A 87 -17.89 -9.77 -19.72
N ASP A 88 -18.49 -9.67 -20.91
CA ASP A 88 -19.16 -8.44 -21.31
C ASP A 88 -20.35 -8.13 -20.43
N GLU A 89 -21.08 -9.17 -20.03
CA GLU A 89 -22.20 -9.00 -19.09
C GLU A 89 -21.70 -8.37 -17.79
N ARG A 90 -20.53 -8.80 -17.35
CA ARG A 90 -19.94 -8.28 -16.14
C ARG A 90 -19.47 -6.85 -16.34
N ILE A 91 -18.90 -6.56 -17.49
CA ILE A 91 -18.43 -5.21 -17.82
C ILE A 91 -19.62 -4.25 -17.87
N ALA A 92 -20.72 -4.71 -18.46
CA ALA A 92 -21.93 -3.92 -18.56
C ALA A 92 -22.47 -3.56 -17.17
N TYR A 93 -22.49 -4.54 -16.28
CA TYR A 93 -22.98 -4.32 -14.92
C TYR A 93 -22.09 -3.32 -14.20
N ILE A 94 -20.79 -3.40 -14.42
CA ILE A 94 -19.85 -2.47 -13.83
C ILE A 94 -20.09 -1.06 -14.39
N LEU A 95 -20.20 -0.95 -15.71
CA LEU A 95 -20.47 0.32 -16.37
C LEU A 95 -21.79 0.93 -15.92
N LYS A 96 -22.77 0.08 -15.68
CA LYS A 96 -24.11 0.52 -15.33
C LYS A 96 -24.12 1.27 -14.01
N GLN A 97 -23.23 0.90 -13.09
CA GLN A 97 -23.11 1.59 -11.81
C GLN A 97 -22.35 2.89 -11.98
N ILE A 98 -21.45 2.93 -12.96
CA ILE A 98 -20.73 4.16 -13.28
C ILE A 98 -21.69 5.19 -13.86
N ASP A 99 -22.60 4.71 -14.71
CA ASP A 99 -23.61 5.56 -15.30
C ASP A 99 -24.64 5.97 -14.25
N ASN A 100 -25.28 4.98 -13.64
CA ASN A 100 -26.28 5.24 -12.61
C ASN A 100 -25.62 5.37 -11.25
N LYS A 101 -24.96 6.51 -11.04
CA LYS A 101 -24.25 6.76 -9.80
C LYS A 101 -25.12 7.49 -8.79
N GLY A 102 -25.45 8.75 -9.09
CA GLY A 102 -26.24 9.55 -8.17
C GLY A 102 -25.37 10.24 -7.13
N GLU A 103 -24.40 9.50 -6.61
CA GLU A 103 -23.43 10.04 -5.66
C GLU A 103 -22.44 10.94 -6.39
N LEU A 104 -22.36 12.20 -5.97
CA LEU A 104 -21.42 13.13 -6.57
C LEU A 104 -20.05 13.01 -5.91
N GLU A 105 -19.10 12.50 -6.67
CA GLU A 105 -17.72 12.40 -6.21
C GLU A 105 -17.05 13.78 -6.31
N HIS A 106 -16.42 14.20 -5.23
CA HIS A 106 -15.75 15.50 -5.18
C HIS A 106 -14.44 15.38 -4.40
N HIS A 107 -13.90 14.18 -4.35
CA HIS A 107 -12.58 13.95 -3.76
C HIS A 107 -11.54 13.90 -4.88
N HIS A 108 -11.89 14.53 -6.00
CA HIS A 108 -11.08 14.49 -7.23
C HIS A 108 -9.73 15.18 -7.06
N HIS A 109 -9.62 16.05 -6.06
CA HIS A 109 -8.39 16.79 -5.79
C HIS A 109 -7.23 15.84 -5.48
N HIS A 110 -7.54 14.58 -5.22
CA HIS A 110 -6.51 13.58 -5.00
C HIS A 110 -6.85 12.30 -5.75
N HIS A 111 -7.58 12.44 -6.83
CA HIS A 111 -8.00 11.28 -7.61
C HIS A 111 -8.21 11.68 -9.06
N MET A 1 -0.93 0.36 3.36
CA MET A 1 -1.21 1.44 4.34
C MET A 1 -2.52 1.17 5.08
N PHE A 2 -2.92 2.10 5.95
CA PHE A 2 -4.08 1.90 6.79
C PHE A 2 -5.35 2.43 6.13
N THR A 3 -6.43 1.65 6.19
CA THR A 3 -7.71 2.08 5.66
C THR A 3 -8.78 1.95 6.74
N ALA A 4 -9.67 2.93 6.80
CA ALA A 4 -10.75 2.92 7.79
C ALA A 4 -12.08 3.25 7.14
N LYS A 5 -13.12 2.51 7.48
CA LYS A 5 -14.45 2.78 6.96
C LYS A 5 -15.48 2.77 8.07
N LEU A 6 -16.47 3.65 7.95
CA LEU A 6 -17.54 3.76 8.94
C LEU A 6 -18.45 2.55 8.84
N ILE A 7 -18.91 2.04 9.97
CA ILE A 7 -19.81 0.89 9.98
C ILE A 7 -21.11 1.20 10.71
N LYS A 8 -21.03 1.86 11.86
CA LYS A 8 -22.22 2.21 12.63
C LYS A 8 -22.67 3.62 12.29
N GLY A 9 -23.59 3.73 11.35
CA GLY A 9 -24.09 5.02 10.95
C GLY A 9 -24.36 5.10 9.46
N LYS A 10 -23.62 5.97 8.78
CA LYS A 10 -23.79 6.18 7.35
C LYS A 10 -22.77 7.21 6.88
N THR A 11 -22.78 8.37 7.51
CA THR A 11 -21.83 9.41 7.20
C THR A 11 -21.37 10.12 8.49
N TYR A 12 -20.10 9.99 8.82
CA TYR A 12 -19.56 10.58 10.05
C TYR A 12 -18.22 11.26 9.76
N ASN A 13 -18.05 12.47 10.26
CA ASN A 13 -16.85 13.24 9.99
C ASN A 13 -15.90 13.22 11.18
N VAL A 14 -14.68 12.73 10.95
CA VAL A 14 -13.67 12.69 12.00
C VAL A 14 -12.59 13.71 11.74
N MET A 15 -12.60 14.79 12.52
CA MET A 15 -11.63 15.89 12.41
C MET A 15 -11.80 16.60 11.07
N GLY A 16 -11.14 16.08 10.05
CA GLY A 16 -11.22 16.66 8.72
C GLY A 16 -11.39 15.61 7.65
N ILE A 17 -11.61 14.37 8.08
CA ILE A 17 -11.81 13.27 7.15
C ILE A 17 -13.20 12.68 7.37
N THR A 18 -14.07 12.84 6.38
CA THR A 18 -15.41 12.32 6.49
C THR A 18 -15.50 10.88 5.98
N PHE A 19 -15.96 10.00 6.85
CA PHE A 19 -16.09 8.59 6.52
C PHE A 19 -17.55 8.24 6.24
N ARG A 20 -17.76 7.34 5.29
CA ARG A 20 -19.09 6.86 4.98
C ARG A 20 -19.15 5.35 5.19
N ALA A 21 -20.30 4.86 5.64
CA ALA A 21 -20.48 3.43 5.86
C ALA A 21 -20.19 2.63 4.60
N GLY A 22 -19.16 1.79 4.66
CA GLY A 22 -18.81 0.96 3.53
C GLY A 22 -17.69 1.55 2.69
N VAL A 23 -17.44 2.83 2.88
CA VAL A 23 -16.43 3.53 2.10
C VAL A 23 -15.16 3.74 2.93
N SER A 24 -14.10 3.04 2.56
CA SER A 24 -12.84 3.14 3.27
C SER A 24 -12.01 4.35 2.81
N GLN A 25 -11.45 5.04 3.78
CA GLN A 25 -10.53 6.14 3.52
C GLN A 25 -9.14 5.77 4.02
N THR A 26 -8.11 6.29 3.36
CA THR A 26 -6.74 6.06 3.79
C THR A 26 -6.38 7.02 4.91
N VAL A 27 -6.04 6.49 6.08
CA VAL A 27 -5.82 7.31 7.25
C VAL A 27 -4.39 7.15 7.79
N PRO A 28 -3.88 8.20 8.45
CA PRO A 28 -2.56 8.16 9.10
C PRO A 28 -2.57 7.28 10.35
N LYS A 29 -1.39 7.15 10.97
CA LYS A 29 -1.23 6.31 12.15
C LYS A 29 -2.14 6.77 13.30
N LYS A 30 -2.27 8.09 13.46
CA LYS A 30 -3.09 8.65 14.52
C LYS A 30 -4.54 8.20 14.39
N LEU A 31 -5.11 8.40 13.20
CA LEU A 31 -6.51 8.11 12.98
C LEU A 31 -6.78 6.61 13.04
N TYR A 32 -5.79 5.80 12.68
CA TYR A 32 -5.92 4.35 12.76
C TYR A 32 -6.19 3.92 14.19
N GLU A 33 -5.34 4.36 15.11
CA GLU A 33 -5.50 4.02 16.53
C GLU A 33 -6.66 4.79 17.14
N TYR A 34 -6.90 6.00 16.65
CA TYR A 34 -8.00 6.83 17.13
C TYR A 34 -9.33 6.14 16.89
N LEU A 35 -9.54 5.69 15.66
CA LEU A 35 -10.79 5.04 15.29
C LEU A 35 -10.79 3.58 15.71
N ASN A 36 -9.61 3.05 16.01
CA ASN A 36 -9.48 1.69 16.51
C ASN A 36 -10.05 1.63 17.94
N GLU A 37 -9.96 2.74 18.65
CA GLU A 37 -10.50 2.87 19.99
C GLU A 37 -12.00 3.16 19.94
N ASN A 38 -12.46 3.68 18.80
CA ASN A 38 -13.87 3.99 18.62
C ASN A 38 -14.59 2.84 17.94
N PRO A 39 -15.48 2.16 18.68
CA PRO A 39 -16.09 0.89 18.25
C PRO A 39 -17.16 1.02 17.17
N TYR A 40 -17.07 2.04 16.32
CA TYR A 40 -18.02 2.21 15.24
C TYR A 40 -17.32 2.40 13.90
N PHE A 41 -16.06 2.00 13.85
CA PHE A 41 -15.28 2.03 12.63
C PHE A 41 -14.58 0.69 12.40
N ILE A 42 -14.62 0.22 11.16
CA ILE A 42 -13.80 -0.92 10.77
C ILE A 42 -12.53 -0.45 10.09
N LEU A 43 -11.40 -0.87 10.62
CA LEU A 43 -10.11 -0.47 10.08
C LEU A 43 -9.31 -1.69 9.66
N THR A 44 -8.78 -1.64 8.44
CA THR A 44 -7.99 -2.72 7.91
C THR A 44 -6.63 -2.22 7.46
N GLN A 45 -5.57 -2.83 7.98
CA GLN A 45 -4.22 -2.50 7.57
C GLN A 45 -3.80 -3.37 6.39
N GLU A 46 -3.61 -2.73 5.25
CA GLU A 46 -3.17 -3.43 4.05
C GLU A 46 -1.70 -3.20 3.82
N LEU A 47 -1.05 -4.16 3.18
CA LEU A 47 0.35 -4.03 2.84
C LEU A 47 0.50 -3.24 1.55
N ASN A 48 1.70 -2.81 1.25
CA ASN A 48 1.98 -2.09 0.02
C ASN A 48 2.85 -2.93 -0.90
N ASN A 49 3.21 -2.37 -2.05
CA ASN A 49 4.01 -3.11 -3.03
C ASN A 49 5.40 -3.41 -2.48
N GLN A 50 5.76 -4.68 -2.47
CA GLN A 50 7.06 -5.12 -2.00
C GLN A 50 8.08 -5.03 -3.12
N LYS A 51 9.36 -5.16 -2.77
CA LYS A 51 10.43 -5.03 -3.73
C LYS A 51 10.66 -6.33 -4.50
N ASP A 52 10.49 -6.26 -5.81
CA ASP A 52 10.85 -7.38 -6.67
C ASP A 52 12.36 -7.30 -6.92
N ASP A 53 13.12 -7.93 -6.04
CA ASP A 53 14.59 -7.81 -6.02
C ASP A 53 15.19 -8.15 -7.39
N PRO A 54 15.74 -7.15 -8.09
CA PRO A 54 16.27 -7.31 -9.44
C PRO A 54 17.78 -7.54 -9.47
N ILE A 55 18.17 -8.80 -9.68
CA ILE A 55 19.57 -9.21 -9.80
C ILE A 55 19.65 -10.74 -9.61
N ASN A 56 18.58 -11.41 -10.00
CA ASN A 56 18.39 -12.82 -9.74
C ASN A 56 17.38 -13.38 -10.73
N TYR A 57 17.87 -13.84 -11.86
CA TYR A 57 17.02 -14.36 -12.93
C TYR A 57 17.66 -15.59 -13.53
N THR A 58 16.86 -16.34 -14.28
CA THR A 58 17.38 -17.46 -15.04
C THR A 58 18.34 -16.96 -16.11
N GLU A 59 19.38 -17.73 -16.41
CA GLU A 59 20.29 -17.39 -17.49
C GLU A 59 19.51 -17.30 -18.79
N SER A 60 18.55 -18.19 -18.95
CA SER A 60 17.65 -18.16 -20.10
C SER A 60 16.82 -16.87 -20.07
N GLU A 61 16.51 -16.39 -18.86
CA GLU A 61 15.76 -15.13 -18.72
C GLU A 61 16.67 -13.95 -19.03
N LEU A 62 17.96 -14.13 -18.78
CA LEU A 62 18.94 -13.07 -18.99
C LEU A 62 19.45 -13.05 -20.41
N LYS A 63 19.28 -14.16 -21.12
CA LYS A 63 19.63 -14.24 -22.54
C LYS A 63 18.67 -13.42 -23.39
N GLY A 64 17.38 -13.53 -23.08
CA GLY A 64 16.37 -12.77 -23.79
C GLY A 64 16.27 -11.35 -23.27
N MET A 65 17.05 -11.04 -22.25
CA MET A 65 17.07 -9.74 -21.63
C MET A 65 18.07 -8.82 -22.34
N ASN A 66 17.63 -7.61 -22.66
CA ASN A 66 18.46 -6.68 -23.43
C ASN A 66 19.45 -5.96 -22.52
N LYS A 67 20.33 -5.17 -23.12
CA LYS A 67 21.41 -4.50 -22.39
C LYS A 67 20.87 -3.43 -21.42
N ALA A 68 19.87 -2.69 -21.86
CA ALA A 68 19.34 -1.57 -21.07
C ALA A 68 18.90 -2.02 -19.68
N GLU A 69 18.05 -3.03 -19.64
CA GLU A 69 17.57 -3.58 -18.39
C GLU A 69 18.72 -4.24 -17.61
N HIS A 70 19.55 -5.04 -18.29
CA HIS A 70 20.75 -5.62 -17.69
C HIS A 70 21.53 -4.59 -16.88
N GLU A 71 21.84 -3.47 -17.50
CA GLU A 71 22.64 -2.44 -16.85
C GLU A 71 21.87 -1.78 -15.71
N SER A 72 20.60 -1.49 -15.94
CA SER A 72 19.75 -0.86 -14.92
C SER A 72 19.65 -1.76 -13.68
N ILE A 73 19.51 -3.06 -13.92
CA ILE A 73 19.40 -4.04 -12.84
C ILE A 73 20.62 -4.01 -11.93
N ILE A 74 21.80 -4.25 -12.51
CA ILE A 74 23.01 -4.39 -11.71
C ILE A 74 23.43 -3.04 -11.11
N SER A 75 23.03 -1.96 -11.75
CA SER A 75 23.28 -0.63 -11.21
C SER A 75 22.47 -0.41 -9.94
N ASN A 76 21.30 -1.05 -9.87
CA ASN A 76 20.47 -1.00 -8.67
C ASN A 76 21.06 -1.89 -7.58
N LEU A 77 21.81 -2.91 -8.01
CA LEU A 77 22.53 -3.77 -7.08
C LEU A 77 23.59 -2.96 -6.33
N GLY A 78 24.15 -1.96 -7.00
CA GLY A 78 25.17 -1.14 -6.38
C GLY A 78 26.53 -1.39 -7.00
N ARG A 79 26.56 -2.21 -8.03
CA ARG A 79 27.79 -2.49 -8.75
C ARG A 79 27.54 -2.28 -10.24
N ASN A 80 27.95 -1.13 -10.72
CA ASN A 80 27.66 -0.71 -12.08
C ASN A 80 28.45 -1.55 -13.09
N PRO A 81 27.76 -2.10 -14.09
CA PRO A 81 28.38 -2.88 -15.15
C PRO A 81 28.94 -2.01 -16.27
N SER A 82 29.60 -0.92 -15.89
CA SER A 82 30.12 0.05 -16.85
C SER A 82 31.29 -0.53 -17.65
N ASP A 83 32.04 -1.44 -17.02
CA ASP A 83 33.18 -2.06 -17.67
C ASP A 83 32.72 -3.26 -18.50
N PHE A 84 31.53 -3.76 -18.21
CA PHE A 84 30.96 -4.87 -18.96
C PHE A 84 30.25 -4.33 -20.19
N LYS A 85 30.72 -4.73 -21.36
CA LYS A 85 30.18 -4.21 -22.60
C LYS A 85 29.42 -5.30 -23.36
N ASN A 86 29.69 -6.54 -23.01
CA ASN A 86 29.01 -7.67 -23.63
C ASN A 86 27.86 -8.14 -22.75
N ALA A 87 26.79 -8.60 -23.39
CA ALA A 87 25.59 -9.03 -22.67
C ALA A 87 25.85 -10.25 -21.80
N ASP A 88 26.74 -11.12 -22.25
CA ASP A 88 27.01 -12.37 -21.54
C ASP A 88 27.73 -12.13 -20.21
N GLU A 89 28.67 -11.18 -20.20
CA GLU A 89 29.33 -10.81 -18.95
C GLU A 89 28.32 -10.26 -17.95
N ARG A 90 27.29 -9.59 -18.46
CA ARG A 90 26.22 -9.08 -17.62
C ARG A 90 25.44 -10.24 -17.03
N ILE A 91 25.20 -11.25 -17.86
CA ILE A 91 24.50 -12.46 -17.44
C ILE A 91 25.27 -13.18 -16.35
N ALA A 92 26.58 -13.33 -16.57
CA ALA A 92 27.45 -14.03 -15.63
C ALA A 92 27.46 -13.36 -14.26
N TYR A 93 27.47 -12.03 -14.25
CA TYR A 93 27.51 -11.30 -12.99
C TYR A 93 26.17 -11.43 -12.25
N ILE A 94 25.07 -11.38 -13.01
CA ILE A 94 23.75 -11.56 -12.42
C ILE A 94 23.60 -13.01 -11.94
N LEU A 95 24.21 -13.94 -12.68
CA LEU A 95 24.21 -15.36 -12.31
C LEU A 95 24.96 -15.60 -11.01
N LYS A 96 25.93 -14.78 -10.70
CA LYS A 96 26.69 -14.95 -9.46
C LYS A 96 25.87 -14.44 -8.28
N GLN A 97 24.99 -13.48 -8.54
CA GLN A 97 24.18 -12.88 -7.49
C GLN A 97 22.99 -13.77 -7.15
N ILE A 98 22.82 -14.83 -7.94
CA ILE A 98 21.79 -15.82 -7.68
C ILE A 98 21.99 -16.41 -6.28
N ASP A 99 23.24 -16.64 -5.93
CA ASP A 99 23.61 -17.17 -4.61
C ASP A 99 23.24 -16.19 -3.51
N ASN A 100 23.66 -14.94 -3.71
CA ASN A 100 23.52 -13.90 -2.70
C ASN A 100 22.06 -13.63 -2.35
N LYS A 101 21.24 -13.51 -3.37
CA LYS A 101 19.83 -13.16 -3.18
C LYS A 101 19.00 -14.36 -2.78
N GLY A 102 19.03 -15.41 -3.60
CA GLY A 102 18.22 -16.58 -3.36
C GLY A 102 16.73 -16.26 -3.41
N GLU A 103 16.11 -16.21 -2.24
CA GLU A 103 14.70 -15.85 -2.14
C GLU A 103 14.37 -15.44 -0.71
N LEU A 104 13.24 -14.79 -0.51
CA LEU A 104 12.82 -14.36 0.82
C LEU A 104 12.05 -15.49 1.52
N GLU A 105 12.25 -15.60 2.83
CA GLU A 105 11.52 -16.59 3.62
C GLU A 105 10.06 -16.21 3.71
N HIS A 106 9.18 -17.19 3.49
CA HIS A 106 7.75 -16.93 3.45
C HIS A 106 7.10 -17.43 4.73
N HIS A 107 7.86 -17.48 5.81
CA HIS A 107 7.37 -17.97 7.08
C HIS A 107 6.24 -17.05 7.58
N HIS A 108 5.02 -17.54 7.48
CA HIS A 108 3.84 -16.75 7.74
C HIS A 108 3.32 -16.95 9.15
N HIS A 109 2.74 -15.89 9.71
CA HIS A 109 2.24 -15.91 11.08
C HIS A 109 0.73 -15.71 11.07
N HIS A 110 -0.01 -16.80 10.93
CA HIS A 110 -1.46 -16.74 10.83
C HIS A 110 -2.03 -18.15 10.75
N HIS A 111 -2.05 -18.70 9.55
CA HIS A 111 -2.48 -20.07 9.32
C HIS A 111 -2.05 -20.50 7.93
N MET A 1 -1.19 -0.02 3.65
CA MET A 1 -2.04 1.17 3.84
C MET A 1 -3.13 0.87 4.86
N PHE A 2 -3.48 1.87 5.66
CA PHE A 2 -4.48 1.69 6.70
C PHE A 2 -5.78 2.39 6.30
N THR A 3 -6.81 1.60 6.02
CA THR A 3 -8.09 2.14 5.63
C THR A 3 -9.13 1.98 6.75
N ALA A 4 -9.84 3.05 7.04
CA ALA A 4 -10.90 3.03 8.06
C ALA A 4 -12.26 3.08 7.39
N LYS A 5 -13.24 2.46 8.01
CA LYS A 5 -14.57 2.34 7.42
C LYS A 5 -15.67 2.35 8.48
N LEU A 6 -16.70 3.16 8.26
CA LEU A 6 -17.85 3.20 9.16
C LEU A 6 -18.60 1.88 9.13
N ILE A 7 -18.79 1.27 10.30
CA ILE A 7 -19.57 0.05 10.39
C ILE A 7 -20.89 0.33 11.10
N LYS A 8 -21.04 1.56 11.56
CA LYS A 8 -22.29 2.04 12.13
C LYS A 8 -22.55 3.45 11.63
N GLY A 9 -23.73 3.68 11.08
CA GLY A 9 -24.06 5.00 10.59
C GLY A 9 -24.22 5.03 9.08
N LYS A 10 -23.53 5.96 8.43
CA LYS A 10 -23.67 6.17 6.99
C LYS A 10 -22.64 7.18 6.51
N THR A 11 -22.52 8.30 7.21
CA THR A 11 -21.53 9.32 6.91
C THR A 11 -21.18 10.07 8.19
N TYR A 12 -19.88 10.19 8.47
CA TYR A 12 -19.44 10.83 9.70
C TYR A 12 -18.10 11.52 9.50
N ASN A 13 -18.00 12.76 9.97
CA ASN A 13 -16.75 13.52 9.86
C ASN A 13 -15.93 13.40 11.14
N VAL A 14 -14.71 12.93 11.00
CA VAL A 14 -13.80 12.82 12.15
C VAL A 14 -12.66 13.84 12.01
N MET A 15 -12.74 14.89 12.83
CA MET A 15 -11.75 15.97 12.83
C MET A 15 -11.79 16.77 11.53
N GLY A 16 -11.26 16.19 10.47
CA GLY A 16 -11.27 16.86 9.18
C GLY A 16 -11.55 15.92 8.03
N ILE A 17 -11.75 14.65 8.33
CA ILE A 17 -11.98 13.64 7.29
C ILE A 17 -13.40 13.11 7.39
N THR A 18 -14.16 13.25 6.32
CA THR A 18 -15.53 12.77 6.29
C THR A 18 -15.58 11.36 5.70
N PHE A 19 -15.79 10.37 6.57
CA PHE A 19 -15.86 8.98 6.15
C PHE A 19 -17.32 8.58 5.90
N ARG A 20 -17.52 7.49 5.18
CA ARG A 20 -18.85 6.99 4.92
C ARG A 20 -18.91 5.48 5.16
N ALA A 21 -20.09 4.98 5.46
CA ALA A 21 -20.29 3.55 5.66
C ALA A 21 -20.01 2.79 4.36
N GLY A 22 -19.21 1.74 4.46
CA GLY A 22 -18.89 0.93 3.30
C GLY A 22 -17.70 1.47 2.52
N VAL A 23 -17.21 2.63 2.92
CA VAL A 23 -16.09 3.26 2.23
C VAL A 23 -14.85 3.26 3.11
N SER A 24 -13.88 2.41 2.76
CA SER A 24 -12.63 2.32 3.49
C SER A 24 -11.64 3.37 2.96
N GLN A 25 -11.34 4.36 3.78
CA GLN A 25 -10.46 5.45 3.38
C GLN A 25 -9.14 5.41 4.15
N THR A 26 -8.06 5.76 3.47
CA THR A 26 -6.74 5.78 4.08
C THR A 26 -6.64 6.88 5.13
N VAL A 27 -6.20 6.51 6.33
CA VAL A 27 -6.12 7.45 7.44
C VAL A 27 -4.68 7.61 7.94
N PRO A 28 -4.39 8.74 8.60
CA PRO A 28 -3.09 8.99 9.24
C PRO A 28 -2.83 8.07 10.43
N LYS A 29 -1.60 8.08 10.91
CA LYS A 29 -1.18 7.20 12.01
C LYS A 29 -2.04 7.41 13.25
N LYS A 30 -2.23 8.66 13.64
CA LYS A 30 -3.01 8.98 14.83
C LYS A 30 -4.44 8.44 14.73
N LEU A 31 -5.07 8.68 13.59
CA LEU A 31 -6.46 8.31 13.40
C LEU A 31 -6.63 6.80 13.32
N TYR A 32 -5.60 6.10 12.86
CA TYR A 32 -5.64 4.64 12.79
C TYR A 32 -5.94 4.05 14.17
N GLU A 33 -5.17 4.47 15.16
CA GLU A 33 -5.36 3.95 16.50
C GLU A 33 -6.54 4.64 17.20
N TYR A 34 -6.78 5.89 16.82
CA TYR A 34 -7.89 6.65 17.37
C TYR A 34 -9.22 5.99 17.00
N LEU A 35 -9.33 5.56 15.75
CA LEU A 35 -10.55 4.91 15.28
C LEU A 35 -10.57 3.44 15.66
N ASN A 36 -9.40 2.89 15.97
CA ASN A 36 -9.31 1.53 16.48
C ASN A 36 -9.86 1.50 17.91
N GLU A 37 -9.83 2.66 18.56
CA GLU A 37 -10.39 2.83 19.88
C GLU A 37 -11.84 3.30 19.77
N ASN A 38 -12.35 3.31 18.55
CA ASN A 38 -13.70 3.77 18.29
C ASN A 38 -14.62 2.60 17.96
N PRO A 39 -15.81 2.55 18.58
CA PRO A 39 -16.72 1.40 18.46
C PRO A 39 -17.47 1.31 17.13
N TYR A 40 -17.43 2.35 16.30
CA TYR A 40 -18.16 2.31 15.03
C TYR A 40 -17.22 2.44 13.83
N PHE A 41 -15.97 2.08 14.03
CA PHE A 41 -14.98 2.10 12.97
C PHE A 41 -14.25 0.77 12.88
N ILE A 42 -14.35 0.10 11.74
CA ILE A 42 -13.54 -1.07 11.48
C ILE A 42 -12.47 -0.70 10.45
N LEU A 43 -11.21 -0.95 10.80
CA LEU A 43 -10.11 -0.58 9.95
C LEU A 43 -9.47 -1.83 9.35
N THR A 44 -8.81 -1.66 8.22
CA THR A 44 -8.15 -2.75 7.53
C THR A 44 -6.83 -2.29 6.92
N GLN A 45 -5.82 -3.13 7.02
CA GLN A 45 -4.52 -2.83 6.44
C GLN A 45 -4.24 -3.73 5.25
N GLU A 46 -4.09 -3.13 4.08
CA GLU A 46 -3.82 -3.88 2.86
C GLU A 46 -2.54 -3.37 2.20
N LEU A 47 -1.98 -4.17 1.31
CA LEU A 47 -0.73 -3.81 0.64
C LEU A 47 -0.99 -2.87 -0.52
N ASN A 48 0.04 -2.15 -0.94
CA ASN A 48 -0.08 -1.20 -2.04
C ASN A 48 1.09 -1.35 -3.01
N ASN A 49 2.27 -1.62 -2.49
CA ASN A 49 3.46 -1.75 -3.33
C ASN A 49 3.65 -3.20 -3.77
N GLN A 50 3.88 -3.40 -5.06
CA GLN A 50 4.12 -4.73 -5.59
C GLN A 50 5.62 -5.00 -5.67
N LYS A 51 6.00 -6.26 -5.58
CA LYS A 51 7.41 -6.64 -5.67
C LYS A 51 7.73 -7.14 -7.08
N ASP A 52 6.95 -6.64 -8.05
CA ASP A 52 7.15 -6.93 -9.48
C ASP A 52 6.75 -8.34 -9.85
N ASP A 53 7.51 -9.31 -9.39
CA ASP A 53 7.26 -10.71 -9.71
C ASP A 53 7.04 -11.53 -8.43
N PRO A 54 5.90 -12.22 -8.33
CA PRO A 54 5.55 -12.99 -7.15
C PRO A 54 5.82 -14.49 -7.29
N ILE A 55 6.84 -14.82 -8.05
CA ILE A 55 7.23 -16.20 -8.27
C ILE A 55 8.47 -16.29 -9.16
N ASN A 56 9.64 -16.06 -8.56
CA ASN A 56 10.91 -16.02 -9.28
C ASN A 56 12.06 -15.96 -8.29
N TYR A 57 12.52 -17.12 -7.82
CA TYR A 57 13.54 -17.19 -6.79
C TYR A 57 14.51 -18.33 -7.05
N THR A 58 15.74 -18.16 -6.59
CA THR A 58 16.79 -19.15 -6.80
C THR A 58 16.56 -20.36 -5.90
N GLU A 59 16.87 -21.57 -6.37
CA GLU A 59 16.70 -22.75 -5.53
C GLU A 59 17.70 -22.70 -4.39
N SER A 60 18.91 -22.23 -4.68
CA SER A 60 19.91 -22.00 -3.65
C SER A 60 19.43 -20.94 -2.68
N GLU A 61 18.58 -20.04 -3.19
CA GLU A 61 18.04 -18.97 -2.39
C GLU A 61 16.90 -19.48 -1.51
N LEU A 62 16.04 -20.30 -2.09
CA LEU A 62 14.89 -20.84 -1.39
C LEU A 62 15.26 -22.01 -0.48
N LYS A 63 16.42 -22.60 -0.72
CA LYS A 63 16.93 -23.69 0.11
C LYS A 63 17.17 -23.20 1.53
N GLY A 64 17.53 -21.92 1.65
CA GLY A 64 17.76 -21.35 2.95
C GLY A 64 16.59 -20.49 3.41
N MET A 65 15.42 -20.75 2.83
CA MET A 65 14.22 -19.99 3.17
C MET A 65 13.26 -20.86 3.99
N ASN A 66 12.55 -20.20 4.91
CA ASN A 66 11.59 -20.88 5.76
C ASN A 66 10.36 -21.31 4.97
N LYS A 67 9.51 -22.11 5.59
CA LYS A 67 8.27 -22.53 4.98
C LYS A 67 7.41 -21.33 4.66
N ALA A 68 7.21 -20.48 5.67
CA ALA A 68 6.34 -19.30 5.53
C ALA A 68 6.83 -18.36 4.44
N GLU A 69 8.13 -18.36 4.18
CA GLU A 69 8.70 -17.56 3.10
C GLU A 69 8.21 -18.08 1.76
N HIS A 70 8.27 -19.40 1.61
CA HIS A 70 7.76 -20.06 0.42
C HIS A 70 6.26 -19.84 0.32
N GLU A 71 5.59 -19.89 1.46
CA GLU A 71 4.15 -19.79 1.52
C GLU A 71 3.66 -18.41 1.13
N SER A 72 4.43 -17.38 1.46
CA SER A 72 4.07 -16.02 1.08
C SER A 72 4.25 -15.84 -0.42
N ILE A 73 5.27 -16.51 -0.99
CA ILE A 73 5.50 -16.48 -2.43
C ILE A 73 4.28 -16.99 -3.20
N ILE A 74 3.92 -18.25 -2.98
CA ILE A 74 2.84 -18.88 -3.75
C ILE A 74 1.45 -18.38 -3.36
N SER A 75 1.33 -17.69 -2.24
CA SER A 75 0.06 -17.08 -1.88
C SER A 75 -0.13 -15.78 -2.67
N ASN A 76 0.97 -15.09 -2.94
CA ASN A 76 0.94 -13.91 -3.80
C ASN A 76 0.70 -14.34 -5.24
N LEU A 77 1.15 -15.54 -5.57
CA LEU A 77 0.93 -16.11 -6.89
C LEU A 77 -0.52 -16.56 -7.05
N GLY A 78 -1.17 -16.87 -5.94
CA GLY A 78 -2.56 -17.28 -5.97
C GLY A 78 -2.70 -18.79 -5.98
N ARG A 79 -1.58 -19.48 -6.09
CA ARG A 79 -1.57 -20.94 -6.12
C ARG A 79 -1.88 -21.50 -4.73
N ASN A 80 -1.36 -20.80 -3.71
CA ASN A 80 -1.49 -21.22 -2.32
C ASN A 80 -0.61 -22.43 -2.02
N PRO A 81 0.07 -22.42 -0.86
CA PRO A 81 1.01 -23.48 -0.49
C PRO A 81 0.33 -24.73 0.02
N SER A 82 -0.99 -24.69 0.14
CA SER A 82 -1.75 -25.82 0.64
C SER A 82 -1.73 -26.99 -0.35
N ASP A 83 -1.25 -26.73 -1.55
CA ASP A 83 -1.15 -27.75 -2.58
C ASP A 83 0.14 -28.57 -2.39
N PHE A 84 1.05 -28.05 -1.58
CA PHE A 84 2.35 -28.66 -1.41
C PHE A 84 2.58 -29.08 0.04
N LYS A 85 3.31 -30.16 0.23
CA LYS A 85 3.61 -30.67 1.57
C LYS A 85 5.08 -30.43 1.90
N ASN A 86 5.94 -31.10 1.17
CA ASN A 86 7.37 -31.05 1.42
C ASN A 86 7.95 -29.72 0.91
N ALA A 87 9.08 -29.32 1.46
CA ALA A 87 9.80 -28.16 0.97
C ALA A 87 10.24 -28.42 -0.46
N ASP A 88 10.62 -29.66 -0.73
CA ASP A 88 11.03 -30.11 -2.07
C ASP A 88 9.96 -29.77 -3.11
N GLU A 89 8.71 -30.12 -2.80
CA GLU A 89 7.58 -29.83 -3.69
C GLU A 89 7.47 -28.33 -3.95
N ARG A 90 7.75 -27.55 -2.91
CA ARG A 90 7.69 -26.10 -3.01
C ARG A 90 8.87 -25.54 -3.81
N ILE A 91 10.03 -26.18 -3.69
CA ILE A 91 11.20 -25.78 -4.47
C ILE A 91 10.90 -25.98 -5.95
N ALA A 92 10.42 -27.17 -6.28
CA ALA A 92 10.14 -27.55 -7.65
C ALA A 92 9.19 -26.58 -8.34
N TYR A 93 8.11 -26.22 -7.65
CA TYR A 93 7.09 -25.35 -8.25
C TYR A 93 7.62 -23.96 -8.51
N ILE A 94 8.28 -23.38 -7.53
CA ILE A 94 8.80 -22.02 -7.67
C ILE A 94 9.91 -21.98 -8.71
N LEU A 95 10.75 -23.02 -8.70
CA LEU A 95 11.84 -23.13 -9.67
C LEU A 95 11.33 -23.47 -11.06
N LYS A 96 10.10 -23.95 -11.14
CA LYS A 96 9.49 -24.23 -12.44
C LYS A 96 9.11 -22.92 -13.10
N GLN A 97 8.53 -22.03 -12.33
CA GLN A 97 8.04 -20.76 -12.88
C GLN A 97 9.17 -19.77 -13.15
N ILE A 98 10.28 -19.91 -12.43
CA ILE A 98 11.44 -19.06 -12.70
C ILE A 98 12.11 -19.50 -14.00
N ASP A 99 11.76 -20.68 -14.46
CA ASP A 99 12.28 -21.23 -15.71
C ASP A 99 11.26 -21.06 -16.83
N ASN A 100 10.03 -21.47 -16.57
CA ASN A 100 8.95 -21.41 -17.55
C ASN A 100 8.58 -19.97 -17.87
N LYS A 101 8.50 -19.14 -16.84
CA LYS A 101 8.19 -17.73 -17.01
C LYS A 101 9.47 -16.90 -17.04
N GLY A 102 10.49 -17.38 -16.34
CA GLY A 102 11.74 -16.64 -16.22
C GLY A 102 12.58 -16.65 -17.48
N GLU A 103 12.11 -17.35 -18.50
CA GLU A 103 12.79 -17.35 -19.79
C GLU A 103 12.43 -16.10 -20.57
N LEU A 104 11.31 -15.48 -20.20
CA LEU A 104 10.80 -14.33 -20.89
C LEU A 104 11.54 -13.07 -20.46
N GLU A 105 12.57 -12.71 -21.20
CA GLU A 105 13.33 -11.50 -20.94
C GLU A 105 12.52 -10.27 -21.36
N HIS A 106 11.34 -10.53 -21.91
CA HIS A 106 10.40 -9.47 -22.23
C HIS A 106 9.96 -8.78 -20.93
N HIS A 107 9.94 -9.55 -19.85
CA HIS A 107 9.69 -9.00 -18.53
C HIS A 107 11.04 -8.76 -17.85
N HIS A 108 11.69 -7.68 -18.24
CA HIS A 108 13.08 -7.44 -17.85
C HIS A 108 13.16 -6.76 -16.50
N HIS A 109 13.35 -7.56 -15.46
CA HIS A 109 13.64 -7.05 -14.14
C HIS A 109 14.66 -7.96 -13.46
N HIS A 110 15.38 -8.72 -14.28
CA HIS A 110 16.45 -9.58 -13.77
C HIS A 110 17.65 -8.74 -13.35
N HIS A 111 18.18 -7.98 -14.31
CA HIS A 111 19.29 -7.07 -14.03
C HIS A 111 19.42 -6.07 -15.18
N MET A 1 -0.70 0.29 4.25
CA MET A 1 -1.59 1.48 4.28
C MET A 1 -2.71 1.28 5.29
N PHE A 2 -3.00 2.30 6.07
CA PHE A 2 -4.07 2.24 7.05
C PHE A 2 -5.37 2.76 6.45
N THR A 3 -6.43 1.97 6.52
CA THR A 3 -7.70 2.34 5.93
C THR A 3 -8.83 2.23 6.95
N ALA A 4 -9.65 3.27 7.02
CA ALA A 4 -10.79 3.29 7.92
C ALA A 4 -12.09 3.22 7.14
N LYS A 5 -13.00 2.37 7.59
CA LYS A 5 -14.29 2.22 6.94
C LYS A 5 -15.41 2.16 7.97
N LEU A 6 -16.39 3.04 7.83
CA LEU A 6 -17.53 3.04 8.75
C LEU A 6 -18.38 1.79 8.58
N ILE A 7 -18.85 1.27 9.69
CA ILE A 7 -19.78 0.16 9.68
C ILE A 7 -21.07 0.56 10.38
N LYS A 8 -21.07 1.79 10.89
CA LYS A 8 -22.21 2.36 11.57
C LYS A 8 -22.28 3.86 11.25
N GLY A 9 -23.49 4.40 11.24
CA GLY A 9 -23.65 5.84 11.06
C GLY A 9 -23.88 6.25 9.62
N LYS A 10 -23.35 5.45 8.68
CA LYS A 10 -23.47 5.69 7.24
C LYS A 10 -22.58 6.85 6.79
N THR A 11 -22.48 7.87 7.61
CA THR A 11 -21.60 9.00 7.34
C THR A 11 -21.15 9.62 8.65
N TYR A 12 -19.84 9.70 8.86
CA TYR A 12 -19.30 10.17 10.13
C TYR A 12 -18.09 11.09 9.88
N ASN A 13 -18.00 12.15 10.65
CA ASN A 13 -16.94 13.13 10.51
C ASN A 13 -15.88 12.95 11.59
N VAL A 14 -14.64 12.74 11.17
CA VAL A 14 -13.53 12.63 12.11
C VAL A 14 -12.52 13.75 11.88
N MET A 15 -12.58 14.77 12.73
CA MET A 15 -11.70 15.93 12.65
C MET A 15 -11.97 16.71 11.36
N GLY A 16 -11.28 16.34 10.29
CA GLY A 16 -11.46 17.01 9.03
C GLY A 16 -11.76 16.05 7.90
N ILE A 17 -11.83 14.76 8.22
CA ILE A 17 -12.11 13.75 7.21
C ILE A 17 -13.54 13.25 7.36
N THR A 18 -14.30 13.32 6.27
CA THR A 18 -15.65 12.81 6.25
C THR A 18 -15.67 11.40 5.68
N PHE A 19 -16.09 10.45 6.50
CA PHE A 19 -16.13 9.05 6.09
C PHE A 19 -17.57 8.58 5.85
N ARG A 20 -17.71 7.53 5.05
CA ARG A 20 -19.01 6.93 4.83
C ARG A 20 -18.95 5.44 5.16
N ALA A 21 -20.09 4.84 5.47
CA ALA A 21 -20.15 3.42 5.74
C ALA A 21 -19.98 2.63 4.46
N GLY A 22 -19.06 1.69 4.46
CA GLY A 22 -18.81 0.89 3.29
C GLY A 22 -17.72 1.47 2.41
N VAL A 23 -17.23 2.65 2.78
CA VAL A 23 -16.18 3.32 2.04
C VAL A 23 -14.88 3.33 2.82
N SER A 24 -13.92 2.54 2.38
CA SER A 24 -12.61 2.49 3.01
C SER A 24 -11.77 3.69 2.57
N GLN A 25 -11.44 4.56 3.52
CA GLN A 25 -10.66 5.76 3.23
C GLN A 25 -9.33 5.73 3.98
N THR A 26 -8.29 6.25 3.34
CA THR A 26 -6.93 6.21 3.89
C THR A 26 -6.77 7.19 5.05
N VAL A 27 -6.19 6.70 6.16
CA VAL A 27 -5.94 7.53 7.32
C VAL A 27 -4.54 7.25 7.89
N PRO A 28 -3.95 8.23 8.60
CA PRO A 28 -2.68 8.04 9.30
C PRO A 28 -2.83 7.13 10.52
N LYS A 29 -1.72 6.62 11.03
CA LYS A 29 -1.74 5.69 12.15
C LYS A 29 -2.32 6.34 13.41
N LYS A 30 -2.20 7.66 13.52
CA LYS A 30 -2.75 8.39 14.66
C LYS A 30 -4.27 8.34 14.65
N LEU A 31 -4.85 8.40 13.45
CA LEU A 31 -6.30 8.32 13.32
C LEU A 31 -6.73 6.86 13.37
N TYR A 32 -5.86 5.98 12.89
CA TYR A 32 -6.09 4.54 12.99
C TYR A 32 -6.21 4.14 14.46
N GLU A 33 -5.35 4.74 15.29
CA GLU A 33 -5.38 4.53 16.73
C GLU A 33 -6.60 5.21 17.34
N TYR A 34 -6.87 6.43 16.89
CA TYR A 34 -8.01 7.20 17.39
C TYR A 34 -9.31 6.46 17.12
N LEU A 35 -9.42 5.85 15.96
CA LEU A 35 -10.61 5.12 15.56
C LEU A 35 -10.58 3.70 16.12
N ASN A 36 -9.41 3.26 16.57
CA ASN A 36 -9.29 1.99 17.28
C ASN A 36 -9.97 2.12 18.64
N GLU A 37 -9.98 3.35 19.15
CA GLU A 37 -10.68 3.68 20.38
C GLU A 37 -12.14 4.03 20.10
N ASN A 38 -12.55 3.93 18.83
CA ASN A 38 -13.87 4.37 18.42
C ASN A 38 -14.65 3.20 17.79
N PRO A 39 -15.45 2.50 18.60
CA PRO A 39 -16.07 1.23 18.22
C PRO A 39 -17.27 1.34 17.26
N TYR A 40 -17.04 1.87 16.08
CA TYR A 40 -18.01 1.78 14.98
C TYR A 40 -17.30 1.85 13.64
N PHE A 41 -16.03 1.46 13.65
CA PHE A 41 -15.23 1.41 12.43
C PHE A 41 -14.65 0.01 12.23
N ILE A 42 -14.63 -0.45 10.99
CA ILE A 42 -13.78 -1.58 10.63
C ILE A 42 -12.50 -1.04 10.03
N LEU A 43 -11.41 -1.29 10.72
CA LEU A 43 -10.11 -0.75 10.34
C LEU A 43 -9.30 -1.81 9.62
N THR A 44 -9.12 -1.59 8.32
CA THR A 44 -8.43 -2.57 7.48
C THR A 44 -7.08 -2.04 7.04
N GLN A 45 -6.02 -2.79 7.33
CA GLN A 45 -4.71 -2.43 6.86
C GLN A 45 -4.47 -3.07 5.50
N GLU A 46 -4.35 -2.25 4.48
CA GLU A 46 -4.20 -2.71 3.12
C GLU A 46 -2.76 -2.65 2.68
N LEU A 47 -2.35 -3.61 1.87
CA LEU A 47 -1.00 -3.65 1.36
C LEU A 47 -1.02 -3.57 -0.17
N ASN A 48 -0.01 -2.95 -0.74
CA ASN A 48 0.07 -2.81 -2.18
C ASN A 48 0.97 -3.87 -2.77
N ASN A 49 0.38 -5.03 -3.05
CA ASN A 49 1.09 -6.12 -3.70
C ASN A 49 0.76 -6.12 -5.18
N GLN A 50 -0.51 -5.86 -5.47
CA GLN A 50 -1.00 -5.74 -6.85
C GLN A 50 -1.04 -7.10 -7.57
N LYS A 51 -1.92 -7.18 -8.55
CA LYS A 51 -2.04 -8.34 -9.42
C LYS A 51 -2.71 -7.90 -10.71
N ASP A 52 -2.13 -8.29 -11.85
CA ASP A 52 -2.60 -7.85 -13.17
C ASP A 52 -2.37 -6.36 -13.30
N ASP A 53 -1.22 -6.01 -13.85
CA ASP A 53 -0.78 -4.62 -13.85
C ASP A 53 -1.04 -3.91 -15.19
N PRO A 54 -0.53 -4.44 -16.32
CA PRO A 54 -0.58 -3.73 -17.62
C PRO A 54 -1.97 -3.69 -18.28
N ILE A 55 -3.00 -3.47 -17.47
CA ILE A 55 -4.37 -3.34 -17.98
C ILE A 55 -5.33 -3.09 -16.82
N ASN A 56 -4.82 -2.43 -15.79
CA ASN A 56 -5.56 -2.23 -14.55
C ASN A 56 -5.13 -0.94 -13.88
N TYR A 57 -5.82 0.14 -14.21
CA TYR A 57 -5.49 1.45 -13.69
C TYR A 57 -6.77 2.22 -13.42
N THR A 58 -6.71 3.17 -12.48
CA THR A 58 -7.83 4.04 -12.23
C THR A 58 -8.12 4.88 -13.47
N GLU A 59 -9.40 5.14 -13.74
CA GLU A 59 -9.75 5.93 -14.91
C GLU A 59 -9.10 7.31 -14.80
N SER A 60 -9.02 7.80 -13.57
CA SER A 60 -8.35 9.06 -13.30
C SER A 60 -6.83 8.91 -13.47
N GLU A 61 -6.31 7.71 -13.24
CA GLU A 61 -4.89 7.47 -13.43
C GLU A 61 -4.56 7.45 -14.93
N LEU A 62 -5.51 6.96 -15.71
CA LEU A 62 -5.35 6.89 -17.16
C LEU A 62 -5.68 8.23 -17.80
N LYS A 63 -6.43 9.07 -17.09
CA LYS A 63 -6.69 10.44 -17.54
C LYS A 63 -5.38 11.23 -17.56
N GLY A 64 -4.45 10.84 -16.69
CA GLY A 64 -3.17 11.50 -16.61
C GLY A 64 -2.10 10.78 -17.40
N MET A 65 -2.53 10.01 -18.39
CA MET A 65 -1.60 9.33 -19.29
C MET A 65 -1.87 9.76 -20.72
N ASN A 66 -0.83 9.81 -21.54
CA ASN A 66 -0.99 10.24 -22.92
C ASN A 66 -1.21 9.04 -23.83
N LYS A 67 -1.28 9.31 -25.13
CA LYS A 67 -1.56 8.31 -26.16
C LYS A 67 -0.62 7.11 -26.05
N ALA A 68 0.67 7.38 -25.86
CA ALA A 68 1.69 6.35 -25.85
C ALA A 68 1.42 5.29 -24.78
N GLU A 69 1.05 5.73 -23.59
CA GLU A 69 0.76 4.80 -22.50
C GLU A 69 -0.42 3.91 -22.86
N HIS A 70 -1.51 4.51 -23.31
CA HIS A 70 -2.69 3.77 -23.74
C HIS A 70 -2.31 2.66 -24.72
N GLU A 71 -1.49 3.01 -25.69
CA GLU A 71 -1.06 2.06 -26.70
C GLU A 71 -0.22 0.95 -26.06
N SER A 72 0.79 1.33 -25.29
CA SER A 72 1.67 0.37 -24.64
C SER A 72 0.89 -0.60 -23.76
N ILE A 73 0.03 -0.05 -22.90
CA ILE A 73 -0.76 -0.84 -21.96
C ILE A 73 -1.52 -1.95 -22.66
N ILE A 74 -2.40 -1.58 -23.57
CA ILE A 74 -3.33 -2.53 -24.14
C ILE A 74 -2.66 -3.42 -25.20
N SER A 75 -1.52 -2.98 -25.72
CA SER A 75 -0.72 -3.82 -26.61
C SER A 75 -0.12 -4.98 -25.81
N ASN A 76 0.16 -4.72 -24.54
CA ASN A 76 0.64 -5.75 -23.63
C ASN A 76 -0.47 -6.73 -23.29
N LEU A 77 -1.70 -6.21 -23.22
CA LEU A 77 -2.87 -7.05 -23.02
C LEU A 77 -3.08 -7.96 -24.24
N GLY A 78 -2.85 -7.41 -25.43
CA GLY A 78 -3.02 -8.17 -26.65
C GLY A 78 -3.65 -7.34 -27.76
N ARG A 79 -4.92 -7.01 -27.58
CA ARG A 79 -5.64 -6.17 -28.53
C ARG A 79 -5.29 -4.70 -28.29
N ASN A 80 -4.43 -4.15 -29.14
CA ASN A 80 -3.98 -2.78 -28.99
C ASN A 80 -5.10 -1.79 -29.33
N PRO A 81 -5.03 -0.57 -28.77
CA PRO A 81 -6.07 0.45 -28.95
C PRO A 81 -6.09 1.10 -30.34
N SER A 82 -5.81 0.31 -31.37
CA SER A 82 -5.88 0.82 -32.72
C SER A 82 -7.34 0.85 -33.18
N ASP A 83 -8.12 -0.07 -32.64
CA ASP A 83 -9.55 -0.14 -32.94
C ASP A 83 -10.29 1.01 -32.29
N PHE A 84 -9.89 1.36 -31.08
CA PHE A 84 -10.54 2.42 -30.33
C PHE A 84 -9.89 3.76 -30.67
N LYS A 85 -10.61 4.60 -31.40
CA LYS A 85 -10.05 5.83 -31.91
C LYS A 85 -9.84 6.85 -30.80
N ASN A 86 -10.94 7.26 -30.17
CA ASN A 86 -10.89 8.29 -29.13
C ASN A 86 -10.26 7.74 -27.85
N ALA A 87 -9.62 8.63 -27.10
CA ALA A 87 -8.92 8.26 -25.88
C ALA A 87 -9.87 7.64 -24.85
N ASP A 88 -11.09 8.16 -24.79
CA ASP A 88 -12.09 7.68 -23.84
C ASP A 88 -12.40 6.20 -24.08
N GLU A 89 -12.46 5.81 -25.35
CA GLU A 89 -12.71 4.42 -25.72
C GLU A 89 -11.58 3.53 -25.21
N ARG A 90 -10.36 4.04 -25.28
CA ARG A 90 -9.18 3.31 -24.83
C ARG A 90 -9.21 3.18 -23.31
N ILE A 91 -9.66 4.24 -22.64
CA ILE A 91 -9.81 4.24 -21.19
C ILE A 91 -10.89 3.24 -20.77
N ALA A 92 -12.01 3.27 -21.48
CA ALA A 92 -13.13 2.39 -21.20
C ALA A 92 -12.73 0.92 -21.34
N TYR A 93 -11.94 0.61 -22.35
CA TYR A 93 -11.50 -0.76 -22.60
C TYR A 93 -10.60 -1.25 -21.48
N ILE A 94 -9.75 -0.36 -20.97
CA ILE A 94 -8.87 -0.71 -19.85
C ILE A 94 -9.67 -0.85 -18.56
N LEU A 95 -10.55 0.11 -18.31
CA LEU A 95 -11.36 0.11 -17.10
C LEU A 95 -12.32 -1.07 -17.04
N LYS A 96 -13.00 -1.35 -18.14
CA LYS A 96 -13.96 -2.43 -18.16
C LYS A 96 -13.24 -3.77 -18.34
N GLN A 97 -11.93 -3.71 -18.55
CA GLN A 97 -11.14 -4.93 -18.60
C GLN A 97 -11.05 -5.51 -17.21
N ILE A 98 -11.05 -4.63 -16.22
CA ILE A 98 -11.10 -5.03 -14.82
C ILE A 98 -12.43 -5.71 -14.52
N ASP A 99 -13.45 -5.34 -15.29
CA ASP A 99 -14.78 -5.90 -15.16
C ASP A 99 -14.86 -7.30 -15.78
N ASN A 100 -14.24 -7.44 -16.95
CA ASN A 100 -14.27 -8.71 -17.69
C ASN A 100 -13.23 -9.70 -17.16
N LYS A 101 -12.03 -9.21 -16.88
CA LYS A 101 -10.92 -10.06 -16.49
C LYS A 101 -10.92 -10.27 -14.97
N GLY A 102 -11.70 -9.46 -14.26
CA GLY A 102 -11.79 -9.60 -12.83
C GLY A 102 -12.91 -10.54 -12.43
N GLU A 103 -14.01 -9.96 -11.96
CA GLU A 103 -15.17 -10.77 -11.59
C GLU A 103 -16.23 -10.70 -12.68
N LEU A 104 -16.24 -11.68 -13.56
CA LEU A 104 -17.28 -11.77 -14.58
C LEU A 104 -18.55 -12.32 -13.95
N GLU A 105 -18.52 -13.61 -13.63
CA GLU A 105 -19.61 -14.29 -12.94
C GLU A 105 -20.90 -14.31 -13.75
N HIS A 106 -21.94 -14.89 -13.15
CA HIS A 106 -23.20 -15.05 -13.83
C HIS A 106 -24.30 -14.27 -13.12
N HIS A 107 -24.03 -13.82 -11.90
CA HIS A 107 -25.00 -13.05 -11.15
C HIS A 107 -25.02 -11.60 -11.59
N HIS A 108 -25.72 -11.35 -12.70
CA HIS A 108 -25.97 -10.00 -13.21
C HIS A 108 -26.80 -10.06 -14.48
N HIS A 109 -28.04 -10.51 -14.34
CA HIS A 109 -28.98 -10.55 -15.45
C HIS A 109 -30.29 -9.87 -15.04
N HIS A 110 -30.21 -9.14 -13.93
CA HIS A 110 -31.34 -8.40 -13.39
C HIS A 110 -30.88 -7.63 -12.16
N HIS A 111 -29.99 -8.26 -11.40
CA HIS A 111 -29.36 -7.66 -10.23
C HIS A 111 -28.42 -8.66 -9.60
N MET A 1 -1.65 -0.34 3.77
CA MET A 1 -1.96 1.00 4.28
C MET A 1 -2.75 0.89 5.59
N PHE A 2 -3.45 1.95 5.97
CA PHE A 2 -4.34 1.92 7.11
C PHE A 2 -5.69 2.47 6.69
N THR A 3 -6.67 1.58 6.50
CA THR A 3 -7.97 1.98 6.01
C THR A 3 -9.03 1.89 7.11
N ALA A 4 -9.96 2.84 7.10
CA ALA A 4 -11.06 2.83 8.06
C ALA A 4 -12.40 2.96 7.34
N LYS A 5 -13.39 2.20 7.79
CA LYS A 5 -14.72 2.22 7.19
C LYS A 5 -15.80 2.11 8.26
N LEU A 6 -16.82 2.95 8.17
CA LEU A 6 -17.95 2.88 9.09
C LEU A 6 -18.65 1.54 8.98
N ILE A 7 -18.75 0.84 10.10
CA ILE A 7 -19.52 -0.39 10.15
C ILE A 7 -20.89 -0.13 10.77
N LYS A 8 -20.97 0.94 11.55
CA LYS A 8 -22.24 1.45 12.07
C LYS A 8 -22.31 2.96 11.84
N GLY A 9 -23.33 3.41 11.14
CA GLY A 9 -23.50 4.83 10.92
C GLY A 9 -23.94 5.16 9.51
N LYS A 10 -23.33 6.20 8.95
CA LYS A 10 -23.70 6.72 7.64
C LYS A 10 -22.64 7.71 7.15
N THR A 11 -22.57 8.86 7.81
CA THR A 11 -21.55 9.85 7.53
C THR A 11 -20.91 10.31 8.84
N TYR A 12 -19.62 10.08 8.98
CA TYR A 12 -18.93 10.41 10.21
C TYR A 12 -17.67 11.23 9.91
N ASN A 13 -17.69 12.49 10.30
CA ASN A 13 -16.57 13.38 10.02
C ASN A 13 -15.63 13.44 11.22
N VAL A 14 -14.37 13.05 11.00
CA VAL A 14 -13.38 13.08 12.06
C VAL A 14 -12.24 14.00 11.70
N MET A 15 -12.22 15.18 12.32
CA MET A 15 -11.11 16.14 12.21
C MET A 15 -10.94 16.64 10.78
N GLY A 16 -11.97 16.51 9.96
CA GLY A 16 -11.90 16.98 8.60
C GLY A 16 -12.13 15.88 7.59
N ILE A 17 -11.76 14.65 7.96
CA ILE A 17 -11.95 13.52 7.08
C ILE A 17 -13.32 12.91 7.33
N THR A 18 -14.17 12.94 6.31
CA THR A 18 -15.52 12.43 6.43
C THR A 18 -15.60 11.01 5.90
N PHE A 19 -15.76 10.06 6.80
CA PHE A 19 -15.91 8.66 6.40
C PHE A 19 -17.38 8.34 6.19
N ARG A 20 -17.66 7.49 5.23
CA ARG A 20 -19.03 7.09 4.94
C ARG A 20 -19.22 5.60 5.17
N ALA A 21 -20.42 5.22 5.58
CA ALA A 21 -20.76 3.81 5.76
C ALA A 21 -20.67 3.07 4.44
N GLY A 22 -19.67 2.21 4.32
CA GLY A 22 -19.46 1.47 3.09
C GLY A 22 -18.28 2.01 2.29
N VAL A 23 -17.65 3.06 2.80
CA VAL A 23 -16.50 3.66 2.14
C VAL A 23 -15.26 3.55 3.02
N SER A 24 -14.20 2.97 2.49
CA SER A 24 -12.95 2.84 3.22
C SER A 24 -11.96 3.93 2.79
N GLN A 25 -11.49 4.70 3.76
CA GLN A 25 -10.53 5.76 3.48
C GLN A 25 -9.22 5.52 4.23
N THR A 26 -8.12 5.98 3.66
CA THR A 26 -6.81 5.79 4.26
C THR A 26 -6.43 6.98 5.14
N VAL A 27 -6.07 6.68 6.38
CA VAL A 27 -5.73 7.71 7.35
C VAL A 27 -4.34 7.50 7.94
N PRO A 28 -3.72 8.56 8.47
CA PRO A 28 -2.46 8.46 9.21
C PRO A 28 -2.63 7.62 10.47
N LYS A 29 -1.54 7.04 10.99
CA LYS A 29 -1.65 6.09 12.08
C LYS A 29 -2.11 6.76 13.39
N LYS A 30 -2.04 8.08 13.45
CA LYS A 30 -2.57 8.81 14.60
C LYS A 30 -4.09 8.78 14.58
N LEU A 31 -4.67 8.98 13.39
CA LEU A 31 -6.11 8.88 13.22
C LEU A 31 -6.54 7.43 13.25
N TYR A 32 -5.66 6.56 12.74
CA TYR A 32 -5.88 5.13 12.78
C TYR A 32 -6.16 4.65 14.20
N GLU A 33 -5.27 4.99 15.13
CA GLU A 33 -5.42 4.58 16.52
C GLU A 33 -6.63 5.24 17.16
N TYR A 34 -6.90 6.49 16.80
CA TYR A 34 -8.05 7.21 17.33
C TYR A 34 -9.34 6.52 16.91
N LEU A 35 -9.44 6.14 15.65
CA LEU A 35 -10.61 5.44 15.15
C LEU A 35 -10.61 3.99 15.62
N ASN A 36 -9.43 3.48 15.90
CA ASN A 36 -9.25 2.13 16.45
C ASN A 36 -9.88 2.05 17.84
N GLU A 37 -9.97 3.18 18.51
CA GLU A 37 -10.65 3.27 19.80
C GLU A 37 -12.17 3.31 19.64
N ASN A 38 -12.63 3.49 18.40
CA ASN A 38 -14.05 3.65 18.12
C ASN A 38 -14.64 2.36 17.55
N PRO A 39 -15.54 1.70 18.31
CA PRO A 39 -16.08 0.38 17.95
C PRO A 39 -16.96 0.37 16.69
N TYR A 40 -17.27 1.53 16.14
CA TYR A 40 -18.13 1.60 14.95
C TYR A 40 -17.31 1.82 13.69
N PHE A 41 -16.01 1.59 13.78
CA PHE A 41 -15.13 1.64 12.62
C PHE A 41 -14.47 0.29 12.39
N ILE A 42 -14.50 -0.19 11.15
CA ILE A 42 -13.66 -1.32 10.79
C ILE A 42 -12.39 -0.80 10.12
N LEU A 43 -11.27 -1.06 10.74
CA LEU A 43 -10.01 -0.61 10.21
C LEU A 43 -9.24 -1.79 9.64
N THR A 44 -9.03 -1.76 8.35
CA THR A 44 -8.37 -2.85 7.66
C THR A 44 -6.94 -2.48 7.31
N GLN A 45 -6.01 -3.31 7.74
CA GLN A 45 -4.62 -3.11 7.40
C GLN A 45 -4.24 -4.07 6.28
N GLU A 46 -4.12 -3.56 5.06
CA GLU A 46 -3.74 -4.37 3.94
C GLU A 46 -2.27 -4.15 3.60
N LEU A 47 -1.47 -5.20 3.78
CA LEU A 47 -0.06 -5.12 3.48
C LEU A 47 0.16 -4.94 1.99
N ASN A 48 1.11 -4.07 1.63
CA ASN A 48 1.41 -3.81 0.23
C ASN A 48 1.91 -5.08 -0.43
N ASN A 49 2.58 -5.91 0.35
CA ASN A 49 2.98 -7.23 -0.08
C ASN A 49 2.58 -8.24 0.99
N GLN A 50 1.80 -9.23 0.59
CA GLN A 50 1.37 -10.27 1.51
C GLN A 50 1.92 -11.62 1.09
N LYS A 51 1.85 -12.59 1.97
CA LYS A 51 2.47 -13.88 1.73
C LYS A 51 1.45 -14.94 1.33
N ASP A 52 0.25 -14.48 1.00
CA ASP A 52 -0.86 -15.37 0.60
C ASP A 52 -1.14 -16.39 1.70
N ASP A 53 -2.04 -16.02 2.59
CA ASP A 53 -2.37 -16.84 3.75
C ASP A 53 -3.05 -18.14 3.33
N PRO A 54 -2.36 -19.27 3.55
CA PRO A 54 -2.85 -20.58 3.12
C PRO A 54 -3.88 -21.15 4.09
N ILE A 55 -4.63 -22.14 3.60
CA ILE A 55 -5.66 -22.86 4.38
C ILE A 55 -6.65 -21.89 5.04
N ASN A 56 -6.76 -20.71 4.44
CA ASN A 56 -7.64 -19.66 4.95
C ASN A 56 -8.07 -18.78 3.79
N TYR A 57 -9.10 -19.21 3.07
CA TYR A 57 -9.58 -18.49 1.91
C TYR A 57 -11.09 -18.43 1.93
N THR A 58 -11.65 -17.39 1.32
CA THR A 58 -13.09 -17.30 1.14
C THR A 58 -13.60 -18.51 0.37
N GLU A 59 -14.74 -19.05 0.80
CA GLU A 59 -15.35 -20.16 0.09
C GLU A 59 -15.63 -19.76 -1.35
N SER A 60 -15.91 -18.47 -1.53
CA SER A 60 -16.11 -17.92 -2.86
C SER A 60 -14.79 -17.91 -3.63
N GLU A 61 -13.67 -17.86 -2.91
CA GLU A 61 -12.36 -17.93 -3.55
C GLU A 61 -12.02 -19.38 -3.88
N LEU A 62 -12.27 -20.27 -2.93
CA LEU A 62 -11.99 -21.70 -3.07
C LEU A 62 -12.94 -22.35 -4.07
N LYS A 63 -14.08 -21.71 -4.30
CA LYS A 63 -15.12 -22.23 -5.18
C LYS A 63 -14.63 -22.31 -6.62
N GLY A 64 -13.81 -21.33 -7.02
CA GLY A 64 -13.35 -21.28 -8.38
C GLY A 64 -11.91 -21.75 -8.53
N MET A 65 -11.58 -22.83 -7.85
CA MET A 65 -10.23 -23.38 -7.90
C MET A 65 -10.24 -24.79 -8.48
N ASN A 66 -9.06 -25.27 -8.83
CA ASN A 66 -8.90 -26.64 -9.31
C ASN A 66 -8.77 -27.57 -8.11
N LYS A 67 -8.97 -28.86 -8.32
CA LYS A 67 -8.90 -29.82 -7.23
C LYS A 67 -7.46 -29.92 -6.71
N ALA A 68 -6.49 -29.87 -7.62
CA ALA A 68 -5.07 -29.98 -7.27
C ALA A 68 -4.62 -28.82 -6.40
N GLU A 69 -5.21 -27.65 -6.62
CA GLU A 69 -4.87 -26.47 -5.84
C GLU A 69 -5.25 -26.69 -4.37
N HIS A 70 -6.48 -27.13 -4.14
CA HIS A 70 -6.91 -27.52 -2.80
C HIS A 70 -5.98 -28.56 -2.19
N GLU A 71 -5.62 -29.55 -3.00
CA GLU A 71 -4.72 -30.61 -2.57
C GLU A 71 -3.39 -30.03 -2.10
N SER A 72 -2.86 -29.08 -2.85
CA SER A 72 -1.61 -28.43 -2.50
C SER A 72 -1.76 -27.62 -1.21
N ILE A 73 -2.85 -26.86 -1.12
CA ILE A 73 -3.10 -26.01 0.05
C ILE A 73 -3.12 -26.83 1.34
N ILE A 74 -4.03 -27.79 1.41
CA ILE A 74 -4.25 -28.52 2.64
C ILE A 74 -3.09 -29.49 2.93
N SER A 75 -2.35 -29.85 1.89
CA SER A 75 -1.16 -30.68 2.09
C SER A 75 -0.11 -29.90 2.87
N ASN A 76 -0.03 -28.59 2.62
CA ASN A 76 0.87 -27.71 3.36
C ASN A 76 0.38 -27.56 4.79
N LEU A 77 -0.93 -27.60 4.97
CA LEU A 77 -1.53 -27.61 6.30
C LEU A 77 -1.11 -28.87 7.07
N GLY A 78 -1.03 -29.98 6.35
CA GLY A 78 -0.69 -31.24 6.98
C GLY A 78 -1.83 -32.23 6.90
N ARG A 79 -2.65 -32.10 5.87
CA ARG A 79 -3.77 -33.01 5.64
C ARG A 79 -4.06 -33.11 4.16
N ASN A 80 -3.63 -34.19 3.53
CA ASN A 80 -3.85 -34.35 2.10
C ASN A 80 -5.31 -34.71 1.83
N PRO A 81 -6.04 -33.84 1.11
CA PRO A 81 -7.47 -34.01 0.84
C PRO A 81 -7.74 -34.99 -0.29
N SER A 82 -6.84 -35.95 -0.45
CA SER A 82 -6.95 -36.96 -1.48
C SER A 82 -8.13 -37.89 -1.19
N ASP A 83 -8.59 -37.87 0.05
CA ASP A 83 -9.71 -38.70 0.47
C ASP A 83 -11.04 -38.04 0.11
N PHE A 84 -11.03 -36.72 0.04
CA PHE A 84 -12.23 -35.96 -0.30
C PHE A 84 -12.40 -35.94 -1.82
N LYS A 85 -13.40 -36.67 -2.30
CA LYS A 85 -13.60 -36.83 -3.73
C LYS A 85 -14.12 -35.55 -4.39
N ASN A 86 -15.02 -34.86 -3.72
CA ASN A 86 -15.58 -33.64 -4.27
C ASN A 86 -14.77 -32.43 -3.81
N ALA A 87 -15.01 -31.29 -4.45
CA ALA A 87 -14.27 -30.08 -4.13
C ALA A 87 -14.94 -29.35 -2.97
N ASP A 88 -16.23 -29.60 -2.77
CA ASP A 88 -17.00 -28.92 -1.73
C ASP A 88 -16.46 -29.24 -0.34
N GLU A 89 -16.24 -30.52 -0.06
CA GLU A 89 -15.66 -30.93 1.22
C GLU A 89 -14.30 -30.30 1.42
N ARG A 90 -13.56 -30.14 0.33
CA ARG A 90 -12.24 -29.52 0.39
C ARG A 90 -12.37 -28.06 0.77
N ILE A 91 -13.41 -27.40 0.25
CA ILE A 91 -13.69 -26.02 0.59
C ILE A 91 -14.12 -25.92 2.06
N ALA A 92 -14.99 -26.83 2.46
CA ALA A 92 -15.50 -26.87 3.82
C ALA A 92 -14.38 -27.07 4.84
N TYR A 93 -13.46 -27.98 4.53
CA TYR A 93 -12.36 -28.25 5.45
C TYR A 93 -11.45 -27.04 5.58
N ILE A 94 -11.24 -26.31 4.48
CA ILE A 94 -10.42 -25.11 4.53
C ILE A 94 -11.12 -24.03 5.36
N LEU A 95 -12.44 -23.98 5.26
CA LEU A 95 -13.24 -23.08 6.09
C LEU A 95 -13.10 -23.44 7.57
N LYS A 96 -12.82 -24.71 7.84
CA LYS A 96 -12.70 -25.21 9.21
C LYS A 96 -11.54 -24.54 9.95
N GLN A 97 -10.49 -24.16 9.22
CA GLN A 97 -9.37 -23.45 9.84
C GLN A 97 -9.74 -21.99 10.10
N ILE A 98 -10.58 -21.44 9.23
CA ILE A 98 -11.10 -20.09 9.44
C ILE A 98 -12.01 -20.07 10.66
N ASP A 99 -12.72 -21.17 10.87
CA ASP A 99 -13.58 -21.35 12.04
C ASP A 99 -12.75 -21.34 13.32
N ASN A 100 -11.50 -21.79 13.21
CA ASN A 100 -10.58 -21.81 14.33
C ASN A 100 -9.87 -20.47 14.48
N LYS A 101 -9.23 -20.03 13.40
CA LYS A 101 -8.49 -18.79 13.42
C LYS A 101 -9.28 -17.68 12.74
N GLY A 102 -9.91 -16.85 13.57
CA GLY A 102 -10.75 -15.79 13.09
C GLY A 102 -11.88 -15.53 14.04
N GLU A 103 -12.72 -16.54 14.25
CA GLU A 103 -13.80 -16.46 15.21
C GLU A 103 -14.32 -17.85 15.56
N LEU A 104 -13.76 -18.43 16.61
CA LEU A 104 -14.27 -19.69 17.13
C LEU A 104 -15.36 -19.42 18.17
N GLU A 105 -15.24 -18.25 18.80
CA GLU A 105 -16.29 -17.76 19.68
C GLU A 105 -17.08 -16.70 18.95
N HIS A 106 -18.24 -17.09 18.42
CA HIS A 106 -19.02 -16.22 17.56
C HIS A 106 -19.50 -14.97 18.30
N HIS A 107 -19.10 -13.82 17.77
CA HIS A 107 -19.53 -12.55 18.31
C HIS A 107 -20.76 -12.09 17.53
N HIS A 108 -21.56 -11.20 18.11
CA HIS A 108 -22.66 -10.62 17.35
C HIS A 108 -22.20 -9.33 16.69
N HIS A 109 -21.32 -9.50 15.71
CA HIS A 109 -20.70 -8.39 15.01
C HIS A 109 -21.14 -8.41 13.55
N HIS A 110 -21.01 -9.59 12.94
CA HIS A 110 -21.49 -9.81 11.57
C HIS A 110 -22.92 -10.31 11.61
N HIS A 111 -23.26 -11.00 12.69
CA HIS A 111 -24.60 -11.55 12.87
C HIS A 111 -24.78 -11.99 14.31
N MET A 1 -0.08 2.03 5.35
CA MET A 1 -1.26 1.45 4.67
C MET A 1 -2.37 1.13 5.68
N PHE A 2 -3.13 2.15 6.04
CA PHE A 2 -4.21 2.00 7.00
C PHE A 2 -5.53 2.45 6.39
N THR A 3 -6.45 1.53 6.20
CA THR A 3 -7.76 1.86 5.65
C THR A 3 -8.85 1.72 6.70
N ALA A 4 -9.58 2.81 6.92
CA ALA A 4 -10.66 2.82 7.90
C ALA A 4 -12.00 2.88 7.19
N LYS A 5 -12.88 1.97 7.53
CA LYS A 5 -14.20 1.91 6.91
C LYS A 5 -15.29 2.06 7.96
N LEU A 6 -16.09 3.11 7.84
CA LEU A 6 -17.22 3.33 8.73
C LEU A 6 -18.27 2.25 8.48
N ILE A 7 -18.69 1.57 9.53
CA ILE A 7 -19.60 0.44 9.40
C ILE A 7 -20.93 0.69 10.10
N LYS A 8 -20.89 1.43 11.19
CA LYS A 8 -22.08 1.69 11.98
C LYS A 8 -22.46 3.16 11.88
N GLY A 9 -23.47 3.45 11.08
CA GLY A 9 -23.88 4.82 10.89
C GLY A 9 -24.26 5.12 9.46
N LYS A 10 -23.55 6.05 8.84
CA LYS A 10 -23.89 6.53 7.51
C LYS A 10 -22.84 7.53 7.05
N THR A 11 -22.78 8.67 7.74
CA THR A 11 -21.78 9.68 7.45
C THR A 11 -21.23 10.24 8.76
N TYR A 12 -19.91 10.17 8.93
CA TYR A 12 -19.26 10.57 10.16
C TYR A 12 -18.14 11.55 9.85
N ASN A 13 -17.89 12.50 10.76
CA ASN A 13 -16.87 13.52 10.53
C ASN A 13 -15.80 13.45 11.61
N VAL A 14 -14.57 13.15 11.21
CA VAL A 14 -13.46 13.11 12.15
C VAL A 14 -12.45 14.20 11.81
N MET A 15 -12.50 15.29 12.58
CA MET A 15 -11.58 16.42 12.41
C MET A 15 -11.75 17.08 11.05
N GLY A 16 -11.04 16.56 10.05
CA GLY A 16 -11.12 17.11 8.72
C GLY A 16 -11.37 16.05 7.67
N ILE A 17 -11.66 14.83 8.13
CA ILE A 17 -11.91 13.72 7.22
C ILE A 17 -13.33 13.19 7.41
N THR A 18 -14.08 13.11 6.32
CA THR A 18 -15.43 12.61 6.37
C THR A 18 -15.49 11.15 5.92
N PHE A 19 -16.10 10.32 6.74
CA PHE A 19 -16.22 8.89 6.46
C PHE A 19 -17.66 8.54 6.12
N ARG A 20 -17.83 7.68 5.13
CA ARG A 20 -19.16 7.20 4.77
C ARG A 20 -19.23 5.70 4.99
N ALA A 21 -20.38 5.23 5.47
CA ALA A 21 -20.60 3.81 5.71
C ALA A 21 -20.34 2.97 4.47
N GLY A 22 -19.35 2.09 4.56
CA GLY A 22 -19.05 1.21 3.44
C GLY A 22 -17.86 1.67 2.62
N VAL A 23 -17.26 2.79 3.01
CA VAL A 23 -16.11 3.32 2.29
C VAL A 23 -14.83 3.17 3.10
N SER A 24 -13.91 2.37 2.59
CA SER A 24 -12.60 2.22 3.20
C SER A 24 -11.69 3.37 2.78
N GLN A 25 -11.43 4.28 3.69
CA GLN A 25 -10.64 5.47 3.39
C GLN A 25 -9.29 5.39 4.08
N THR A 26 -8.24 5.81 3.38
CA THR A 26 -6.91 5.84 3.93
C THR A 26 -6.77 6.96 4.96
N VAL A 27 -6.45 6.59 6.19
CA VAL A 27 -6.37 7.54 7.28
C VAL A 27 -4.95 7.71 7.78
N PRO A 28 -4.68 8.85 8.44
CA PRO A 28 -3.40 9.07 9.11
C PRO A 28 -3.18 8.06 10.24
N LYS A 29 -1.93 7.75 10.51
CA LYS A 29 -1.57 6.76 11.52
C LYS A 29 -2.10 7.13 12.89
N LYS A 30 -2.23 8.43 13.14
CA LYS A 30 -2.81 8.91 14.39
C LYS A 30 -4.28 8.53 14.50
N LEU A 31 -5.00 8.72 13.40
CA LEU A 31 -6.44 8.49 13.39
C LEU A 31 -6.77 7.00 13.33
N TYR A 32 -5.80 6.20 12.88
CA TYR A 32 -5.98 4.75 12.85
C TYR A 32 -6.23 4.22 14.26
N GLU A 33 -5.39 4.65 15.21
CA GLU A 33 -5.55 4.26 16.59
C GLU A 33 -6.74 4.97 17.21
N TYR A 34 -6.94 6.22 16.80
CA TYR A 34 -8.06 7.03 17.26
C TYR A 34 -9.39 6.36 16.93
N LEU A 35 -9.42 5.61 15.85
CA LEU A 35 -10.61 4.89 15.44
C LEU A 35 -10.59 3.45 15.96
N ASN A 36 -9.43 2.98 16.38
CA ASN A 36 -9.31 1.64 16.96
C ASN A 36 -10.00 1.61 18.31
N GLU A 37 -9.99 2.75 18.98
CA GLU A 37 -10.68 2.93 20.25
C GLU A 37 -12.12 3.39 20.02
N ASN A 38 -12.52 3.42 18.76
CA ASN A 38 -13.83 3.92 18.38
C ASN A 38 -14.67 2.77 17.80
N PRO A 39 -15.65 2.29 18.57
CA PRO A 39 -16.33 1.01 18.31
C PRO A 39 -17.37 1.04 17.18
N TYR A 40 -17.07 1.72 16.08
CA TYR A 40 -17.94 1.67 14.90
C TYR A 40 -17.17 1.83 13.60
N PHE A 41 -15.90 1.46 13.62
CA PHE A 41 -15.09 1.45 12.40
C PHE A 41 -14.44 0.09 12.23
N ILE A 42 -14.41 -0.41 11.01
CA ILE A 42 -13.59 -1.57 10.69
C ILE A 42 -12.28 -1.12 10.08
N LEU A 43 -11.21 -1.35 10.82
CA LEU A 43 -9.89 -0.90 10.44
C LEU A 43 -9.10 -2.05 9.82
N THR A 44 -8.91 -1.97 8.52
CA THR A 44 -8.15 -2.96 7.80
C THR A 44 -6.75 -2.42 7.47
N GLN A 45 -5.74 -3.05 8.05
CA GLN A 45 -4.37 -2.71 7.74
C GLN A 45 -3.90 -3.57 6.58
N GLU A 46 -3.22 -2.96 5.62
CA GLU A 46 -2.80 -3.65 4.42
C GLU A 46 -1.33 -4.01 4.52
N LEU A 47 -1.07 -5.30 4.68
CA LEU A 47 0.29 -5.76 4.92
C LEU A 47 0.84 -6.47 3.70
N ASN A 48 1.59 -5.74 2.88
CA ASN A 48 2.29 -6.34 1.76
C ASN A 48 3.72 -6.62 2.18
N ASN A 49 3.90 -7.63 3.00
CA ASN A 49 5.21 -7.98 3.53
C ASN A 49 5.95 -8.85 2.53
N GLN A 50 5.43 -10.05 2.31
CA GLN A 50 6.00 -10.96 1.33
C GLN A 50 4.91 -11.73 0.61
N LYS A 51 5.02 -11.74 -0.71
CA LYS A 51 4.09 -12.45 -1.56
C LYS A 51 4.71 -12.62 -2.94
N ASP A 52 4.59 -13.82 -3.49
CA ASP A 52 4.97 -14.11 -4.88
C ASP A 52 6.48 -14.27 -5.04
N ASP A 53 6.86 -15.29 -5.80
CA ASP A 53 8.26 -15.50 -6.18
C ASP A 53 8.44 -15.06 -7.63
N PRO A 54 9.07 -13.89 -7.87
CA PRO A 54 9.15 -13.27 -9.20
C PRO A 54 10.13 -13.97 -10.14
N ILE A 55 10.17 -15.29 -10.08
CA ILE A 55 11.00 -16.09 -10.98
C ILE A 55 10.72 -17.58 -10.73
N ASN A 56 9.49 -17.88 -10.33
CA ASN A 56 9.10 -19.23 -9.94
C ASN A 56 7.58 -19.39 -10.03
N TYR A 57 7.12 -19.88 -11.16
CA TYR A 57 5.69 -20.06 -11.38
C TYR A 57 5.43 -21.40 -12.07
N THR A 58 4.22 -21.91 -11.92
CA THR A 58 3.81 -23.11 -12.63
C THR A 58 3.82 -22.86 -14.12
N GLU A 59 4.39 -23.79 -14.89
CA GLU A 59 4.45 -23.65 -16.33
C GLU A 59 3.04 -23.54 -16.90
N SER A 60 2.10 -24.24 -16.27
CA SER A 60 0.70 -24.14 -16.64
C SER A 60 0.16 -22.76 -16.29
N GLU A 61 0.69 -22.14 -15.23
CA GLU A 61 0.26 -20.79 -14.87
C GLU A 61 0.82 -19.79 -15.88
N LEU A 62 2.04 -20.04 -16.32
CA LEU A 62 2.74 -19.16 -17.24
C LEU A 62 2.24 -19.34 -18.67
N LYS A 63 1.52 -20.42 -18.92
CA LYS A 63 0.92 -20.67 -20.24
C LYS A 63 -0.24 -19.73 -20.49
N GLY A 64 -1.00 -19.43 -19.44
CA GLY A 64 -2.16 -18.57 -19.60
C GLY A 64 -1.82 -17.10 -19.50
N MET A 65 -0.68 -16.73 -20.08
CA MET A 65 -0.20 -15.35 -20.03
C MET A 65 0.33 -14.94 -21.40
N ASN A 66 0.65 -13.67 -21.54
CA ASN A 66 1.32 -13.18 -22.75
C ASN A 66 2.73 -12.72 -22.40
N LYS A 67 3.31 -11.86 -23.23
CA LYS A 67 4.69 -11.45 -23.02
C LYS A 67 4.83 -10.58 -21.76
N ALA A 68 3.89 -9.66 -21.56
CA ALA A 68 4.00 -8.64 -20.52
C ALA A 68 4.24 -9.23 -19.13
N GLU A 69 3.38 -10.17 -18.74
CA GLU A 69 3.51 -10.85 -17.45
C GLU A 69 4.92 -11.41 -17.29
N HIS A 70 5.33 -12.24 -18.24
CA HIS A 70 6.63 -12.88 -18.19
C HIS A 70 7.77 -11.87 -18.15
N GLU A 71 7.68 -10.84 -18.98
CA GLU A 71 8.75 -9.87 -19.08
C GLU A 71 8.96 -9.13 -17.77
N SER A 72 7.86 -8.75 -17.11
CA SER A 72 7.95 -8.08 -15.82
C SER A 72 8.55 -9.02 -14.77
N ILE A 73 8.23 -10.32 -14.89
CA ILE A 73 8.79 -11.34 -14.01
C ILE A 73 10.32 -11.37 -14.10
N ILE A 74 10.83 -11.57 -15.30
CA ILE A 74 12.28 -11.72 -15.48
C ILE A 74 12.98 -10.38 -15.30
N SER A 75 12.23 -9.29 -15.35
CA SER A 75 12.78 -7.97 -15.03
C SER A 75 13.12 -7.92 -13.54
N ASN A 76 12.28 -8.56 -12.73
CA ASN A 76 12.56 -8.70 -11.30
C ASN A 76 13.78 -9.58 -11.09
N LEU A 77 13.95 -10.58 -11.96
CA LEU A 77 15.15 -11.40 -11.96
C LEU A 77 16.37 -10.54 -12.28
N GLY A 78 16.18 -9.61 -13.21
CA GLY A 78 17.25 -8.74 -13.63
C GLY A 78 17.82 -9.14 -14.98
N ARG A 79 17.01 -9.82 -15.77
CA ARG A 79 17.44 -10.28 -17.08
C ARG A 79 16.41 -9.93 -18.15
N ASN A 80 16.85 -9.25 -19.19
CA ASN A 80 15.97 -8.87 -20.28
C ASN A 80 15.62 -10.08 -21.15
N PRO A 81 14.35 -10.23 -21.54
CA PRO A 81 13.91 -11.28 -22.46
C PRO A 81 14.21 -10.91 -23.92
N SER A 82 15.44 -10.49 -24.16
CA SER A 82 15.87 -9.91 -25.42
C SER A 82 15.47 -10.76 -26.63
N ASP A 83 15.84 -12.03 -26.63
CA ASP A 83 15.61 -12.87 -27.81
C ASP A 83 14.47 -13.85 -27.56
N PHE A 84 13.58 -13.50 -26.66
CA PHE A 84 12.40 -14.31 -26.40
C PHE A 84 11.17 -13.63 -26.96
N LYS A 85 10.49 -14.29 -27.88
CA LYS A 85 9.36 -13.69 -28.57
C LYS A 85 8.07 -14.44 -28.23
N ASN A 86 8.17 -15.74 -28.02
CA ASN A 86 7.01 -16.56 -27.70
C ASN A 86 6.86 -16.68 -26.18
N ALA A 87 5.73 -17.22 -25.74
CA ALA A 87 5.47 -17.40 -24.32
C ALA A 87 6.32 -18.55 -23.77
N ASP A 88 6.40 -19.63 -24.55
CA ASP A 88 7.14 -20.84 -24.14
C ASP A 88 8.59 -20.54 -23.83
N GLU A 89 9.23 -19.75 -24.70
CA GLU A 89 10.63 -19.38 -24.54
C GLU A 89 10.84 -18.67 -23.20
N ARG A 90 9.88 -17.84 -22.82
CA ARG A 90 9.93 -17.13 -21.56
C ARG A 90 9.65 -18.08 -20.39
N ILE A 91 8.83 -19.09 -20.64
CA ILE A 91 8.53 -20.10 -19.63
C ILE A 91 9.77 -20.93 -19.34
N ALA A 92 10.42 -21.37 -20.41
CA ALA A 92 11.64 -22.17 -20.30
C ALA A 92 12.70 -21.46 -19.47
N TYR A 93 12.88 -20.17 -19.72
CA TYR A 93 13.89 -19.39 -19.00
C TYR A 93 13.53 -19.29 -17.52
N ILE A 94 12.25 -19.10 -17.22
CA ILE A 94 11.80 -19.01 -15.85
C ILE A 94 11.95 -20.36 -15.15
N LEU A 95 11.56 -21.44 -15.83
CA LEU A 95 11.69 -22.78 -15.27
C LEU A 95 13.14 -23.15 -15.02
N LYS A 96 14.02 -22.78 -15.95
CA LYS A 96 15.45 -23.04 -15.78
C LYS A 96 16.01 -22.24 -14.61
N GLN A 97 15.40 -21.10 -14.32
CA GLN A 97 15.84 -20.26 -13.22
C GLN A 97 15.31 -20.79 -11.89
N ILE A 98 14.27 -21.62 -11.97
CA ILE A 98 13.77 -22.32 -10.79
C ILE A 98 14.74 -23.45 -10.43
N ASP A 99 15.21 -24.15 -11.45
CA ASP A 99 16.19 -25.21 -11.27
C ASP A 99 17.51 -24.63 -10.78
N ASN A 100 17.96 -23.58 -11.46
CA ASN A 100 19.22 -22.94 -11.13
C ASN A 100 19.03 -21.84 -10.11
N LYS A 101 18.04 -22.02 -9.22
CA LYS A 101 17.79 -21.07 -8.15
C LYS A 101 18.97 -21.07 -7.18
N GLY A 102 19.56 -22.24 -7.01
CA GLY A 102 20.79 -22.36 -6.24
C GLY A 102 20.56 -22.77 -4.80
N GLU A 103 20.73 -21.82 -3.89
CA GLU A 103 20.64 -22.04 -2.46
C GLU A 103 21.78 -22.91 -1.93
N LEU A 104 22.91 -22.28 -1.66
CA LEU A 104 24.01 -22.93 -0.96
C LEU A 104 24.15 -22.30 0.41
N GLU A 105 24.06 -23.10 1.46
CA GLU A 105 24.11 -22.58 2.81
C GLU A 105 25.54 -22.27 3.24
N HIS A 106 25.78 -21.02 3.56
CA HIS A 106 27.11 -20.53 3.94
C HIS A 106 27.27 -20.65 5.45
N HIS A 107 26.40 -21.44 6.06
CA HIS A 107 26.34 -21.54 7.51
C HIS A 107 27.29 -22.60 8.04
N HIS A 108 27.61 -23.60 7.23
CA HIS A 108 28.50 -24.66 7.68
C HIS A 108 29.95 -24.24 7.54
N HIS A 109 30.62 -24.10 8.69
CA HIS A 109 32.02 -23.69 8.70
C HIS A 109 32.92 -24.92 8.65
N HIS A 110 32.34 -26.07 8.93
CA HIS A 110 33.09 -27.32 8.92
C HIS A 110 33.09 -27.94 7.53
N HIS A 111 34.24 -28.45 7.11
CA HIS A 111 34.33 -29.14 5.85
C HIS A 111 34.96 -30.52 6.06
N MET A 1 -2.72 -0.81 2.75
CA MET A 1 -2.62 0.48 3.49
C MET A 1 -3.32 0.37 4.84
N PHE A 2 -3.35 1.47 5.60
CA PHE A 2 -4.11 1.53 6.83
C PHE A 2 -5.45 2.17 6.53
N THR A 3 -6.50 1.37 6.55
CA THR A 3 -7.79 1.82 6.07
C THR A 3 -8.82 1.83 7.19
N ALA A 4 -9.58 2.90 7.27
CA ALA A 4 -10.67 3.00 8.21
C ALA A 4 -11.98 3.26 7.47
N LYS A 5 -12.92 2.34 7.60
CA LYS A 5 -14.19 2.49 6.92
C LYS A 5 -15.32 2.54 7.93
N LEU A 6 -16.14 3.58 7.84
CA LEU A 6 -17.29 3.73 8.71
C LEU A 6 -18.29 2.61 8.43
N ILE A 7 -18.65 1.87 9.46
CA ILE A 7 -19.57 0.76 9.31
C ILE A 7 -20.91 1.04 9.98
N LYS A 8 -20.88 1.82 11.06
CA LYS A 8 -22.09 2.13 11.79
C LYS A 8 -22.24 3.63 11.98
N GLY A 9 -23.24 4.21 11.31
CA GLY A 9 -23.49 5.64 11.43
C GLY A 9 -23.83 6.28 10.11
N LYS A 10 -23.58 5.54 9.02
CA LYS A 10 -23.85 6.01 7.64
C LYS A 10 -22.86 7.11 7.21
N THR A 11 -22.71 8.13 8.03
CA THR A 11 -21.78 9.21 7.75
C THR A 11 -21.25 9.81 9.05
N TYR A 12 -19.94 9.93 9.16
CA TYR A 12 -19.29 10.48 10.34
C TYR A 12 -17.91 11.01 9.97
N ASN A 13 -17.61 12.25 10.34
CA ASN A 13 -16.33 12.85 9.97
C ASN A 13 -15.46 13.03 11.20
N VAL A 14 -14.15 12.89 11.01
CA VAL A 14 -13.19 13.08 12.09
C VAL A 14 -12.10 14.05 11.66
N MET A 15 -12.24 15.31 12.08
CA MET A 15 -11.26 16.36 11.83
C MET A 15 -11.01 16.55 10.33
N GLY A 16 -12.08 16.69 9.57
CA GLY A 16 -11.96 16.95 8.15
C GLY A 16 -12.11 15.69 7.32
N ILE A 17 -11.61 14.57 7.84
CA ILE A 17 -11.72 13.30 7.13
C ILE A 17 -13.11 12.71 7.34
N THR A 18 -13.91 12.73 6.29
CA THR A 18 -15.28 12.24 6.37
C THR A 18 -15.34 10.75 6.01
N PHE A 19 -15.94 9.97 6.90
CA PHE A 19 -16.13 8.55 6.68
C PHE A 19 -17.59 8.25 6.40
N ARG A 20 -17.86 7.28 5.55
CA ARG A 20 -19.22 6.88 5.24
C ARG A 20 -19.36 5.37 5.28
N ALA A 21 -20.58 4.91 5.54
CA ALA A 21 -20.88 3.48 5.58
C ALA A 21 -20.59 2.82 4.24
N GLY A 22 -19.50 2.08 4.19
CA GLY A 22 -19.13 1.38 2.98
C GLY A 22 -18.08 2.12 2.17
N VAL A 23 -17.49 3.14 2.76
CA VAL A 23 -16.44 3.91 2.09
C VAL A 23 -15.12 3.79 2.83
N SER A 24 -14.19 3.05 2.25
CA SER A 24 -12.87 2.85 2.83
C SER A 24 -12.01 4.09 2.68
N GLN A 25 -11.55 4.62 3.80
CA GLN A 25 -10.77 5.86 3.80
C GLN A 25 -9.40 5.62 4.42
N THR A 26 -8.35 6.02 3.72
CA THR A 26 -7.00 5.93 4.25
C THR A 26 -6.77 7.01 5.31
N VAL A 27 -6.26 6.59 6.46
CA VAL A 27 -6.12 7.48 7.60
C VAL A 27 -4.66 7.59 8.04
N PRO A 28 -4.30 8.72 8.66
CA PRO A 28 -2.99 8.89 9.29
C PRO A 28 -2.85 7.97 10.50
N LYS A 29 -1.61 7.81 10.97
CA LYS A 29 -1.33 6.91 12.10
C LYS A 29 -2.06 7.37 13.35
N LYS A 30 -2.28 8.68 13.46
CA LYS A 30 -3.02 9.25 14.58
C LYS A 30 -4.47 8.78 14.56
N LEU A 31 -5.10 8.91 13.40
CA LEU A 31 -6.52 8.58 13.27
C LEU A 31 -6.75 7.07 13.32
N TYR A 32 -5.76 6.31 12.88
CA TYR A 32 -5.86 4.86 12.96
C TYR A 32 -6.13 4.42 14.39
N GLU A 33 -5.32 4.90 15.32
CA GLU A 33 -5.49 4.54 16.73
C GLU A 33 -6.69 5.28 17.34
N TYR A 34 -6.93 6.49 16.82
CA TYR A 34 -8.04 7.31 17.30
C TYR A 34 -9.37 6.60 17.04
N LEU A 35 -9.43 5.84 15.94
CA LEU A 35 -10.60 5.06 15.61
C LEU A 35 -10.44 3.61 16.03
N ASN A 36 -9.22 3.23 16.39
CA ASN A 36 -8.95 1.91 16.94
C ASN A 36 -9.70 1.73 18.24
N GLU A 37 -9.81 2.82 18.99
CA GLU A 37 -10.57 2.82 20.23
C GLU A 37 -12.04 3.14 19.98
N ASN A 38 -12.45 3.08 18.72
CA ASN A 38 -13.85 3.31 18.33
C ASN A 38 -14.45 2.04 17.72
N PRO A 39 -15.55 1.53 18.30
CA PRO A 39 -16.15 0.27 17.88
C PRO A 39 -17.18 0.40 16.76
N TYR A 40 -17.12 1.48 15.98
CA TYR A 40 -18.05 1.66 14.88
C TYR A 40 -17.33 1.94 13.57
N PHE A 41 -16.07 1.54 13.51
CA PHE A 41 -15.29 1.60 12.27
C PHE A 41 -14.66 0.24 12.02
N ILE A 42 -14.54 -0.13 10.75
CA ILE A 42 -13.79 -1.32 10.42
C ILE A 42 -12.37 -0.91 10.00
N LEU A 43 -11.39 -1.47 10.67
CA LEU A 43 -10.01 -1.13 10.43
C LEU A 43 -9.35 -2.18 9.57
N THR A 44 -9.09 -1.81 8.33
CA THR A 44 -8.56 -2.72 7.35
C THR A 44 -7.06 -2.50 7.19
N GLN A 45 -6.27 -3.43 7.71
CA GLN A 45 -4.84 -3.31 7.71
C GLN A 45 -4.22 -4.27 6.72
N GLU A 46 -3.68 -3.75 5.64
CA GLU A 46 -3.08 -4.61 4.64
C GLU A 46 -1.56 -4.59 4.78
N LEU A 47 -1.04 -5.66 5.33
CA LEU A 47 0.40 -5.85 5.41
C LEU A 47 0.80 -7.12 4.66
N ASN A 48 1.22 -6.97 3.41
CA ASN A 48 1.68 -8.10 2.64
C ASN A 48 3.10 -7.85 2.14
N ASN A 49 4.06 -8.30 2.93
CA ASN A 49 5.45 -8.12 2.58
C ASN A 49 5.93 -9.23 1.66
N GLN A 50 5.86 -8.98 0.36
CA GLN A 50 6.34 -9.93 -0.63
C GLN A 50 7.55 -9.37 -1.37
N LYS A 51 7.86 -8.10 -1.10
CA LYS A 51 8.99 -7.42 -1.73
C LYS A 51 9.89 -6.77 -0.68
N ASP A 52 10.92 -7.50 -0.28
CA ASP A 52 11.98 -6.94 0.57
C ASP A 52 13.33 -7.50 0.15
N ASP A 53 13.31 -8.30 -0.90
CA ASP A 53 14.51 -8.96 -1.41
C ASP A 53 15.18 -8.07 -2.45
N PRO A 54 16.48 -7.78 -2.28
CA PRO A 54 17.26 -7.01 -3.25
C PRO A 54 17.44 -7.75 -4.57
N ILE A 55 18.19 -7.15 -5.50
CA ILE A 55 18.44 -7.72 -6.84
C ILE A 55 17.13 -8.16 -7.51
N ASN A 56 16.03 -7.55 -7.11
CA ASN A 56 14.71 -7.90 -7.62
C ASN A 56 13.88 -6.63 -7.79
N TYR A 57 13.87 -6.11 -9.01
CA TYR A 57 13.13 -4.90 -9.32
C TYR A 57 12.47 -5.04 -10.68
N THR A 58 11.49 -4.20 -10.95
CA THR A 58 10.83 -4.19 -12.25
C THR A 58 11.84 -3.83 -13.33
N GLU A 59 11.85 -4.58 -14.43
CA GLU A 59 12.81 -4.28 -15.49
C GLU A 59 12.51 -2.92 -16.11
N SER A 60 11.21 -2.58 -16.16
CA SER A 60 10.78 -1.27 -16.62
C SER A 60 11.18 -0.22 -15.59
N GLU A 61 11.33 -0.64 -14.35
CA GLU A 61 11.73 0.23 -13.26
C GLU A 61 13.25 0.42 -13.28
N LEU A 62 13.95 -0.64 -13.64
CA LEU A 62 15.40 -0.59 -13.78
C LEU A 62 15.79 -0.05 -15.15
N LYS A 63 14.78 0.15 -16.00
CA LYS A 63 14.99 0.72 -17.33
C LYS A 63 15.47 2.15 -17.21
N GLY A 64 15.09 2.79 -16.11
CA GLY A 64 15.61 4.11 -15.80
C GLY A 64 16.72 4.03 -14.79
N MET A 65 16.52 4.68 -13.64
CA MET A 65 17.45 4.58 -12.51
C MET A 65 18.84 5.09 -12.88
N ASN A 66 19.84 4.64 -12.12
CA ASN A 66 21.23 5.01 -12.35
C ASN A 66 22.05 3.75 -12.53
N LYS A 67 23.22 3.86 -13.16
CA LYS A 67 24.14 2.74 -13.27
C LYS A 67 24.67 2.38 -11.89
N ALA A 68 24.90 3.40 -11.07
CA ALA A 68 25.41 3.22 -9.71
C ALA A 68 24.45 2.41 -8.86
N GLU A 69 23.16 2.57 -9.14
CA GLU A 69 22.15 1.77 -8.45
C GLU A 69 22.36 0.30 -8.78
N HIS A 70 22.35 -0.02 -10.08
CA HIS A 70 22.63 -1.38 -10.55
C HIS A 70 23.93 -1.90 -9.96
N GLU A 71 24.94 -1.03 -9.90
CA GLU A 71 26.22 -1.37 -9.27
C GLU A 71 25.99 -1.93 -7.87
N SER A 72 25.46 -1.09 -6.99
CA SER A 72 25.22 -1.48 -5.60
C SER A 72 24.32 -2.71 -5.52
N ILE A 73 23.26 -2.71 -6.32
CA ILE A 73 22.29 -3.81 -6.34
C ILE A 73 22.98 -5.16 -6.57
N ILE A 74 23.71 -5.28 -7.67
CA ILE A 74 24.25 -6.58 -8.05
C ILE A 74 25.55 -6.86 -7.28
N SER A 75 26.18 -5.81 -6.77
CA SER A 75 27.34 -5.99 -5.91
C SER A 75 26.92 -6.60 -4.58
N ASN A 76 25.71 -6.27 -4.13
CA ASN A 76 25.15 -6.87 -2.93
C ASN A 76 24.71 -8.30 -3.23
N LEU A 77 24.37 -8.56 -4.49
CA LEU A 77 24.11 -9.92 -4.95
C LEU A 77 25.38 -10.76 -4.89
N GLY A 78 26.53 -10.10 -5.07
CA GLY A 78 27.80 -10.78 -5.02
C GLY A 78 28.45 -10.89 -6.38
N ARG A 79 27.89 -10.20 -7.36
CA ARG A 79 28.42 -10.24 -8.71
C ARG A 79 28.51 -8.81 -9.26
N ASN A 80 29.68 -8.23 -9.18
CA ASN A 80 29.89 -6.85 -9.60
C ASN A 80 29.74 -6.71 -11.12
N PRO A 81 28.96 -5.72 -11.57
CA PRO A 81 28.72 -5.49 -12.99
C PRO A 81 29.76 -4.56 -13.61
N SER A 82 31.00 -5.03 -13.65
CA SER A 82 32.08 -4.25 -14.23
C SER A 82 32.16 -4.47 -15.74
N ASP A 83 31.80 -5.68 -16.16
CA ASP A 83 31.85 -6.06 -17.58
C ASP A 83 30.53 -5.72 -18.27
N PHE A 84 29.45 -5.69 -17.50
CA PHE A 84 28.16 -5.25 -18.02
C PHE A 84 28.13 -3.72 -18.02
N LYS A 85 28.19 -3.14 -19.19
CA LYS A 85 28.41 -1.72 -19.31
C LYS A 85 27.10 -0.94 -19.38
N ASN A 86 26.32 -1.22 -20.42
CA ASN A 86 25.09 -0.47 -20.67
C ASN A 86 24.01 -0.85 -19.66
N ALA A 87 22.98 -0.03 -19.57
CA ALA A 87 21.94 -0.21 -18.56
C ALA A 87 21.19 -1.51 -18.77
N ASP A 88 20.80 -1.78 -20.02
CA ASP A 88 19.98 -2.94 -20.33
C ASP A 88 20.74 -4.23 -20.06
N GLU A 89 22.06 -4.20 -20.25
CA GLU A 89 22.91 -5.36 -19.93
C GLU A 89 22.81 -5.69 -18.45
N ARG A 90 22.84 -4.65 -17.62
CA ARG A 90 22.72 -4.80 -16.18
C ARG A 90 21.31 -5.26 -15.81
N ILE A 91 20.33 -4.78 -16.57
CA ILE A 91 18.94 -5.18 -16.38
C ILE A 91 18.78 -6.66 -16.70
N ALA A 92 19.43 -7.08 -17.78
CA ALA A 92 19.34 -8.46 -18.25
C ALA A 92 19.80 -9.45 -17.18
N TYR A 93 20.94 -9.16 -16.56
CA TYR A 93 21.47 -10.05 -15.52
C TYR A 93 20.52 -10.10 -14.33
N ILE A 94 20.03 -8.93 -13.91
CA ILE A 94 19.09 -8.86 -12.80
C ILE A 94 17.81 -9.64 -13.14
N LEU A 95 17.30 -9.43 -14.35
CA LEU A 95 16.07 -10.04 -14.80
C LEU A 95 16.15 -11.56 -14.78
N LYS A 96 17.23 -12.11 -15.33
CA LYS A 96 17.41 -13.56 -15.41
C LYS A 96 17.59 -14.16 -14.02
N GLN A 97 17.98 -13.34 -13.07
CA GLN A 97 18.09 -13.79 -11.69
C GLN A 97 16.70 -13.79 -11.04
N ILE A 98 15.91 -12.76 -11.34
CA ILE A 98 14.55 -12.66 -10.83
C ILE A 98 13.70 -13.81 -11.36
N ASP A 99 13.96 -14.19 -12.60
CA ASP A 99 13.24 -15.28 -13.26
C ASP A 99 13.37 -16.59 -12.49
N ASN A 100 14.54 -16.79 -11.88
CA ASN A 100 14.80 -17.99 -11.09
C ASN A 100 13.87 -18.04 -9.88
N LYS A 101 13.56 -16.88 -9.34
CA LYS A 101 12.67 -16.75 -8.20
C LYS A 101 11.23 -16.55 -8.67
N GLY A 102 10.97 -16.90 -9.93
CA GLY A 102 9.64 -16.73 -10.49
C GLY A 102 8.63 -17.70 -9.92
N GLU A 103 9.01 -18.97 -9.83
CA GLU A 103 8.11 -19.99 -9.30
C GLU A 103 8.66 -20.54 -7.98
N LEU A 104 7.76 -20.80 -7.05
CA LEU A 104 8.13 -21.25 -5.71
C LEU A 104 9.14 -20.30 -5.08
N GLU A 105 8.71 -19.06 -4.87
CA GLU A 105 9.58 -18.01 -4.35
C GLU A 105 9.73 -18.12 -2.83
N HIS A 106 9.61 -19.36 -2.32
CA HIS A 106 9.76 -19.67 -0.90
C HIS A 106 9.06 -18.66 0.01
N HIS A 107 7.79 -18.90 0.29
CA HIS A 107 7.03 -18.05 1.19
C HIS A 107 7.61 -18.11 2.59
N HIS A 108 8.26 -19.23 2.90
CA HIS A 108 8.97 -19.38 4.16
C HIS A 108 10.46 -19.65 3.89
N HIS A 109 11.27 -18.63 4.11
CA HIS A 109 12.70 -18.72 3.84
C HIS A 109 13.44 -19.36 5.03
N HIS A 110 12.66 -19.81 6.01
CA HIS A 110 13.18 -20.49 7.19
C HIS A 110 13.89 -19.49 8.09
N HIS A 111 13.21 -19.06 9.13
CA HIS A 111 13.74 -18.07 10.05
C HIS A 111 14.00 -18.72 11.40
N MET A 1 -1.28 0.42 2.76
CA MET A 1 -1.47 1.55 3.70
C MET A 1 -2.56 1.21 4.72
N PHE A 2 -2.84 2.15 5.61
CA PHE A 2 -3.84 1.93 6.65
C PHE A 2 -5.12 2.68 6.29
N THR A 3 -6.25 1.98 6.33
CA THR A 3 -7.53 2.61 6.04
C THR A 3 -8.56 2.26 7.12
N ALA A 4 -9.56 3.11 7.28
CA ALA A 4 -10.64 2.86 8.22
C ALA A 4 -11.98 2.97 7.53
N LYS A 5 -12.88 2.05 7.85
CA LYS A 5 -14.19 2.02 7.21
C LYS A 5 -15.31 2.15 8.24
N LEU A 6 -16.07 3.23 8.11
CA LEU A 6 -17.22 3.47 8.98
C LEU A 6 -18.30 2.42 8.68
N ILE A 7 -18.73 1.69 9.70
CA ILE A 7 -19.71 0.65 9.51
C ILE A 7 -21.00 0.93 10.28
N LYS A 8 -20.86 1.50 11.46
CA LYS A 8 -21.97 1.59 12.41
C LYS A 8 -22.76 2.88 12.25
N GLY A 9 -22.80 3.41 11.03
CA GLY A 9 -23.50 4.64 10.79
C GLY A 9 -23.86 4.84 9.34
N LYS A 10 -23.47 5.98 8.78
CA LYS A 10 -23.78 6.34 7.42
C LYS A 10 -22.81 7.42 6.95
N THR A 11 -22.58 8.41 7.80
CA THR A 11 -21.59 9.45 7.54
C THR A 11 -21.08 10.02 8.86
N TYR A 12 -19.76 9.99 9.04
CA TYR A 12 -19.15 10.47 10.27
C TYR A 12 -17.87 11.25 9.95
N ASN A 13 -17.86 12.53 10.30
CA ASN A 13 -16.72 13.39 10.02
C ASN A 13 -15.74 13.38 11.17
N VAL A 14 -14.53 12.88 10.93
CA VAL A 14 -13.48 12.84 11.93
C VAL A 14 -12.42 13.89 11.65
N MET A 15 -12.53 15.04 12.32
CA MET A 15 -11.52 16.10 12.27
C MET A 15 -11.30 16.61 10.84
N GLY A 16 -12.30 16.42 9.99
CA GLY A 16 -12.18 16.83 8.61
C GLY A 16 -12.36 15.66 7.65
N ILE A 17 -11.92 14.49 8.09
CA ILE A 17 -12.04 13.28 7.29
C ILE A 17 -13.46 12.75 7.36
N THR A 18 -14.19 12.88 6.27
CA THR A 18 -15.60 12.49 6.26
C THR A 18 -15.75 11.04 5.83
N PHE A 19 -15.96 10.17 6.80
CA PHE A 19 -16.14 8.74 6.53
C PHE A 19 -17.60 8.44 6.21
N ARG A 20 -17.81 7.51 5.30
CA ARG A 20 -19.16 7.08 4.96
C ARG A 20 -19.29 5.58 5.13
N ALA A 21 -20.45 5.13 5.60
CA ALA A 21 -20.70 3.71 5.84
C ALA A 21 -20.37 2.85 4.62
N GLY A 22 -19.41 1.95 4.80
CA GLY A 22 -19.06 1.02 3.75
C GLY A 22 -17.87 1.46 2.92
N VAL A 23 -17.25 2.57 3.30
CA VAL A 23 -16.11 3.09 2.58
C VAL A 23 -14.86 3.12 3.44
N SER A 24 -13.89 2.28 3.11
CA SER A 24 -12.57 2.32 3.74
C SER A 24 -11.79 3.52 3.21
N GLN A 25 -11.48 4.45 4.09
CA GLN A 25 -10.76 5.66 3.70
C GLN A 25 -9.40 5.71 4.40
N THR A 26 -8.42 6.28 3.71
CA THR A 26 -7.05 6.31 4.19
C THR A 26 -6.89 7.18 5.43
N VAL A 27 -6.22 6.65 6.45
CA VAL A 27 -5.98 7.39 7.69
C VAL A 27 -4.54 7.25 8.14
N PRO A 28 -3.96 8.31 8.73
CA PRO A 28 -2.65 8.25 9.36
C PRO A 28 -2.68 7.36 10.60
N LYS A 29 -1.52 6.92 11.06
CA LYS A 29 -1.44 6.02 12.20
C LYS A 29 -2.06 6.62 13.45
N LYS A 30 -1.99 7.94 13.56
CA LYS A 30 -2.62 8.65 14.68
C LYS A 30 -4.13 8.46 14.66
N LEU A 31 -4.74 8.66 13.50
CA LEU A 31 -6.19 8.50 13.35
C LEU A 31 -6.56 7.03 13.36
N TYR A 32 -5.64 6.18 12.89
CA TYR A 32 -5.80 4.74 12.94
C TYR A 32 -6.06 4.29 14.38
N GLU A 33 -5.24 4.78 15.30
CA GLU A 33 -5.38 4.42 16.71
C GLU A 33 -6.62 5.10 17.30
N TYR A 34 -6.90 6.31 16.83
CA TYR A 34 -8.05 7.06 17.32
C TYR A 34 -9.35 6.36 16.95
N LEU A 35 -9.41 5.81 15.74
CA LEU A 35 -10.61 5.13 15.29
C LEU A 35 -10.62 3.69 15.80
N ASN A 36 -9.45 3.19 16.17
CA ASN A 36 -9.35 1.91 16.88
C ASN A 36 -9.99 2.07 18.26
N GLU A 37 -10.00 3.30 18.75
CA GLU A 37 -10.63 3.64 20.03
C GLU A 37 -12.14 3.77 19.87
N ASN A 38 -12.60 3.88 18.63
CA ASN A 38 -14.01 4.14 18.36
C ASN A 38 -14.67 2.97 17.64
N PRO A 39 -15.62 2.28 18.31
CA PRO A 39 -16.26 1.07 17.76
C PRO A 39 -17.30 1.35 16.67
N TYR A 40 -17.00 2.28 15.77
CA TYR A 40 -17.91 2.57 14.66
C TYR A 40 -17.27 2.13 13.35
N PHE A 41 -16.02 1.70 13.43
CA PHE A 41 -15.22 1.49 12.24
C PHE A 41 -14.65 0.07 12.20
N ILE A 42 -14.62 -0.50 11.01
CA ILE A 42 -13.83 -1.68 10.74
C ILE A 42 -12.69 -1.29 9.82
N LEU A 43 -11.48 -1.31 10.35
CA LEU A 43 -10.32 -0.80 9.64
C LEU A 43 -9.77 -1.83 8.67
N THR A 44 -9.21 -1.35 7.59
CA THR A 44 -8.65 -2.20 6.56
C THR A 44 -7.15 -1.96 6.45
N GLN A 45 -6.36 -2.91 6.93
CA GLN A 45 -4.92 -2.78 6.91
C GLN A 45 -4.35 -3.44 5.66
N GLU A 46 -3.81 -2.64 4.75
CA GLU A 46 -3.22 -3.15 3.53
C GLU A 46 -1.71 -3.11 3.62
N LEU A 47 -1.09 -4.28 3.59
CA LEU A 47 0.37 -4.36 3.65
C LEU A 47 0.94 -4.35 2.24
N ASN A 48 1.67 -3.30 1.91
CA ASN A 48 2.26 -3.16 0.59
C ASN A 48 3.54 -3.98 0.49
N ASN A 49 3.43 -5.14 -0.16
CA ASN A 49 4.57 -6.05 -0.29
C ASN A 49 5.54 -5.56 -1.36
N GLN A 50 6.71 -5.12 -0.91
CA GLN A 50 7.76 -4.69 -1.82
C GLN A 50 8.92 -5.67 -1.75
N LYS A 51 8.77 -6.80 -2.43
CA LYS A 51 9.77 -7.86 -2.36
C LYS A 51 10.64 -7.85 -3.62
N ASP A 52 10.19 -7.10 -4.61
CA ASP A 52 10.87 -7.01 -5.89
C ASP A 52 12.16 -6.20 -5.76
N ASP A 53 13.29 -6.85 -6.03
CA ASP A 53 14.61 -6.26 -5.89
C ASP A 53 14.84 -5.71 -4.49
N PRO A 54 15.27 -6.59 -3.56
CA PRO A 54 15.51 -6.23 -2.17
C PRO A 54 16.81 -5.47 -1.97
N ILE A 55 16.72 -4.15 -1.93
CA ILE A 55 17.86 -3.30 -1.63
C ILE A 55 17.37 -1.87 -1.44
N ASN A 56 16.10 -1.76 -1.15
CA ASN A 56 15.41 -0.47 -1.04
C ASN A 56 14.21 -0.56 -0.10
N TYR A 57 14.40 -0.11 1.14
CA TYR A 57 13.36 -0.20 2.15
C TYR A 57 13.36 1.04 3.03
N THR A 58 12.44 1.10 3.98
CA THR A 58 12.36 2.20 4.92
C THR A 58 13.43 2.05 5.99
N GLU A 59 14.18 3.11 6.30
CA GLU A 59 15.24 3.02 7.29
C GLU A 59 14.66 2.74 8.67
N SER A 60 13.48 3.29 8.93
CA SER A 60 12.78 3.03 10.17
C SER A 60 12.21 1.62 10.15
N GLU A 61 12.02 1.10 8.95
CA GLU A 61 11.54 -0.27 8.78
C GLU A 61 12.72 -1.23 8.94
N LEU A 62 13.86 -0.84 8.39
CA LEU A 62 15.09 -1.61 8.51
C LEU A 62 15.71 -1.42 9.88
N LYS A 63 15.16 -0.49 10.66
CA LYS A 63 15.63 -0.25 12.01
C LYS A 63 15.30 -1.48 12.88
N GLY A 64 14.35 -2.27 12.40
CA GLY A 64 14.01 -3.51 13.06
C GLY A 64 14.15 -4.70 12.13
N MET A 65 13.02 -5.33 11.81
CA MET A 65 12.99 -6.52 10.96
C MET A 65 13.75 -7.68 11.61
N ASN A 66 13.86 -8.76 10.86
CA ASN A 66 14.64 -9.90 11.29
C ASN A 66 16.04 -9.82 10.68
N LYS A 67 17.03 -10.38 11.37
CA LYS A 67 18.40 -10.37 10.88
C LYS A 67 18.49 -10.93 9.47
N ALA A 68 17.87 -12.08 9.26
CA ALA A 68 17.92 -12.79 7.99
C ALA A 68 17.43 -11.92 6.84
N GLU A 69 16.49 -11.02 7.11
CA GLU A 69 15.93 -10.17 6.09
C GLU A 69 17.01 -9.26 5.51
N HIS A 70 17.72 -8.57 6.40
CA HIS A 70 18.84 -7.70 6.01
C HIS A 70 19.87 -8.48 5.21
N GLU A 71 20.18 -9.68 5.68
CA GLU A 71 21.20 -10.51 5.06
C GLU A 71 20.77 -10.90 3.65
N SER A 72 19.50 -11.27 3.50
CA SER A 72 18.95 -11.67 2.20
C SER A 72 18.98 -10.48 1.24
N ILE A 73 18.63 -9.31 1.75
CA ILE A 73 18.63 -8.08 0.96
C ILE A 73 19.97 -7.89 0.23
N ILE A 74 21.03 -7.76 1.00
CA ILE A 74 22.32 -7.44 0.42
C ILE A 74 22.94 -8.67 -0.25
N SER A 75 22.42 -9.84 0.09
CA SER A 75 22.84 -11.08 -0.55
C SER A 75 22.41 -11.07 -2.02
N ASN A 76 21.24 -10.47 -2.27
CA ASN A 76 20.75 -10.32 -3.63
C ASN A 76 21.51 -9.21 -4.35
N LEU A 77 21.93 -8.20 -3.59
CA LEU A 77 22.78 -7.14 -4.13
C LEU A 77 24.12 -7.71 -4.57
N GLY A 78 24.61 -8.69 -3.83
CA GLY A 78 25.88 -9.30 -4.15
C GLY A 78 26.97 -8.91 -3.19
N ARG A 79 26.60 -8.17 -2.14
CA ARG A 79 27.56 -7.74 -1.16
C ARG A 79 27.31 -8.47 0.15
N ASN A 80 28.31 -9.21 0.60
CA ASN A 80 28.21 -9.99 1.84
C ASN A 80 28.02 -9.06 3.03
N PRO A 81 26.93 -9.26 3.80
CA PRO A 81 26.65 -8.50 5.01
C PRO A 81 27.61 -8.85 6.14
N SER A 82 28.49 -9.82 5.88
CA SER A 82 29.51 -10.23 6.83
C SER A 82 30.56 -9.14 7.04
N ASP A 83 30.52 -8.13 6.17
CA ASP A 83 31.40 -6.97 6.31
C ASP A 83 30.96 -6.11 7.48
N PHE A 84 29.65 -6.06 7.71
CA PHE A 84 29.06 -5.16 8.67
C PHE A 84 28.75 -5.88 9.97
N LYS A 85 29.32 -5.39 11.06
CA LYS A 85 29.13 -6.01 12.36
C LYS A 85 27.82 -5.56 13.00
N ASN A 86 27.49 -4.28 12.86
CA ASN A 86 26.30 -3.72 13.51
C ASN A 86 25.11 -3.69 12.54
N ALA A 87 23.92 -3.56 13.11
CA ALA A 87 22.70 -3.43 12.33
C ALA A 87 22.65 -2.09 11.62
N ASP A 88 23.15 -1.05 12.29
CA ASP A 88 23.15 0.29 11.72
C ASP A 88 24.04 0.34 10.48
N GLU A 89 25.14 -0.39 10.52
CA GLU A 89 26.03 -0.49 9.36
C GLU A 89 25.28 -1.05 8.16
N ARG A 90 24.43 -2.04 8.44
CA ARG A 90 23.58 -2.65 7.42
C ARG A 90 22.59 -1.62 6.88
N ILE A 91 21.91 -0.92 7.78
CA ILE A 91 20.92 0.08 7.39
C ILE A 91 21.59 1.18 6.56
N ALA A 92 22.78 1.59 6.99
CA ALA A 92 23.54 2.61 6.29
C ALA A 92 23.94 2.15 4.90
N TYR A 93 24.21 0.86 4.75
CA TYR A 93 24.62 0.33 3.46
C TYR A 93 23.42 0.16 2.55
N ILE A 94 22.31 -0.32 3.11
CA ILE A 94 21.08 -0.45 2.34
C ILE A 94 20.63 0.94 1.89
N LEU A 95 20.67 1.91 2.81
CA LEU A 95 20.35 3.29 2.49
C LEU A 95 21.30 3.88 1.46
N LYS A 96 22.53 3.38 1.45
CA LYS A 96 23.55 3.88 0.54
C LYS A 96 23.15 3.67 -0.91
N GLN A 97 22.59 2.51 -1.21
CA GLN A 97 22.12 2.20 -2.56
C GLN A 97 20.75 2.82 -2.82
N ILE A 98 20.04 3.13 -1.75
CA ILE A 98 18.73 3.78 -1.87
C ILE A 98 18.92 5.23 -2.31
N ASP A 99 19.87 5.90 -1.70
CA ASP A 99 20.15 7.29 -2.03
C ASP A 99 21.00 7.36 -3.30
N ASN A 100 22.03 6.54 -3.36
CA ASN A 100 22.86 6.44 -4.56
C ASN A 100 22.62 5.12 -5.25
N LYS A 101 21.67 5.12 -6.18
CA LYS A 101 21.29 3.90 -6.88
C LYS A 101 21.88 3.88 -8.28
N GLY A 102 21.25 3.12 -9.17
CA GLY A 102 21.75 2.96 -10.52
C GLY A 102 21.75 4.25 -11.32
N GLU A 103 22.86 4.97 -11.27
CA GLU A 103 23.04 6.17 -12.06
C GLU A 103 23.59 5.76 -13.42
N LEU A 104 24.50 4.80 -13.40
CA LEU A 104 25.07 4.27 -14.62
C LEU A 104 24.30 3.01 -15.01
N GLU A 105 23.33 3.18 -15.90
CA GLU A 105 22.53 2.05 -16.36
C GLU A 105 23.18 1.45 -17.59
N HIS A 106 22.99 0.15 -17.77
CA HIS A 106 23.62 -0.56 -18.87
C HIS A 106 22.63 -0.66 -20.04
N HIS A 107 22.14 0.51 -20.46
CA HIS A 107 21.12 0.63 -21.50
C HIS A 107 19.76 0.12 -21.01
N HIS A 108 18.78 1.01 -21.04
CA HIS A 108 17.46 0.69 -20.53
C HIS A 108 16.70 -0.26 -21.44
N HIS A 109 16.13 -1.28 -20.85
CA HIS A 109 15.27 -2.22 -21.55
C HIS A 109 14.21 -2.74 -20.59
N HIS A 110 12.95 -2.40 -20.88
CA HIS A 110 11.81 -2.70 -20.01
C HIS A 110 11.83 -1.84 -18.73
N HIS A 111 13.00 -1.71 -18.12
CA HIS A 111 13.17 -0.82 -16.98
C HIS A 111 13.89 0.45 -17.42
N MET A 1 -1.41 1.36 2.98
CA MET A 1 -1.57 2.17 4.21
C MET A 1 -2.82 1.76 4.97
N PHE A 2 -3.09 2.44 6.08
CA PHE A 2 -4.22 2.09 6.93
C PHE A 2 -5.51 2.68 6.38
N THR A 3 -6.59 1.93 6.50
CA THR A 3 -7.89 2.38 6.02
C THR A 3 -8.96 2.19 7.08
N ALA A 4 -9.80 3.20 7.25
CA ALA A 4 -10.90 3.13 8.20
C ALA A 4 -12.23 3.04 7.47
N LYS A 5 -12.98 1.98 7.76
CA LYS A 5 -14.26 1.76 7.11
C LYS A 5 -15.40 1.99 8.09
N LEU A 6 -16.11 3.10 7.91
CA LEU A 6 -17.24 3.43 8.77
C LEU A 6 -18.35 2.40 8.58
N ILE A 7 -18.75 1.74 9.65
CA ILE A 7 -19.77 0.71 9.57
C ILE A 7 -21.03 1.12 10.32
N LYS A 8 -20.87 2.02 11.29
CA LYS A 8 -21.98 2.45 12.11
C LYS A 8 -22.49 3.82 11.68
N GLY A 9 -23.63 3.83 11.02
CA GLY A 9 -24.22 5.07 10.57
C GLY A 9 -24.31 5.17 9.06
N LYS A 10 -23.83 6.28 8.53
CA LYS A 10 -23.90 6.58 7.10
C LYS A 10 -22.78 7.54 6.74
N THR A 11 -22.63 8.56 7.57
CA THR A 11 -21.50 9.48 7.46
C THR A 11 -20.95 9.76 8.85
N TYR A 12 -19.67 10.12 8.93
CA TYR A 12 -19.06 10.48 10.19
C TYR A 12 -17.75 11.24 9.93
N ASN A 13 -17.71 12.50 10.35
CA ASN A 13 -16.52 13.33 10.15
C ASN A 13 -15.59 13.22 11.34
N VAL A 14 -14.42 12.63 11.11
CA VAL A 14 -13.40 12.51 12.14
C VAL A 14 -12.29 13.51 11.88
N MET A 15 -12.21 14.54 12.72
CA MET A 15 -11.22 15.61 12.58
C MET A 15 -11.45 16.42 11.31
N GLY A 16 -11.07 15.85 10.17
CA GLY A 16 -11.24 16.53 8.91
C GLY A 16 -11.61 15.59 7.79
N ILE A 17 -11.85 14.32 8.12
CA ILE A 17 -12.18 13.31 7.13
C ILE A 17 -13.59 12.79 7.36
N THR A 18 -14.46 12.97 6.38
CA THR A 18 -15.83 12.52 6.48
C THR A 18 -15.97 11.12 5.90
N PHE A 19 -16.11 10.14 6.77
CA PHE A 19 -16.25 8.75 6.36
C PHE A 19 -17.70 8.44 6.03
N ARG A 20 -17.91 7.35 5.30
CA ARG A 20 -19.24 6.96 4.88
C ARG A 20 -19.42 5.47 5.13
N ALA A 21 -20.59 5.09 5.66
CA ALA A 21 -20.89 3.67 5.92
C ALA A 21 -20.72 2.81 4.68
N GLY A 22 -19.68 1.98 4.67
CA GLY A 22 -19.42 1.11 3.55
C GLY A 22 -18.19 1.51 2.77
N VAL A 23 -17.62 2.66 3.12
CA VAL A 23 -16.44 3.17 2.44
C VAL A 23 -15.23 3.13 3.36
N SER A 24 -14.15 2.51 2.88
CA SER A 24 -12.91 2.44 3.63
C SER A 24 -11.90 3.44 3.08
N GLN A 25 -11.70 4.54 3.79
CA GLN A 25 -10.79 5.57 3.34
C GLN A 25 -9.47 5.50 4.09
N THR A 26 -8.39 5.91 3.42
CA THR A 26 -7.06 5.86 4.00
C THR A 26 -6.89 6.95 5.05
N VAL A 27 -6.34 6.57 6.20
CA VAL A 27 -6.19 7.50 7.31
C VAL A 27 -4.76 7.52 7.82
N PRO A 28 -4.34 8.63 8.44
CA PRO A 28 -3.06 8.73 9.13
C PRO A 28 -2.99 7.77 10.30
N LYS A 29 -1.78 7.32 10.64
CA LYS A 29 -1.60 6.33 11.70
C LYS A 29 -2.02 6.86 13.07
N LYS A 30 -2.07 8.19 13.20
CA LYS A 30 -2.57 8.80 14.43
C LYS A 30 -4.07 8.56 14.56
N LEU A 31 -4.79 8.77 13.47
CA LEU A 31 -6.24 8.59 13.46
C LEU A 31 -6.60 7.12 13.45
N TYR A 32 -5.69 6.30 12.91
CA TYR A 32 -5.88 4.86 12.90
C TYR A 32 -6.09 4.33 14.31
N GLU A 33 -5.19 4.71 15.21
CA GLU A 33 -5.28 4.28 16.61
C GLU A 33 -6.44 4.96 17.32
N TYR A 34 -6.73 6.20 16.94
CA TYR A 34 -7.85 6.94 17.50
C TYR A 34 -9.17 6.23 17.18
N LEU A 35 -9.34 5.83 15.94
CA LEU A 35 -10.54 5.12 15.52
C LEU A 35 -10.46 3.66 15.94
N ASN A 36 -9.25 3.20 16.19
CA ASN A 36 -9.01 1.86 16.71
C ASN A 36 -9.65 1.72 18.10
N GLU A 37 -9.69 2.83 18.84
CA GLU A 37 -10.35 2.85 20.13
C GLU A 37 -11.86 3.09 20.01
N ASN A 38 -12.35 3.27 18.79
CA ASN A 38 -13.75 3.62 18.58
C ASN A 38 -14.46 2.62 17.67
N PRO A 39 -15.48 1.94 18.21
CA PRO A 39 -16.19 0.87 17.49
C PRO A 39 -17.18 1.37 16.42
N TYR A 40 -16.78 2.40 15.70
CA TYR A 40 -17.60 2.92 14.60
C TYR A 40 -17.10 2.38 13.28
N PHE A 41 -15.86 1.89 13.28
CA PHE A 41 -15.17 1.55 12.05
C PHE A 41 -14.63 0.13 12.08
N ILE A 42 -14.61 -0.50 10.93
CA ILE A 42 -13.80 -1.69 10.73
C ILE A 42 -12.50 -1.25 10.04
N LEU A 43 -11.44 -1.19 10.80
CA LEU A 43 -10.17 -0.68 10.30
C LEU A 43 -9.38 -1.79 9.64
N THR A 44 -8.89 -1.52 8.44
CA THR A 44 -8.15 -2.49 7.68
C THR A 44 -6.74 -2.00 7.40
N GLN A 45 -5.75 -2.83 7.73
CA GLN A 45 -4.37 -2.51 7.44
C GLN A 45 -4.01 -3.06 6.05
N GLU A 46 -3.89 -2.16 5.10
CA GLU A 46 -3.67 -2.54 3.72
C GLU A 46 -2.21 -2.38 3.33
N LEU A 47 -1.62 -3.45 2.86
CA LEU A 47 -0.24 -3.43 2.38
C LEU A 47 -0.24 -3.22 0.88
N ASN A 48 0.19 -2.04 0.46
CA ASN A 48 0.16 -1.64 -0.95
C ASN A 48 -1.29 -1.58 -1.45
N ASN A 49 -1.95 -0.49 -1.12
CA ASN A 49 -3.33 -0.27 -1.56
C ASN A 49 -3.36 0.90 -2.54
N GLN A 50 -2.25 1.07 -3.25
CA GLN A 50 -2.11 2.16 -4.20
C GLN A 50 -3.16 2.07 -5.30
N LYS A 51 -4.15 2.95 -5.22
CA LYS A 51 -5.19 3.03 -6.23
C LYS A 51 -5.00 4.28 -7.06
N ASP A 52 -4.62 4.09 -8.32
CA ASP A 52 -4.43 5.21 -9.24
C ASP A 52 -5.73 6.00 -9.39
N ASP A 53 -5.59 7.32 -9.45
CA ASP A 53 -6.72 8.20 -9.65
C ASP A 53 -6.61 8.92 -10.99
N PRO A 54 -7.43 8.51 -11.97
CA PRO A 54 -7.47 9.15 -13.28
C PRO A 54 -8.08 10.54 -13.20
N ILE A 55 -7.24 11.52 -12.95
CA ILE A 55 -7.67 12.90 -12.82
C ILE A 55 -6.42 13.79 -12.66
N ASN A 56 -5.35 13.34 -13.29
CA ASN A 56 -4.04 13.96 -13.15
C ASN A 56 -3.26 13.77 -14.45
N TYR A 57 -3.30 14.76 -15.32
CA TYR A 57 -2.67 14.68 -16.62
C TYR A 57 -2.04 16.01 -17.02
N THR A 58 -1.20 15.98 -18.02
CA THR A 58 -0.60 17.20 -18.57
C THR A 58 -1.68 18.07 -19.20
N GLU A 59 -1.69 19.35 -18.83
CA GLU A 59 -2.66 20.27 -19.38
C GLU A 59 -2.49 20.39 -20.89
N SER A 60 -1.24 20.39 -21.33
CA SER A 60 -0.94 20.38 -22.75
C SER A 60 -1.49 19.10 -23.39
N GLU A 61 -1.52 18.02 -22.61
CA GLU A 61 -2.06 16.75 -23.10
C GLU A 61 -3.59 16.80 -23.07
N LEU A 62 -4.12 17.48 -22.07
CA LEU A 62 -5.56 17.62 -21.92
C LEU A 62 -6.11 18.69 -22.88
N LYS A 63 -5.21 19.49 -23.45
CA LYS A 63 -5.58 20.43 -24.48
C LYS A 63 -6.04 19.68 -25.72
N GLY A 64 -5.50 18.47 -25.89
CA GLY A 64 -6.01 17.56 -26.89
C GLY A 64 -6.98 16.58 -26.26
N MET A 65 -7.03 15.36 -26.79
CA MET A 65 -7.86 14.29 -26.21
C MET A 65 -9.35 14.59 -26.38
N ASN A 66 -10.13 13.60 -26.79
CA ASN A 66 -11.54 13.83 -27.08
C ASN A 66 -12.34 14.01 -25.80
N LYS A 67 -13.54 14.57 -25.96
CA LYS A 67 -14.41 14.91 -24.83
C LYS A 67 -14.70 13.69 -23.95
N ALA A 68 -14.95 12.55 -24.58
CA ALA A 68 -15.36 11.34 -23.86
C ALA A 68 -14.27 10.87 -22.91
N GLU A 69 -13.02 10.99 -23.34
CA GLU A 69 -11.89 10.58 -22.50
C GLU A 69 -11.89 11.40 -21.20
N HIS A 70 -11.86 12.73 -21.34
CA HIS A 70 -11.92 13.63 -20.19
C HIS A 70 -13.10 13.28 -19.28
N GLU A 71 -14.24 12.99 -19.89
CA GLU A 71 -15.45 12.71 -19.13
C GLU A 71 -15.35 11.39 -18.36
N SER A 72 -14.79 10.37 -18.99
CA SER A 72 -14.55 9.10 -18.32
C SER A 72 -13.55 9.32 -17.18
N ILE A 73 -12.52 10.12 -17.46
CA ILE A 73 -11.52 10.48 -16.46
C ILE A 73 -12.16 11.05 -15.19
N ILE A 74 -12.91 12.13 -15.34
CA ILE A 74 -13.46 12.82 -14.19
C ILE A 74 -14.60 12.01 -13.53
N SER A 75 -15.24 11.15 -14.31
CA SER A 75 -16.26 10.27 -13.75
C SER A 75 -15.62 9.15 -12.95
N ASN A 76 -14.44 8.73 -13.39
CA ASN A 76 -13.67 7.70 -12.69
C ASN A 76 -13.23 8.24 -11.34
N LEU A 77 -13.01 9.56 -11.30
CA LEU A 77 -12.70 10.28 -10.08
C LEU A 77 -13.85 10.17 -9.07
N GLY A 78 -15.06 10.03 -9.58
CA GLY A 78 -16.23 10.01 -8.73
C GLY A 78 -17.17 11.14 -9.05
N ARG A 79 -16.73 12.04 -9.92
CA ARG A 79 -17.52 13.18 -10.34
C ARG A 79 -18.35 12.84 -11.56
N ASN A 80 -19.01 13.85 -12.12
CA ASN A 80 -19.82 13.67 -13.32
C ASN A 80 -19.84 14.97 -14.12
N PRO A 81 -19.16 15.00 -15.28
CA PRO A 81 -19.07 16.20 -16.12
C PRO A 81 -20.33 16.44 -16.95
N SER A 82 -21.47 16.50 -16.28
CA SER A 82 -22.73 16.78 -16.95
C SER A 82 -22.92 18.28 -17.13
N ASP A 83 -22.50 19.04 -16.13
CA ASP A 83 -22.64 20.50 -16.16
C ASP A 83 -21.38 21.15 -16.71
N PHE A 84 -20.45 20.32 -17.19
CA PHE A 84 -19.24 20.80 -17.83
C PHE A 84 -19.35 20.61 -19.34
N LYS A 85 -19.52 21.71 -20.06
CA LYS A 85 -19.82 21.64 -21.48
C LYS A 85 -18.58 21.80 -22.34
N ASN A 86 -17.74 22.77 -22.01
CA ASN A 86 -16.55 23.07 -22.81
C ASN A 86 -15.41 22.10 -22.50
N ALA A 87 -14.39 22.14 -23.35
CA ALA A 87 -13.24 21.27 -23.19
C ALA A 87 -12.28 21.85 -22.15
N ASP A 88 -12.15 23.17 -22.14
CA ASP A 88 -11.26 23.83 -21.21
C ASP A 88 -11.79 23.76 -19.78
N GLU A 89 -13.11 23.76 -19.65
CA GLU A 89 -13.75 23.65 -18.33
C GLU A 89 -13.36 22.34 -17.66
N ARG A 90 -13.43 21.26 -18.41
CA ARG A 90 -13.11 19.93 -17.88
C ARG A 90 -11.60 19.81 -17.64
N ILE A 91 -10.80 20.55 -18.40
CA ILE A 91 -9.37 20.62 -18.16
C ILE A 91 -9.11 21.29 -16.81
N ALA A 92 -9.79 22.40 -16.58
CA ALA A 92 -9.63 23.17 -15.35
C ALA A 92 -9.89 22.33 -14.11
N TYR A 93 -10.94 21.50 -14.15
CA TYR A 93 -11.26 20.67 -12.99
C TYR A 93 -10.18 19.60 -12.78
N ILE A 94 -9.69 19.04 -13.87
CA ILE A 94 -8.61 18.04 -13.78
C ILE A 94 -7.33 18.70 -13.26
N LEU A 95 -7.08 19.93 -13.68
CA LEU A 95 -5.93 20.69 -13.19
C LEU A 95 -6.07 21.00 -11.71
N LYS A 96 -7.29 21.29 -11.28
CA LYS A 96 -7.57 21.66 -9.91
C LYS A 96 -7.13 20.55 -8.94
N GLN A 97 -7.20 19.31 -9.41
CA GLN A 97 -6.86 18.17 -8.58
C GLN A 97 -5.35 18.07 -8.41
N ILE A 98 -4.63 18.52 -9.42
CA ILE A 98 -3.18 18.53 -9.38
C ILE A 98 -2.69 19.56 -8.34
N ASP A 99 -3.49 20.59 -8.11
CA ASP A 99 -3.18 21.60 -7.10
C ASP A 99 -3.29 21.01 -5.70
N ASN A 100 -3.99 19.89 -5.61
CA ASN A 100 -4.17 19.20 -4.33
C ASN A 100 -2.95 18.34 -4.01
N LYS A 101 -1.98 18.37 -4.91
CA LYS A 101 -0.69 17.73 -4.68
C LYS A 101 0.30 18.77 -4.19
N GLY A 102 1.11 18.39 -3.22
CA GLY A 102 2.03 19.34 -2.63
C GLY A 102 3.41 19.26 -3.23
N GLU A 103 4.38 18.91 -2.41
CA GLU A 103 5.77 18.88 -2.84
C GLU A 103 6.30 17.45 -2.90
N LEU A 104 7.23 17.22 -3.81
CA LEU A 104 8.02 16.01 -3.80
C LEU A 104 9.18 16.22 -2.85
N GLU A 105 9.38 15.31 -1.91
CA GLU A 105 10.36 15.53 -0.85
C GLU A 105 11.76 15.66 -1.41
N HIS A 106 12.32 16.86 -1.28
CA HIS A 106 13.70 17.11 -1.64
C HIS A 106 14.56 16.97 -0.39
N HIS A 107 13.92 17.17 0.76
CA HIS A 107 14.56 17.01 2.06
C HIS A 107 15.79 17.91 2.16
N HIS A 108 15.65 19.13 1.64
CA HIS A 108 16.79 20.01 1.47
C HIS A 108 17.16 20.70 2.78
N HIS A 109 18.40 20.55 3.16
CA HIS A 109 18.97 21.27 4.29
C HIS A 109 20.43 21.55 4.00
N HIS A 110 21.25 20.50 4.04
CA HIS A 110 22.66 20.59 3.69
C HIS A 110 23.36 19.27 3.96
N HIS A 111 24.13 18.80 2.99
CA HIS A 111 24.96 17.62 3.19
C HIS A 111 26.34 17.85 2.56
N MET A 1 -0.46 1.00 4.25
CA MET A 1 -1.85 1.24 3.78
C MET A 1 -2.82 0.97 4.92
N PHE A 2 -3.44 2.02 5.43
CA PHE A 2 -4.39 1.89 6.54
C PHE A 2 -5.77 2.33 6.09
N THR A 3 -6.68 1.38 5.98
CA THR A 3 -8.02 1.68 5.52
C THR A 3 -9.02 1.61 6.67
N ALA A 4 -9.86 2.63 6.78
CA ALA A 4 -10.89 2.65 7.80
C ALA A 4 -12.25 2.89 7.16
N LYS A 5 -13.26 2.15 7.60
CA LYS A 5 -14.60 2.28 7.05
C LYS A 5 -15.65 2.21 8.16
N LEU A 6 -16.65 3.08 8.05
CA LEU A 6 -17.79 3.06 8.97
C LEU A 6 -18.58 1.77 8.80
N ILE A 7 -18.65 0.99 9.85
CA ILE A 7 -19.46 -0.22 9.85
C ILE A 7 -20.79 0.04 10.56
N LYS A 8 -20.89 1.23 11.14
CA LYS A 8 -22.09 1.63 11.84
C LYS A 8 -22.38 3.10 11.54
N GLY A 9 -23.62 3.41 11.17
CA GLY A 9 -23.99 4.78 10.93
C GLY A 9 -24.22 5.07 9.45
N LYS A 10 -23.65 6.16 8.98
CA LYS A 10 -23.84 6.61 7.60
C LYS A 10 -22.78 7.64 7.22
N THR A 11 -22.60 8.64 8.07
CA THR A 11 -21.61 9.68 7.85
C THR A 11 -21.01 10.14 9.18
N TYR A 12 -19.69 10.28 9.22
CA TYR A 12 -19.02 10.73 10.43
C TYR A 12 -17.79 11.55 10.07
N ASN A 13 -17.68 12.74 10.65
CA ASN A 13 -16.58 13.65 10.34
C ASN A 13 -15.48 13.53 11.40
N VAL A 14 -14.37 12.92 11.03
CA VAL A 14 -13.22 12.82 11.93
C VAL A 14 -12.24 13.94 11.64
N MET A 15 -12.35 15.04 12.40
CA MET A 15 -11.50 16.21 12.24
C MET A 15 -11.73 16.89 10.90
N GLY A 16 -11.13 16.34 9.85
CA GLY A 16 -11.31 16.88 8.52
C GLY A 16 -11.59 15.80 7.50
N ILE A 17 -11.59 14.55 7.96
CA ILE A 17 -11.84 13.42 7.08
C ILE A 17 -13.27 12.93 7.27
N THR A 18 -14.07 13.08 6.24
CA THR A 18 -15.47 12.65 6.28
C THR A 18 -15.60 11.18 5.86
N PHE A 19 -16.04 10.35 6.78
CA PHE A 19 -16.25 8.94 6.51
C PHE A 19 -17.71 8.65 6.21
N ARG A 20 -17.94 7.63 5.39
CA ARG A 20 -19.29 7.21 5.04
C ARG A 20 -19.41 5.71 5.20
N ALA A 21 -20.54 5.26 5.76
CA ALA A 21 -20.80 3.83 5.92
C ALA A 21 -20.81 3.12 4.57
N GLY A 22 -19.78 2.31 4.35
CA GLY A 22 -19.65 1.60 3.09
C GLY A 22 -18.48 2.11 2.26
N VAL A 23 -17.80 3.14 2.76
CA VAL A 23 -16.66 3.71 2.07
C VAL A 23 -15.39 3.59 2.91
N SER A 24 -14.45 2.80 2.44
CA SER A 24 -13.16 2.65 3.10
C SER A 24 -12.20 3.76 2.64
N GLN A 25 -11.64 4.48 3.59
CA GLN A 25 -10.72 5.57 3.28
C GLN A 25 -9.43 5.42 4.09
N THR A 26 -8.33 5.92 3.53
CA THR A 26 -7.03 5.78 4.17
C THR A 26 -6.82 6.82 5.26
N VAL A 27 -6.24 6.40 6.38
CA VAL A 27 -5.99 7.27 7.51
C VAL A 27 -4.55 7.16 7.99
N PRO A 28 -4.02 8.22 8.61
CA PRO A 28 -2.68 8.22 9.21
C PRO A 28 -2.64 7.43 10.52
N LYS A 29 -1.43 7.23 11.03
CA LYS A 29 -1.20 6.48 12.27
C LYS A 29 -2.06 7.00 13.42
N LYS A 30 -2.09 8.31 13.59
CA LYS A 30 -2.82 8.95 14.68
C LYS A 30 -4.32 8.63 14.60
N LEU A 31 -4.87 8.76 13.40
CA LEU A 31 -6.30 8.52 13.21
C LEU A 31 -6.62 7.04 13.29
N TYR A 32 -5.65 6.21 12.92
CA TYR A 32 -5.79 4.76 13.06
C TYR A 32 -6.05 4.40 14.52
N GLU A 33 -5.27 4.98 15.41
CA GLU A 33 -5.42 4.74 16.84
C GLU A 33 -6.72 5.37 17.34
N TYR A 34 -7.02 6.56 16.85
CA TYR A 34 -8.23 7.28 17.24
C TYR A 34 -9.48 6.48 16.89
N LEU A 35 -9.51 5.95 15.68
CA LEU A 35 -10.65 5.16 15.22
C LEU A 35 -10.63 3.77 15.83
N ASN A 36 -9.45 3.30 16.24
CA ASN A 36 -9.33 2.04 16.96
C ASN A 36 -10.07 2.13 18.30
N GLU A 37 -10.12 3.35 18.84
CA GLU A 37 -10.84 3.61 20.09
C GLU A 37 -12.35 3.70 19.84
N ASN A 38 -12.75 3.67 18.58
CA ASN A 38 -14.15 3.80 18.21
C ASN A 38 -14.64 2.55 17.48
N PRO A 39 -15.37 1.67 18.19
CA PRO A 39 -15.75 0.33 17.69
C PRO A 39 -16.78 0.34 16.55
N TYR A 40 -17.05 1.51 15.97
CA TYR A 40 -17.97 1.58 14.85
C TYR A 40 -17.23 1.77 13.53
N PHE A 41 -15.92 1.63 13.59
CA PHE A 41 -15.08 1.62 12.40
C PHE A 41 -14.40 0.26 12.26
N ILE A 42 -14.37 -0.28 11.05
CA ILE A 42 -13.51 -1.41 10.77
C ILE A 42 -12.24 -0.89 10.13
N LEU A 43 -11.10 -1.36 10.60
CA LEU A 43 -9.83 -0.91 10.06
C LEU A 43 -9.05 -2.08 9.51
N THR A 44 -8.38 -1.84 8.40
CA THR A 44 -7.59 -2.86 7.75
C THR A 44 -6.20 -2.30 7.45
N GLN A 45 -5.19 -2.89 8.07
CA GLN A 45 -3.82 -2.44 7.86
C GLN A 45 -3.12 -3.34 6.86
N GLU A 46 -2.80 -2.77 5.72
CA GLU A 46 -2.12 -3.49 4.66
C GLU A 46 -0.64 -3.13 4.66
N LEU A 47 0.19 -4.08 5.06
CA LEU A 47 1.62 -3.90 5.03
C LEU A 47 2.17 -4.48 3.74
N ASN A 48 2.36 -3.61 2.75
CA ASN A 48 2.79 -4.04 1.43
C ASN A 48 4.02 -3.24 1.01
N ASN A 49 4.66 -2.63 1.99
CA ASN A 49 5.82 -1.77 1.73
C ASN A 49 6.75 -1.81 2.93
N GLN A 50 8.01 -1.45 2.69
CA GLN A 50 8.99 -1.38 3.76
C GLN A 50 8.87 -0.07 4.53
N LYS A 51 9.20 -0.12 5.80
CA LYS A 51 9.18 1.06 6.66
C LYS A 51 10.58 1.32 7.20
N ASP A 52 10.99 2.58 7.24
CA ASP A 52 12.26 2.99 7.83
C ASP A 52 13.42 2.14 7.26
N ASP A 53 13.99 2.61 6.16
CA ASP A 53 14.97 1.83 5.39
C ASP A 53 16.12 1.31 6.26
N PRO A 54 16.24 -0.01 6.39
CA PRO A 54 17.25 -0.65 7.22
C PRO A 54 18.51 -1.04 6.46
N ILE A 55 19.47 -0.13 6.38
CA ILE A 55 20.78 -0.41 5.78
C ILE A 55 21.65 0.85 5.83
N ASN A 56 21.36 1.70 6.81
CA ASN A 56 22.03 2.99 6.93
C ASN A 56 21.82 3.54 8.34
N TYR A 57 22.87 3.47 9.16
CA TYR A 57 22.80 3.90 10.54
C TYR A 57 24.11 4.57 10.94
N THR A 58 24.07 5.34 12.03
CA THR A 58 25.29 5.88 12.61
C THR A 58 26.22 4.75 13.03
N GLU A 59 27.52 4.92 12.87
CA GLU A 59 28.46 3.88 13.29
C GLU A 59 28.29 3.65 14.79
N SER A 60 28.04 4.74 15.52
CA SER A 60 27.78 4.66 16.95
C SER A 60 26.45 3.96 17.21
N GLU A 61 25.53 4.09 16.26
CA GLU A 61 24.22 3.48 16.40
C GLU A 61 24.31 1.98 16.12
N LEU A 62 25.18 1.62 15.19
CA LEU A 62 25.43 0.22 14.86
C LEU A 62 26.30 -0.45 15.91
N LYS A 63 27.04 0.35 16.66
CA LYS A 63 27.80 -0.13 17.81
C LYS A 63 26.86 -0.72 18.84
N GLY A 64 25.73 -0.04 19.03
CA GLY A 64 24.74 -0.50 20.00
C GLY A 64 23.69 -1.39 19.37
N MET A 65 24.14 -2.36 18.59
CA MET A 65 23.25 -3.32 17.96
C MET A 65 23.88 -4.70 17.97
N ASN A 66 23.10 -5.71 18.30
CA ASN A 66 23.59 -7.08 18.35
C ASN A 66 23.86 -7.62 16.95
N LYS A 67 24.44 -8.79 16.87
CA LYS A 67 24.85 -9.39 15.60
C LYS A 67 23.65 -9.69 14.73
N ALA A 68 22.59 -10.21 15.34
CA ALA A 68 21.39 -10.61 14.61
C ALA A 68 20.74 -9.43 13.90
N GLU A 69 20.79 -8.25 14.52
CA GLU A 69 20.25 -7.05 13.90
C GLU A 69 20.96 -6.78 12.58
N HIS A 70 22.29 -6.74 12.65
CA HIS A 70 23.12 -6.52 11.46
C HIS A 70 22.78 -7.50 10.35
N GLU A 71 22.56 -8.75 10.71
CA GLU A 71 22.27 -9.78 9.73
C GLU A 71 20.93 -9.51 9.05
N SER A 72 19.92 -9.19 9.84
CA SER A 72 18.61 -8.84 9.30
C SER A 72 18.73 -7.63 8.37
N ILE A 73 19.43 -6.60 8.84
CA ILE A 73 19.62 -5.36 8.09
C ILE A 73 20.12 -5.63 6.66
N ILE A 74 21.29 -6.23 6.54
CA ILE A 74 21.92 -6.37 5.25
C ILE A 74 21.25 -7.47 4.43
N SER A 75 20.60 -8.41 5.10
CA SER A 75 19.85 -9.45 4.41
C SER A 75 18.64 -8.85 3.71
N ASN A 76 18.11 -7.77 4.28
CA ASN A 76 16.99 -7.06 3.67
C ASN A 76 17.49 -6.17 2.55
N LEU A 77 18.75 -5.78 2.62
CA LEU A 77 19.41 -5.08 1.52
C LEU A 77 19.57 -6.02 0.33
N GLY A 78 19.87 -7.28 0.63
CA GLY A 78 20.04 -8.26 -0.42
C GLY A 78 21.40 -8.92 -0.38
N ARG A 79 22.25 -8.50 0.54
CA ARG A 79 23.58 -9.07 0.67
C ARG A 79 23.67 -9.96 1.89
N ASN A 80 24.25 -11.14 1.70
CA ASN A 80 24.45 -12.07 2.80
C ASN A 80 25.46 -11.51 3.80
N PRO A 81 25.03 -11.29 5.05
CA PRO A 81 25.87 -10.67 6.08
C PRO A 81 26.95 -11.61 6.60
N SER A 82 26.92 -12.86 6.14
CA SER A 82 27.94 -13.83 6.52
C SER A 82 29.20 -13.62 5.67
N ASP A 83 29.09 -12.76 4.65
CA ASP A 83 30.26 -12.37 3.88
C ASP A 83 31.16 -11.50 4.72
N PHE A 84 30.59 -10.90 5.76
CA PHE A 84 31.31 -10.05 6.68
C PHE A 84 31.37 -10.71 8.04
N LYS A 85 32.56 -11.17 8.41
CA LYS A 85 32.73 -11.96 9.62
C LYS A 85 32.86 -11.07 10.85
N ASN A 86 33.62 -10.00 10.70
CA ASN A 86 33.89 -9.11 11.83
C ASN A 86 32.83 -8.02 11.93
N ALA A 87 32.60 -7.56 13.16
CA ALA A 87 31.67 -6.47 13.41
C ALA A 87 32.08 -5.23 12.62
N ASP A 88 33.39 -5.01 12.55
CA ASP A 88 33.97 -3.90 11.80
C ASP A 88 33.45 -3.89 10.36
N GLU A 89 33.57 -5.05 9.70
CA GLU A 89 33.17 -5.19 8.30
C GLU A 89 31.69 -4.92 8.13
N ARG A 90 30.89 -5.46 9.05
CA ARG A 90 29.44 -5.31 8.97
C ARG A 90 29.03 -3.85 9.14
N ILE A 91 29.67 -3.16 10.07
CA ILE A 91 29.40 -1.74 10.27
C ILE A 91 29.86 -0.94 9.06
N ALA A 92 31.06 -1.23 8.58
CA ALA A 92 31.63 -0.53 7.44
C ALA A 92 30.76 -0.65 6.20
N TYR A 93 30.17 -1.82 5.99
CA TYR A 93 29.34 -2.03 4.81
C TYR A 93 28.03 -1.26 4.91
N ILE A 94 27.46 -1.22 6.11
CA ILE A 94 26.22 -0.46 6.32
C ILE A 94 26.49 1.04 6.14
N LEU A 95 27.71 1.46 6.50
CA LEU A 95 28.15 2.83 6.28
C LEU A 95 28.45 3.08 4.81
N LYS A 96 28.69 2.01 4.06
CA LYS A 96 29.00 2.12 2.64
C LYS A 96 27.76 2.57 1.86
N GLN A 97 26.59 2.16 2.30
CA GLN A 97 25.35 2.60 1.68
C GLN A 97 25.14 4.09 1.94
N ILE A 98 25.54 4.54 3.12
CA ILE A 98 25.47 5.96 3.46
C ILE A 98 26.47 6.74 2.62
N ASP A 99 27.60 6.11 2.29
CA ASP A 99 28.58 6.70 1.39
C ASP A 99 27.96 6.96 0.02
N ASN A 100 27.18 6.01 -0.47
CA ASN A 100 26.52 6.16 -1.76
C ASN A 100 25.42 7.20 -1.67
N LYS A 101 24.85 7.34 -0.48
CA LYS A 101 23.82 8.35 -0.24
C LYS A 101 24.45 9.73 -0.06
N GLY A 102 25.79 9.77 -0.11
CA GLY A 102 26.50 11.04 -0.01
C GLY A 102 26.17 11.97 -1.15
N GLU A 103 25.68 11.40 -2.24
CA GLU A 103 25.20 12.17 -3.37
C GLU A 103 23.74 11.84 -3.63
N LEU A 104 23.01 12.75 -4.26
CA LEU A 104 21.56 12.65 -4.36
C LEU A 104 21.15 11.67 -5.47
N GLU A 105 21.83 11.72 -6.60
CA GLU A 105 21.55 10.80 -7.70
C GLU A 105 21.95 9.39 -7.29
N HIS A 106 21.00 8.47 -7.29
CA HIS A 106 21.22 7.10 -6.83
C HIS A 106 22.17 6.34 -7.74
N HIS A 107 23.45 6.30 -7.34
CA HIS A 107 24.54 5.66 -8.09
C HIS A 107 24.46 5.88 -9.60
N HIS A 108 24.27 7.14 -9.98
CA HIS A 108 24.30 7.59 -11.38
C HIS A 108 23.11 7.10 -12.19
N HIS A 109 22.56 7.99 -13.02
CA HIS A 109 21.57 7.61 -14.01
C HIS A 109 22.24 6.75 -15.08
N HIS A 110 21.66 5.59 -15.36
CA HIS A 110 22.33 4.58 -16.19
C HIS A 110 22.71 5.13 -17.56
N HIS A 111 21.82 5.89 -18.17
CA HIS A 111 22.11 6.50 -19.45
C HIS A 111 21.97 8.01 -19.35
N MET A 1 -0.55 2.61 3.52
CA MET A 1 -1.16 3.29 4.67
C MET A 1 -2.35 2.46 5.17
N PHE A 2 -3.05 2.95 6.18
CA PHE A 2 -4.17 2.21 6.77
C PHE A 2 -5.50 2.74 6.24
N THR A 3 -6.49 1.85 6.13
CA THR A 3 -7.81 2.24 5.66
C THR A 3 -8.88 1.92 6.71
N ALA A 4 -9.74 2.89 6.97
CA ALA A 4 -10.82 2.73 7.93
C ALA A 4 -12.16 2.87 7.23
N LYS A 5 -13.05 1.90 7.43
CA LYS A 5 -14.35 1.94 6.81
C LYS A 5 -15.44 2.09 7.86
N LEU A 6 -16.23 3.15 7.74
CA LEU A 6 -17.33 3.40 8.68
C LEU A 6 -18.35 2.28 8.60
N ILE A 7 -18.63 1.66 9.75
CA ILE A 7 -19.55 0.54 9.81
C ILE A 7 -20.73 0.85 10.72
N LYS A 8 -20.78 2.08 11.20
CA LYS A 8 -21.85 2.54 12.07
C LYS A 8 -22.38 3.88 11.60
N GLY A 9 -23.56 3.85 10.99
CA GLY A 9 -24.17 5.07 10.51
C GLY A 9 -24.21 5.12 8.99
N LYS A 10 -23.59 6.14 8.42
CA LYS A 10 -23.58 6.32 6.98
C LYS A 10 -22.59 7.41 6.62
N THR A 11 -22.62 8.51 7.35
CA THR A 11 -21.63 9.56 7.21
C THR A 11 -21.16 10.05 8.58
N TYR A 12 -19.90 9.79 8.89
CA TYR A 12 -19.33 10.18 10.16
C TYR A 12 -18.10 11.06 9.95
N ASN A 13 -18.21 12.33 10.33
CA ASN A 13 -17.11 13.27 10.15
C ASN A 13 -16.23 13.31 11.41
N VAL A 14 -15.05 12.74 11.30
CA VAL A 14 -14.09 12.76 12.40
C VAL A 14 -13.02 13.82 12.13
N MET A 15 -13.06 14.88 12.92
CA MET A 15 -12.14 16.02 12.78
C MET A 15 -12.37 16.74 11.46
N GLY A 16 -11.80 16.20 10.39
CA GLY A 16 -11.96 16.79 9.08
C GLY A 16 -12.23 15.76 8.01
N ILE A 17 -12.24 14.49 8.40
CA ILE A 17 -12.45 13.40 7.46
C ILE A 17 -13.87 12.85 7.59
N THR A 18 -14.66 12.99 6.54
CA THR A 18 -16.01 12.44 6.54
C THR A 18 -16.00 11.02 6.02
N PHE A 19 -16.17 10.06 6.92
CA PHE A 19 -16.21 8.66 6.55
C PHE A 19 -17.62 8.27 6.14
N ARG A 20 -17.72 7.35 5.20
CA ARG A 20 -19.02 6.90 4.72
C ARG A 20 -19.15 5.39 4.93
N ALA A 21 -20.29 4.98 5.48
CA ALA A 21 -20.56 3.56 5.71
C ALA A 21 -20.52 2.79 4.41
N GLY A 22 -19.52 1.91 4.29
CA GLY A 22 -19.35 1.14 3.08
C GLY A 22 -18.09 1.53 2.33
N VAL A 23 -17.49 2.65 2.72
CA VAL A 23 -16.30 3.16 2.05
C VAL A 23 -15.11 3.17 3.00
N SER A 24 -14.06 2.43 2.65
CA SER A 24 -12.81 2.48 3.40
C SER A 24 -11.99 3.68 2.96
N GLN A 25 -11.63 4.54 3.89
CA GLN A 25 -10.86 5.73 3.57
C GLN A 25 -9.52 5.72 4.31
N THR A 26 -8.49 6.23 3.65
CA THR A 26 -7.14 6.19 4.17
C THR A 26 -6.97 7.15 5.35
N VAL A 27 -6.39 6.66 6.44
CA VAL A 27 -6.13 7.48 7.61
C VAL A 27 -4.69 7.31 8.08
N PRO A 28 -4.12 8.35 8.72
CA PRO A 28 -2.78 8.28 9.31
C PRO A 28 -2.74 7.35 10.52
N LYS A 29 -1.54 6.99 10.95
CA LYS A 29 -1.37 6.03 12.04
C LYS A 29 -1.98 6.55 13.34
N LYS A 30 -1.93 7.87 13.55
CA LYS A 30 -2.52 8.48 14.73
C LYS A 30 -4.02 8.24 14.76
N LEU A 31 -4.68 8.47 13.62
CA LEU A 31 -6.12 8.28 13.53
C LEU A 31 -6.47 6.80 13.48
N TYR A 32 -5.51 5.97 13.08
CA TYR A 32 -5.70 4.53 13.07
C TYR A 32 -5.92 4.03 14.50
N GLU A 33 -5.07 4.49 15.42
CA GLU A 33 -5.21 4.13 16.82
C GLU A 33 -6.36 4.92 17.47
N TYR A 34 -6.54 6.15 17.01
CA TYR A 34 -7.63 6.99 17.49
C TYR A 34 -8.97 6.31 17.23
N LEU A 35 -9.16 5.83 16.01
CA LEU A 35 -10.39 5.16 15.62
C LEU A 35 -10.39 3.72 16.11
N ASN A 36 -9.23 3.23 16.50
CA ASN A 36 -9.11 1.91 17.11
C ASN A 36 -9.90 1.89 18.41
N GLU A 37 -9.80 2.98 19.16
CA GLU A 37 -10.52 3.12 20.43
C GLU A 37 -11.94 3.64 20.19
N ASN A 38 -12.32 3.78 18.92
CA ASN A 38 -13.65 4.28 18.56
C ASN A 38 -14.37 3.28 17.67
N PRO A 39 -15.23 2.44 18.25
CA PRO A 39 -15.92 1.36 17.54
C PRO A 39 -17.00 1.86 16.57
N TYR A 40 -16.56 2.60 15.56
CA TYR A 40 -17.44 3.04 14.49
C TYR A 40 -16.96 2.50 13.15
N PHE A 41 -15.73 2.01 13.14
CA PHE A 41 -15.06 1.72 11.89
C PHE A 41 -14.48 0.31 11.91
N ILE A 42 -14.38 -0.27 10.74
CA ILE A 42 -13.59 -1.47 10.57
C ILE A 42 -12.22 -1.08 10.04
N LEU A 43 -11.19 -1.37 10.81
CA LEU A 43 -9.85 -0.97 10.49
C LEU A 43 -9.13 -2.08 9.75
N THR A 44 -8.54 -1.73 8.61
CA THR A 44 -7.89 -2.73 7.77
C THR A 44 -6.61 -2.16 7.15
N GLN A 45 -5.63 -3.01 6.96
CA GLN A 45 -4.42 -2.64 6.24
C GLN A 45 -4.33 -3.43 4.94
N GLU A 46 -4.62 -2.78 3.83
CA GLU A 46 -4.67 -3.44 2.55
C GLU A 46 -3.46 -3.06 1.69
N LEU A 47 -2.59 -4.04 1.48
CA LEU A 47 -1.41 -3.85 0.66
C LEU A 47 -1.67 -4.38 -0.75
N ASN A 48 -1.07 -3.74 -1.75
CA ASN A 48 -1.23 -4.19 -3.13
C ASN A 48 -0.51 -5.51 -3.35
N ASN A 49 -1.24 -6.60 -3.10
CA ASN A 49 -0.70 -7.94 -3.28
C ASN A 49 -1.84 -8.92 -3.51
N GLN A 50 -2.91 -8.74 -2.74
CA GLN A 50 -4.08 -9.60 -2.86
C GLN A 50 -5.10 -9.02 -3.83
N LYS A 51 -4.70 -7.96 -4.52
CA LYS A 51 -5.56 -7.30 -5.50
C LYS A 51 -4.73 -6.81 -6.66
N ASP A 52 -5.21 -7.05 -7.87
CA ASP A 52 -4.56 -6.57 -9.08
C ASP A 52 -5.57 -5.82 -9.93
N ASP A 53 -5.11 -5.19 -10.99
CA ASP A 53 -5.98 -4.40 -11.85
C ASP A 53 -5.89 -4.91 -13.29
N PRO A 54 -6.61 -6.01 -13.60
CA PRO A 54 -6.49 -6.72 -14.86
C PRO A 54 -7.54 -6.32 -15.90
N ILE A 55 -7.59 -5.04 -16.22
CA ILE A 55 -8.50 -4.56 -17.25
C ILE A 55 -8.26 -3.06 -17.50
N ASN A 56 -6.99 -2.69 -17.40
CA ASN A 56 -6.59 -1.29 -17.45
C ASN A 56 -5.13 -1.18 -17.89
N TYR A 57 -4.92 -1.23 -19.20
CA TYR A 57 -3.58 -1.18 -19.77
C TYR A 57 -3.59 -0.37 -21.06
N THR A 58 -2.48 0.28 -21.37
CA THR A 58 -2.38 1.12 -22.56
C THR A 58 -2.62 0.30 -23.82
N GLU A 59 -3.36 0.87 -24.77
CA GLU A 59 -3.60 0.21 -26.04
C GLU A 59 -2.27 -0.06 -26.73
N SER A 60 -1.34 0.89 -26.58
CA SER A 60 -0.01 0.75 -27.13
C SER A 60 0.77 -0.31 -26.37
N GLU A 61 0.35 -0.62 -25.14
CA GLU A 61 0.95 -1.73 -24.41
C GLU A 61 0.35 -3.05 -24.88
N LEU A 62 -0.98 -3.05 -24.99
CA LEU A 62 -1.72 -4.25 -25.38
C LEU A 62 -1.45 -4.64 -26.83
N LYS A 63 -0.93 -3.70 -27.61
CA LYS A 63 -0.53 -3.98 -28.98
C LYS A 63 0.67 -4.93 -29.01
N GLY A 64 1.53 -4.80 -28.00
CA GLY A 64 2.71 -5.64 -27.92
C GLY A 64 2.47 -6.87 -27.08
N MET A 65 1.48 -6.79 -26.21
CA MET A 65 1.12 -7.92 -25.36
C MET A 65 0.43 -9.00 -26.16
N ASN A 66 0.80 -10.24 -25.91
CA ASN A 66 0.32 -11.39 -26.69
C ASN A 66 -1.14 -11.69 -26.42
N LYS A 67 -1.72 -12.53 -27.27
CA LYS A 67 -3.11 -12.93 -27.15
C LYS A 67 -3.35 -13.63 -25.82
N ALA A 68 -2.40 -14.48 -25.43
CA ALA A 68 -2.47 -15.17 -24.13
C ALA A 68 -2.58 -14.16 -22.99
N GLU A 69 -1.90 -13.03 -23.14
CA GLU A 69 -1.94 -11.97 -22.14
C GLU A 69 -3.33 -11.34 -22.10
N HIS A 70 -3.85 -10.97 -23.27
CA HIS A 70 -5.20 -10.44 -23.38
C HIS A 70 -6.21 -11.39 -22.72
N GLU A 71 -6.05 -12.68 -22.98
CA GLU A 71 -6.90 -13.69 -22.35
C GLU A 71 -6.74 -13.65 -20.85
N SER A 72 -5.51 -13.74 -20.37
CA SER A 72 -5.23 -13.72 -18.93
C SER A 72 -5.88 -12.50 -18.26
N ILE A 73 -5.76 -11.36 -18.91
CA ILE A 73 -6.32 -10.10 -18.42
C ILE A 73 -7.84 -10.20 -18.26
N ILE A 74 -8.54 -10.40 -19.37
CA ILE A 74 -9.99 -10.31 -19.37
C ILE A 74 -10.64 -11.57 -18.78
N SER A 75 -9.85 -12.61 -18.55
CA SER A 75 -10.33 -13.79 -17.85
C SER A 75 -10.32 -13.55 -16.34
N ASN A 76 -9.35 -12.77 -15.87
CA ASN A 76 -9.31 -12.36 -14.47
C ASN A 76 -10.43 -11.38 -14.19
N LEU A 77 -10.83 -10.66 -15.22
CA LEU A 77 -12.02 -9.81 -15.15
C LEU A 77 -13.27 -10.67 -15.02
N GLY A 78 -13.17 -11.93 -15.45
CA GLY A 78 -14.28 -12.84 -15.38
C GLY A 78 -15.17 -12.79 -16.60
N ARG A 79 -14.65 -12.26 -17.69
CA ARG A 79 -15.41 -12.14 -18.92
C ARG A 79 -15.00 -13.21 -19.93
N ASN A 80 -13.70 -13.48 -20.00
CA ASN A 80 -13.12 -14.43 -20.95
C ASN A 80 -13.26 -13.92 -22.38
N PRO A 81 -12.14 -13.46 -22.98
CA PRO A 81 -12.15 -12.89 -24.33
C PRO A 81 -12.05 -13.94 -25.42
N SER A 82 -12.66 -15.10 -25.18
CA SER A 82 -12.69 -16.17 -26.15
C SER A 82 -13.72 -15.87 -27.24
N ASP A 83 -14.72 -15.07 -26.88
CA ASP A 83 -15.76 -14.67 -27.84
C ASP A 83 -15.21 -13.63 -28.80
N PHE A 84 -14.28 -12.82 -28.31
CA PHE A 84 -13.66 -11.80 -29.15
C PHE A 84 -12.55 -12.42 -29.97
N LYS A 85 -12.78 -12.55 -31.26
CA LYS A 85 -11.85 -13.23 -32.15
C LYS A 85 -10.73 -12.30 -32.58
N ASN A 86 -11.05 -11.02 -32.70
CA ASN A 86 -10.08 -10.04 -33.17
C ASN A 86 -9.34 -9.43 -32.00
N ALA A 87 -8.04 -9.19 -32.19
CA ALA A 87 -7.21 -8.58 -31.17
C ALA A 87 -7.70 -7.18 -30.86
N ASP A 88 -8.13 -6.49 -31.91
CA ASP A 88 -8.65 -5.13 -31.79
C ASP A 88 -9.87 -5.05 -30.88
N GLU A 89 -10.71 -6.07 -30.95
CA GLU A 89 -11.89 -6.15 -30.10
C GLU A 89 -11.46 -6.30 -28.65
N ARG A 90 -10.37 -7.03 -28.45
CA ARG A 90 -9.79 -7.20 -27.14
C ARG A 90 -9.15 -5.90 -26.66
N ILE A 91 -8.57 -5.15 -27.60
CA ILE A 91 -8.02 -3.84 -27.31
C ILE A 91 -9.13 -2.91 -26.82
N ALA A 92 -10.18 -2.82 -27.63
CA ALA A 92 -11.28 -1.91 -27.38
C ALA A 92 -11.94 -2.19 -26.03
N TYR A 93 -12.10 -3.46 -25.69
CA TYR A 93 -12.77 -3.83 -24.45
C TYR A 93 -11.96 -3.42 -23.23
N ILE A 94 -10.66 -3.70 -23.25
CA ILE A 94 -9.79 -3.36 -22.14
C ILE A 94 -9.69 -1.83 -22.01
N LEU A 95 -9.59 -1.15 -23.15
CA LEU A 95 -9.53 0.31 -23.18
C LEU A 95 -10.87 0.91 -22.75
N LYS A 96 -11.95 0.20 -23.01
CA LYS A 96 -13.29 0.70 -22.70
C LYS A 96 -13.55 0.69 -21.20
N GLN A 97 -12.74 -0.09 -20.48
CA GLN A 97 -12.84 -0.11 -19.03
C GLN A 97 -12.04 1.05 -18.45
N ILE A 98 -10.99 1.44 -19.14
CA ILE A 98 -10.22 2.61 -18.78
C ILE A 98 -11.04 3.87 -19.06
N ASP A 99 -11.81 3.80 -20.14
CA ASP A 99 -12.72 4.87 -20.53
C ASP A 99 -13.81 5.06 -19.47
N ASN A 100 -14.07 3.99 -18.73
CA ASN A 100 -15.07 4.03 -17.65
C ASN A 100 -14.42 4.55 -16.36
N LYS A 101 -13.10 4.54 -16.32
CA LYS A 101 -12.36 5.03 -15.16
C LYS A 101 -11.96 6.48 -15.36
N GLY A 102 -12.73 7.40 -14.81
CA GLY A 102 -12.39 8.80 -14.91
C GLY A 102 -13.61 9.71 -14.98
N GLU A 103 -14.61 9.42 -14.15
CA GLU A 103 -15.80 10.27 -14.01
C GLU A 103 -16.68 10.28 -15.27
N LEU A 104 -16.27 9.51 -16.28
CA LEU A 104 -16.95 9.50 -17.57
C LEU A 104 -17.12 10.92 -18.08
N GLU A 105 -16.00 11.61 -18.22
CA GLU A 105 -16.00 13.02 -18.55
C GLU A 105 -16.38 13.27 -20.00
N HIS A 106 -16.80 14.50 -20.27
CA HIS A 106 -17.13 14.96 -21.61
C HIS A 106 -17.15 16.49 -21.63
N HIS A 107 -15.96 17.07 -21.75
CA HIS A 107 -15.81 18.52 -21.66
C HIS A 107 -15.95 19.17 -23.02
N HIS A 108 -16.58 20.34 -23.04
CA HIS A 108 -16.75 21.10 -24.27
C HIS A 108 -16.78 22.59 -23.96
N HIS A 109 -15.79 23.32 -24.50
CA HIS A 109 -15.74 24.77 -24.33
C HIS A 109 -16.71 25.42 -25.32
N HIS A 110 -16.99 26.71 -25.12
CA HIS A 110 -17.81 27.46 -26.06
C HIS A 110 -17.00 27.77 -27.32
N HIS A 111 -16.74 26.73 -28.10
CA HIS A 111 -15.95 26.83 -29.32
C HIS A 111 -15.98 25.49 -30.05
N MET A 1 -1.29 0.29 3.65
CA MET A 1 -1.34 1.44 4.58
C MET A 1 -2.48 1.25 5.56
N PHE A 2 -2.74 2.27 6.38
CA PHE A 2 -3.80 2.18 7.37
C PHE A 2 -5.09 2.72 6.81
N THR A 3 -6.07 1.86 6.62
CA THR A 3 -7.37 2.27 6.12
C THR A 3 -8.45 2.07 7.18
N ALA A 4 -9.45 2.92 7.16
CA ALA A 4 -10.55 2.81 8.09
C ALA A 4 -11.88 2.90 7.34
N LYS A 5 -12.80 2.01 7.67
CA LYS A 5 -14.11 2.03 7.05
C LYS A 5 -15.18 2.21 8.12
N LEU A 6 -15.94 3.30 8.02
CA LEU A 6 -17.04 3.53 8.94
C LEU A 6 -18.14 2.55 8.62
N ILE A 7 -18.61 1.83 9.62
CA ILE A 7 -19.65 0.82 9.42
C ILE A 7 -20.94 1.22 10.12
N LYS A 8 -20.84 2.17 11.04
CA LYS A 8 -22.00 2.61 11.81
C LYS A 8 -22.06 4.12 11.86
N GLY A 9 -23.27 4.66 11.73
CA GLY A 9 -23.45 6.09 11.80
C GLY A 9 -23.85 6.68 10.47
N LYS A 10 -23.70 5.87 9.41
CA LYS A 10 -24.08 6.24 8.05
C LYS A 10 -23.10 7.26 7.45
N THR A 11 -22.87 8.33 8.17
CA THR A 11 -21.92 9.35 7.76
C THR A 11 -21.35 10.06 9.00
N TYR A 12 -20.05 9.97 9.18
CA TYR A 12 -19.39 10.57 10.33
C TYR A 12 -18.05 11.18 9.93
N ASN A 13 -17.87 12.45 10.26
CA ASN A 13 -16.62 13.15 9.98
C ASN A 13 -15.67 13.05 11.16
N VAL A 14 -14.46 12.57 10.90
CA VAL A 14 -13.43 12.53 11.92
C VAL A 14 -12.41 13.63 11.66
N MET A 15 -12.49 14.68 12.48
CA MET A 15 -11.65 15.88 12.33
C MET A 15 -11.97 16.62 11.04
N GLY A 16 -11.48 16.10 9.93
CA GLY A 16 -11.72 16.72 8.64
C GLY A 16 -11.98 15.70 7.55
N ILE A 17 -11.95 14.43 7.90
CA ILE A 17 -12.15 13.37 6.93
C ILE A 17 -13.58 12.82 7.04
N THR A 18 -14.30 12.86 5.93
CA THR A 18 -15.67 12.37 5.89
C THR A 18 -15.71 10.86 5.69
N PHE A 19 -16.23 10.14 6.67
CA PHE A 19 -16.39 8.70 6.55
C PHE A 19 -17.86 8.36 6.36
N ARG A 20 -18.13 7.40 5.50
CA ARG A 20 -19.48 6.95 5.24
C ARG A 20 -19.55 5.44 5.41
N ALA A 21 -20.70 4.94 5.86
CA ALA A 21 -20.87 3.51 6.08
C ALA A 21 -20.64 2.72 4.79
N GLY A 22 -19.56 1.94 4.76
CA GLY A 22 -19.25 1.15 3.59
C GLY A 22 -18.22 1.81 2.70
N VAL A 23 -17.68 2.94 3.16
CA VAL A 23 -16.66 3.65 2.40
C VAL A 23 -15.32 3.56 3.12
N SER A 24 -14.38 2.86 2.51
CA SER A 24 -13.07 2.64 3.09
C SER A 24 -12.09 3.72 2.62
N GLN A 25 -11.47 4.41 3.55
CA GLN A 25 -10.54 5.48 3.22
C GLN A 25 -9.27 5.37 4.06
N THR A 26 -8.16 5.83 3.49
CA THR A 26 -6.85 5.74 4.14
C THR A 26 -6.69 6.86 5.18
N VAL A 27 -6.10 6.50 6.32
CA VAL A 27 -5.88 7.45 7.40
C VAL A 27 -4.46 7.31 7.96
N PRO A 28 -3.96 8.37 8.62
CA PRO A 28 -2.68 8.31 9.33
C PRO A 28 -2.75 7.41 10.56
N LYS A 29 -1.60 7.15 11.18
CA LYS A 29 -1.55 6.27 12.34
C LYS A 29 -2.30 6.91 13.50
N LYS A 30 -2.27 8.23 13.54
CA LYS A 30 -3.01 8.99 14.56
C LYS A 30 -4.49 8.61 14.53
N LEU A 31 -5.09 8.71 13.34
CA LEU A 31 -6.50 8.42 13.17
C LEU A 31 -6.77 6.93 13.32
N TYR A 32 -5.83 6.10 12.85
CA TYR A 32 -5.96 4.66 12.96
C TYR A 32 -6.18 4.24 14.41
N GLU A 33 -5.38 4.79 15.31
CA GLU A 33 -5.49 4.47 16.72
C GLU A 33 -6.75 5.10 17.31
N TYR A 34 -7.01 6.35 16.95
CA TYR A 34 -8.19 7.06 17.42
C TYR A 34 -9.46 6.32 17.05
N LEU A 35 -9.48 5.74 15.85
CA LEU A 35 -10.63 5.00 15.37
C LEU A 35 -10.56 3.54 15.78
N ASN A 36 -9.42 3.13 16.33
CA ASN A 36 -9.28 1.79 16.90
C ASN A 36 -9.98 1.78 18.26
N GLU A 37 -10.09 2.96 18.84
CA GLU A 37 -10.82 3.15 20.09
C GLU A 37 -12.31 3.32 19.82
N ASN A 38 -12.66 3.55 18.55
CA ASN A 38 -14.04 3.76 18.15
C ASN A 38 -14.54 2.60 17.29
N PRO A 39 -15.34 1.71 17.89
CA PRO A 39 -15.79 0.46 17.24
C PRO A 39 -16.78 0.66 16.09
N TYR A 40 -16.96 1.91 15.65
CA TYR A 40 -17.87 2.19 14.53
C TYR A 40 -17.13 2.01 13.23
N PHE A 41 -15.85 1.72 13.33
CA PHE A 41 -15.00 1.58 12.16
C PHE A 41 -14.42 0.18 12.07
N ILE A 42 -14.52 -0.41 10.89
CA ILE A 42 -13.76 -1.61 10.57
C ILE A 42 -12.52 -1.19 9.79
N LEU A 43 -11.39 -1.22 10.48
CA LEU A 43 -10.14 -0.76 9.90
C LEU A 43 -9.43 -1.91 9.20
N THR A 44 -8.48 -1.58 8.34
CA THR A 44 -7.76 -2.56 7.56
C THR A 44 -6.34 -2.07 7.27
N GLN A 45 -5.43 -3.00 7.07
CA GLN A 45 -4.07 -2.66 6.67
C GLN A 45 -3.70 -3.48 5.46
N GLU A 46 -3.61 -2.83 4.31
CA GLU A 46 -3.32 -3.53 3.07
C GLU A 46 -1.86 -3.36 2.70
N LEU A 47 -1.18 -4.48 2.47
CA LEU A 47 0.26 -4.48 2.24
C LEU A 47 0.63 -3.68 1.00
N ASN A 48 1.21 -2.52 1.24
CA ASN A 48 1.71 -1.67 0.18
C ASN A 48 3.04 -1.07 0.65
N ASN A 49 4.01 -1.04 -0.24
CA ASN A 49 5.35 -0.62 0.13
C ASN A 49 5.38 0.85 0.56
N GLN A 50 6.28 1.13 1.50
CA GLN A 50 6.42 2.47 2.05
C GLN A 50 7.20 3.37 1.09
N LYS A 51 7.49 4.60 1.52
CA LYS A 51 8.22 5.53 0.70
C LYS A 51 9.70 5.13 0.66
N ASP A 52 10.40 5.58 -0.38
CA ASP A 52 11.77 5.14 -0.64
C ASP A 52 12.77 5.79 0.32
N ASP A 53 14.05 5.55 0.05
CA ASP A 53 15.14 5.94 0.96
C ASP A 53 15.12 7.43 1.28
N PRO A 54 15.12 7.77 2.58
CA PRO A 54 15.12 9.15 3.06
C PRO A 54 16.50 9.80 2.97
N ILE A 55 17.15 9.63 1.83
CA ILE A 55 18.47 10.22 1.56
C ILE A 55 18.82 10.02 0.08
N ASN A 56 17.78 9.85 -0.70
CA ASN A 56 17.91 9.53 -2.12
C ASN A 56 16.62 9.89 -2.85
N TYR A 57 16.61 11.05 -3.50
CA TYR A 57 15.43 11.54 -4.18
C TYR A 57 15.81 12.20 -5.51
N THR A 58 14.83 12.78 -6.18
CA THR A 58 15.08 13.54 -7.40
C THR A 58 15.60 14.92 -7.05
N GLU A 59 16.71 15.32 -7.66
CA GLU A 59 17.28 16.63 -7.36
C GLU A 59 16.31 17.74 -7.78
N SER A 60 15.66 17.56 -8.92
CA SER A 60 14.63 18.48 -9.36
C SER A 60 13.45 18.45 -8.39
N GLU A 61 13.25 17.30 -7.76
CA GLU A 61 12.18 17.15 -6.79
C GLU A 61 12.57 17.82 -5.47
N LEU A 62 13.84 17.70 -5.11
CA LEU A 62 14.37 18.30 -3.90
C LEU A 62 14.47 19.81 -4.03
N LYS A 63 14.63 20.29 -5.26
CA LYS A 63 14.65 21.72 -5.53
C LYS A 63 13.23 22.30 -5.49
N GLY A 64 12.26 21.42 -5.25
CA GLY A 64 10.90 21.85 -5.02
C GLY A 64 10.45 21.48 -3.62
N MET A 65 11.41 21.36 -2.72
CA MET A 65 11.15 20.98 -1.33
C MET A 65 11.59 22.08 -0.38
N ASN A 66 11.08 22.05 0.84
CA ASN A 66 11.40 23.05 1.84
C ASN A 66 12.60 22.61 2.68
N LYS A 67 12.85 23.31 3.78
CA LYS A 67 14.01 23.01 4.62
C LYS A 67 13.75 21.80 5.51
N ALA A 68 12.51 21.65 5.97
CA ALA A 68 12.15 20.65 6.97
C ALA A 68 12.40 19.24 6.47
N GLU A 69 11.91 18.95 5.28
CA GLU A 69 12.08 17.63 4.67
C GLU A 69 13.56 17.35 4.43
N HIS A 70 14.28 18.32 3.86
CA HIS A 70 15.73 18.18 3.65
C HIS A 70 16.44 17.87 4.95
N GLU A 71 16.04 18.53 6.03
CA GLU A 71 16.64 18.30 7.33
C GLU A 71 16.33 16.89 7.83
N SER A 72 15.06 16.51 7.78
CA SER A 72 14.65 15.19 8.23
C SER A 72 15.36 14.10 7.43
N ILE A 73 15.55 14.35 6.14
CA ILE A 73 16.27 13.43 5.26
C ILE A 73 17.67 13.12 5.81
N ILE A 74 18.49 14.13 5.93
CA ILE A 74 19.89 13.90 6.25
C ILE A 74 20.10 13.62 7.74
N SER A 75 19.15 14.05 8.57
CA SER A 75 19.23 13.73 10.00
C SER A 75 18.95 12.25 10.22
N ASN A 76 18.22 11.64 9.29
CA ASN A 76 18.02 10.20 9.30
C ASN A 76 19.28 9.50 8.79
N LEU A 77 19.97 10.13 7.85
CA LEU A 77 21.25 9.63 7.36
C LEU A 77 22.28 9.59 8.48
N GLY A 78 22.27 10.60 9.35
CA GLY A 78 23.19 10.64 10.45
C GLY A 78 23.89 11.98 10.55
N ARG A 79 24.40 12.47 9.43
CA ARG A 79 25.08 13.76 9.41
C ARG A 79 24.04 14.88 9.44
N ASN A 80 24.02 15.59 10.55
CA ASN A 80 23.03 16.63 10.79
C ASN A 80 23.14 17.75 9.76
N PRO A 81 22.01 18.14 9.16
CA PRO A 81 21.97 19.16 8.12
C PRO A 81 21.84 20.57 8.69
N SER A 82 22.29 20.75 9.92
CA SER A 82 22.22 22.05 10.58
C SER A 82 23.27 22.99 9.99
N ASP A 83 24.43 22.43 9.66
CA ASP A 83 25.53 23.22 9.10
C ASP A 83 25.23 23.60 7.66
N PHE A 84 24.44 22.77 6.99
CA PHE A 84 24.02 23.02 5.63
C PHE A 84 22.84 23.99 5.63
N LYS A 85 23.08 25.22 5.20
CA LYS A 85 22.09 26.28 5.33
C LYS A 85 21.35 26.48 4.02
N ASN A 86 22.10 26.71 2.95
CA ASN A 86 21.53 27.05 1.66
C ASN A 86 21.09 25.78 0.90
N ALA A 87 20.18 25.95 -0.05
CA ALA A 87 19.66 24.84 -0.85
C ALA A 87 20.79 24.07 -1.50
N ASP A 88 21.73 24.79 -2.13
CA ASP A 88 22.87 24.18 -2.81
C ASP A 88 23.57 23.19 -1.90
N GLU A 89 23.85 23.61 -0.68
CA GLU A 89 24.58 22.78 0.28
C GLU A 89 23.78 21.53 0.64
N ARG A 90 22.52 21.72 0.97
CA ARG A 90 21.66 20.62 1.39
C ARG A 90 21.46 19.61 0.27
N ILE A 91 21.22 20.12 -0.94
CA ILE A 91 20.95 19.27 -2.09
C ILE A 91 22.19 18.53 -2.54
N ALA A 92 23.32 19.24 -2.60
CA ALA A 92 24.57 18.65 -3.05
C ALA A 92 24.96 17.47 -2.18
N TYR A 93 24.76 17.59 -0.87
CA TYR A 93 25.11 16.52 0.04
C TYR A 93 24.19 15.32 -0.18
N ILE A 94 22.89 15.57 -0.36
CA ILE A 94 21.94 14.50 -0.65
C ILE A 94 22.32 13.81 -1.96
N LEU A 95 22.75 14.61 -2.94
CA LEU A 95 23.19 14.10 -4.24
C LEU A 95 24.30 13.06 -4.10
N LYS A 96 25.24 13.32 -3.19
CA LYS A 96 26.38 12.42 -2.98
C LYS A 96 25.91 11.03 -2.56
N GLN A 97 24.82 10.97 -1.80
CA GLN A 97 24.26 9.69 -1.36
C GLN A 97 23.36 9.10 -2.43
N ILE A 98 22.92 9.95 -3.35
CA ILE A 98 22.12 9.51 -4.48
C ILE A 98 22.98 8.70 -5.44
N ASP A 99 24.21 9.17 -5.67
CA ASP A 99 25.15 8.45 -6.51
C ASP A 99 25.74 7.27 -5.77
N ASN A 100 26.18 7.49 -4.54
CA ASN A 100 26.76 6.42 -3.74
C ASN A 100 25.97 6.22 -2.45
N LYS A 101 24.95 5.39 -2.53
CA LYS A 101 24.23 4.95 -1.35
C LYS A 101 24.88 3.69 -0.81
N GLY A 102 25.20 2.77 -1.71
CA GLY A 102 25.98 1.60 -1.37
C GLY A 102 25.19 0.51 -0.68
N GLU A 103 24.64 0.84 0.49
CA GLU A 103 23.97 -0.12 1.36
C GLU A 103 25.00 -1.12 1.89
N LEU A 104 24.56 -2.32 2.29
CA LEU A 104 25.44 -3.31 2.90
C LEU A 104 26.12 -2.71 4.13
N GLU A 105 25.29 -2.35 5.10
CA GLU A 105 25.74 -1.62 6.29
C GLU A 105 26.67 -2.49 7.13
N HIS A 106 26.26 -3.72 7.37
CA HIS A 106 27.03 -4.63 8.23
C HIS A 106 26.61 -6.07 8.00
N HIS A 107 27.57 -6.88 7.54
CA HIS A 107 27.34 -8.29 7.31
C HIS A 107 28.69 -9.00 7.25
N HIS A 108 28.74 -10.24 7.77
CA HIS A 108 29.98 -11.03 7.81
C HIS A 108 30.86 -10.57 8.97
N HIS A 109 30.90 -9.26 9.20
CA HIS A 109 31.57 -8.71 10.37
C HIS A 109 30.80 -9.09 11.63
N HIS A 110 31.46 -9.79 12.53
CA HIS A 110 30.83 -10.22 13.77
C HIS A 110 31.74 -9.95 14.95
N HIS A 111 31.25 -10.26 16.14
CA HIS A 111 32.07 -10.19 17.34
C HIS A 111 33.04 -11.36 17.36
N MET A 1 0.52 2.62 5.64
CA MET A 1 -0.66 3.44 5.96
C MET A 1 -1.83 2.54 6.32
N PHE A 2 -2.89 3.11 6.86
CA PHE A 2 -4.04 2.34 7.30
C PHE A 2 -5.31 2.84 6.63
N THR A 3 -6.34 2.00 6.64
CA THR A 3 -7.63 2.37 6.07
C THR A 3 -8.74 2.12 7.10
N ALA A 4 -9.69 3.05 7.15
CA ALA A 4 -10.81 2.93 8.07
C ALA A 4 -12.12 2.84 7.31
N LYS A 5 -12.91 1.83 7.63
CA LYS A 5 -14.20 1.63 6.99
C LYS A 5 -15.32 1.89 7.98
N LEU A 6 -16.00 3.03 7.84
CA LEU A 6 -17.12 3.35 8.71
C LEU A 6 -18.26 2.37 8.47
N ILE A 7 -18.61 1.60 9.49
CA ILE A 7 -19.61 0.56 9.33
C ILE A 7 -20.92 0.94 10.02
N LYS A 8 -20.82 1.72 11.07
CA LYS A 8 -22.00 2.16 11.80
C LYS A 8 -22.28 3.64 11.52
N GLY A 9 -23.50 3.93 11.15
CA GLY A 9 -23.87 5.30 10.89
C GLY A 9 -24.17 5.54 9.42
N LYS A 10 -23.54 6.56 8.85
CA LYS A 10 -23.79 6.96 7.48
C LYS A 10 -22.75 7.99 7.04
N THR A 11 -22.51 8.98 7.90
CA THR A 11 -21.50 9.99 7.65
C THR A 11 -20.84 10.41 8.96
N TYR A 12 -19.55 10.09 9.11
CA TYR A 12 -18.80 10.44 10.30
C TYR A 12 -17.58 11.26 9.94
N ASN A 13 -17.63 12.57 10.17
CA ASN A 13 -16.49 13.43 9.86
C ASN A 13 -15.55 13.55 11.05
N VAL A 14 -14.29 13.17 10.83
CA VAL A 14 -13.26 13.35 11.84
C VAL A 14 -12.16 14.25 11.30
N MET A 15 -12.05 15.45 11.89
CA MET A 15 -11.04 16.43 11.49
C MET A 15 -11.27 16.91 10.06
N GLY A 16 -10.57 16.28 9.12
CA GLY A 16 -10.71 16.64 7.73
C GLY A 16 -11.02 15.43 6.87
N ILE A 17 -11.46 14.35 7.51
CA ILE A 17 -11.80 13.13 6.80
C ILE A 17 -13.25 12.73 7.11
N THR A 18 -14.11 12.85 6.12
CA THR A 18 -15.50 12.45 6.25
C THR A 18 -15.69 10.99 5.86
N PHE A 19 -15.90 10.15 6.86
CA PHE A 19 -16.12 8.73 6.64
C PHE A 19 -17.57 8.47 6.31
N ARG A 20 -17.83 7.44 5.53
CA ARG A 20 -19.19 7.08 5.15
C ARG A 20 -19.42 5.60 5.31
N ALA A 21 -20.64 5.24 5.68
CA ALA A 21 -21.02 3.84 5.90
C ALA A 21 -20.71 2.98 4.67
N GLY A 22 -19.79 2.05 4.84
CA GLY A 22 -19.45 1.13 3.77
C GLY A 22 -18.24 1.58 2.98
N VAL A 23 -17.77 2.78 3.25
CA VAL A 23 -16.66 3.35 2.49
C VAL A 23 -15.34 3.23 3.25
N SER A 24 -14.36 2.62 2.60
CA SER A 24 -13.02 2.50 3.18
C SER A 24 -12.13 3.64 2.70
N GLN A 25 -11.60 4.40 3.64
CA GLN A 25 -10.76 5.54 3.32
C GLN A 25 -9.41 5.42 4.03
N THR A 26 -8.36 5.90 3.36
CA THR A 26 -7.01 5.85 3.93
C THR A 26 -6.85 6.90 5.02
N VAL A 27 -6.41 6.48 6.19
CA VAL A 27 -6.27 7.37 7.34
C VAL A 27 -4.85 7.39 7.87
N PRO A 28 -4.46 8.50 8.52
CA PRO A 28 -3.18 8.60 9.24
C PRO A 28 -3.17 7.67 10.45
N LYS A 29 -1.98 7.42 10.97
CA LYS A 29 -1.83 6.47 12.08
C LYS A 29 -2.57 6.95 13.32
N LYS A 30 -2.62 8.28 13.51
CA LYS A 30 -3.38 8.86 14.62
C LYS A 30 -4.82 8.37 14.60
N LEU A 31 -5.46 8.51 13.44
CA LEU A 31 -6.86 8.18 13.31
C LEU A 31 -7.09 6.68 13.43
N TYR A 32 -6.14 5.89 12.97
CA TYR A 32 -6.26 4.44 13.08
C TYR A 32 -6.39 4.03 14.55
N GLU A 33 -5.56 4.64 15.39
CA GLU A 33 -5.57 4.35 16.82
C GLU A 33 -6.75 5.05 17.50
N TYR A 34 -7.00 6.28 17.08
CA TYR A 34 -8.10 7.09 17.62
C TYR A 34 -9.43 6.39 17.39
N LEU A 35 -9.59 5.79 16.21
CA LEU A 35 -10.80 5.06 15.88
C LEU A 35 -10.70 3.61 16.34
N ASN A 36 -9.48 3.18 16.68
CA ASN A 36 -9.27 1.85 17.22
C ASN A 36 -9.98 1.72 18.56
N GLU A 37 -9.98 2.81 19.32
CA GLU A 37 -10.70 2.87 20.59
C GLU A 37 -12.17 3.24 20.39
N ASN A 38 -12.61 3.27 19.13
CA ASN A 38 -13.99 3.59 18.80
C ASN A 38 -14.58 2.52 17.88
N PRO A 39 -15.23 1.50 18.48
CA PRO A 39 -15.65 0.28 17.78
C PRO A 39 -16.89 0.46 16.89
N TYR A 40 -16.82 1.38 15.94
CA TYR A 40 -17.86 1.50 14.93
C TYR A 40 -17.22 1.64 13.54
N PHE A 41 -15.98 1.18 13.45
CA PHE A 41 -15.24 1.13 12.21
C PHE A 41 -14.67 -0.27 12.01
N ILE A 42 -14.54 -0.68 10.75
CA ILE A 42 -13.69 -1.81 10.42
C ILE A 42 -12.35 -1.28 9.97
N LEU A 43 -11.33 -1.49 10.80
CA LEU A 43 -10.01 -0.96 10.55
C LEU A 43 -9.18 -1.97 9.78
N THR A 44 -8.51 -1.49 8.74
CA THR A 44 -7.71 -2.36 7.89
C THR A 44 -6.38 -1.68 7.54
N GLN A 45 -5.48 -2.44 6.96
CA GLN A 45 -4.29 -1.89 6.33
C GLN A 45 -4.06 -2.61 5.01
N GLU A 46 -4.39 -1.93 3.92
CA GLU A 46 -4.41 -2.54 2.60
C GLU A 46 -3.20 -2.11 1.80
N LEU A 47 -2.97 -2.79 0.67
CA LEU A 47 -1.80 -2.55 -0.15
C LEU A 47 -2.11 -1.53 -1.23
N ASN A 48 -1.05 -1.04 -1.88
CA ASN A 48 -1.19 -0.07 -2.97
C ASN A 48 -0.36 -0.51 -4.17
N ASN A 49 0.93 -0.73 -3.92
CA ASN A 49 1.85 -1.12 -4.98
C ASN A 49 1.61 -2.56 -5.42
N GLN A 50 1.03 -2.72 -6.60
CA GLN A 50 0.79 -4.04 -7.16
C GLN A 50 1.36 -4.12 -8.57
N LYS A 51 1.87 -2.99 -9.05
CA LYS A 51 2.36 -2.89 -10.43
C LYS A 51 3.87 -3.08 -10.50
N ASP A 52 4.45 -3.64 -9.45
CA ASP A 52 5.90 -3.78 -9.37
C ASP A 52 6.38 -4.94 -10.25
N ASP A 53 7.69 -5.12 -10.32
CA ASP A 53 8.28 -6.17 -11.16
C ASP A 53 8.48 -7.45 -10.38
N PRO A 54 8.43 -8.61 -11.07
CA PRO A 54 8.59 -9.92 -10.43
C PRO A 54 10.03 -10.19 -9.96
N ILE A 55 10.29 -9.89 -8.69
CA ILE A 55 11.59 -10.18 -8.07
C ILE A 55 11.57 -9.72 -6.59
N ASN A 56 10.38 -9.70 -6.03
CA ASN A 56 10.18 -9.19 -4.68
C ASN A 56 8.83 -9.64 -4.13
N TYR A 57 8.88 -10.69 -3.32
CA TYR A 57 7.68 -11.29 -2.76
C TYR A 57 7.95 -11.73 -1.34
N THR A 58 6.89 -11.91 -0.56
CA THR A 58 6.99 -12.41 0.80
C THR A 58 7.68 -13.76 0.79
N GLU A 59 8.59 -13.99 1.74
CA GLU A 59 9.25 -15.28 1.83
C GLU A 59 8.22 -16.35 2.15
N SER A 60 7.17 -15.97 2.88
CA SER A 60 6.04 -16.84 3.12
C SER A 60 5.34 -17.13 1.81
N GLU A 61 5.19 -16.10 0.97
CA GLU A 61 4.53 -16.27 -0.32
C GLU A 61 5.39 -17.13 -1.23
N LEU A 62 6.69 -16.88 -1.22
CA LEU A 62 7.62 -17.63 -2.06
C LEU A 62 7.70 -19.09 -1.64
N LYS A 63 7.55 -19.36 -0.35
CA LYS A 63 7.51 -20.73 0.15
C LYS A 63 6.15 -21.37 -0.15
N GLY A 64 5.18 -20.54 -0.46
CA GLY A 64 3.87 -21.01 -0.86
C GLY A 64 3.70 -20.96 -2.37
N MET A 65 4.82 -20.97 -3.08
CA MET A 65 4.81 -20.94 -4.53
C MET A 65 5.43 -22.20 -5.12
N ASN A 66 5.11 -22.44 -6.38
CA ASN A 66 5.67 -23.56 -7.12
C ASN A 66 7.13 -23.28 -7.49
N LYS A 67 7.92 -24.33 -7.65
CA LYS A 67 9.32 -24.20 -8.05
C LYS A 67 9.46 -23.37 -9.31
N ALA A 68 8.64 -23.66 -10.31
CA ALA A 68 8.69 -22.97 -11.60
C ALA A 68 8.50 -21.47 -11.45
N GLU A 69 7.76 -21.06 -10.43
CA GLU A 69 7.54 -19.65 -10.18
C GLU A 69 8.84 -18.97 -9.79
N HIS A 70 9.61 -19.61 -8.91
CA HIS A 70 10.92 -19.09 -8.52
C HIS A 70 11.80 -18.93 -9.74
N GLU A 71 11.75 -19.92 -10.61
CA GLU A 71 12.56 -19.93 -11.82
C GLU A 71 12.19 -18.77 -12.73
N SER A 72 10.89 -18.57 -12.94
CA SER A 72 10.41 -17.53 -13.83
C SER A 72 10.59 -16.14 -13.22
N ILE A 73 10.42 -16.01 -11.90
CA ILE A 73 10.63 -14.75 -11.21
C ILE A 73 12.04 -14.24 -11.45
N ILE A 74 13.04 -15.05 -11.14
CA ILE A 74 14.41 -14.61 -11.24
C ILE A 74 14.86 -14.62 -12.71
N SER A 75 14.14 -15.35 -13.55
CA SER A 75 14.34 -15.28 -14.99
C SER A 75 13.99 -13.88 -15.48
N ASN A 76 12.93 -13.30 -14.90
CA ASN A 76 12.55 -11.93 -15.21
C ASN A 76 13.61 -10.96 -14.72
N LEU A 77 14.24 -11.29 -13.60
CA LEU A 77 15.37 -10.50 -13.09
C LEU A 77 16.50 -10.45 -14.12
N GLY A 78 16.66 -11.55 -14.85
CA GLY A 78 17.71 -11.62 -15.84
C GLY A 78 18.79 -12.60 -15.45
N ARG A 79 18.50 -13.43 -14.46
CA ARG A 79 19.43 -14.46 -14.02
C ARG A 79 18.68 -15.71 -13.59
N ASN A 80 18.51 -16.62 -14.52
CA ASN A 80 17.85 -17.90 -14.26
C ASN A 80 18.61 -18.66 -13.16
N PRO A 81 17.88 -19.19 -12.15
CA PRO A 81 18.46 -19.94 -11.04
C PRO A 81 19.49 -20.97 -11.46
N SER A 82 20.72 -20.50 -11.62
CA SER A 82 21.84 -21.34 -12.00
C SER A 82 22.36 -22.12 -10.80
N ASP A 83 22.11 -23.43 -10.82
CA ASP A 83 22.61 -24.36 -9.81
C ASP A 83 22.29 -23.88 -8.40
N PHE A 84 21.00 -23.78 -8.11
CA PHE A 84 20.55 -23.51 -6.76
C PHE A 84 19.73 -24.69 -6.27
N LYS A 85 20.29 -25.45 -5.35
CA LYS A 85 19.65 -26.66 -4.89
C LYS A 85 18.95 -26.41 -3.56
N ASN A 86 19.52 -25.51 -2.77
CA ASN A 86 18.94 -25.14 -1.49
C ASN A 86 17.69 -24.30 -1.70
N ALA A 87 16.58 -24.75 -1.14
CA ALA A 87 15.31 -24.06 -1.29
C ALA A 87 15.40 -22.64 -0.77
N ASP A 88 16.06 -22.47 0.36
CA ASP A 88 16.22 -21.15 0.98
C ASP A 88 17.07 -20.24 0.11
N GLU A 89 17.94 -20.83 -0.71
CA GLU A 89 18.85 -20.04 -1.55
C GLU A 89 18.06 -19.28 -2.61
N ARG A 90 17.08 -19.96 -3.22
CA ARG A 90 16.25 -19.33 -4.25
C ARG A 90 15.48 -18.16 -3.64
N ILE A 91 14.95 -18.39 -2.45
CA ILE A 91 14.19 -17.38 -1.73
C ILE A 91 15.10 -16.24 -1.30
N ALA A 92 16.26 -16.60 -0.81
CA ALA A 92 17.23 -15.63 -0.33
C ALA A 92 17.74 -14.74 -1.45
N TYR A 93 17.87 -15.30 -2.66
CA TYR A 93 18.30 -14.50 -3.80
C TYR A 93 17.23 -13.48 -4.18
N ILE A 94 15.98 -13.90 -4.11
CA ILE A 94 14.87 -13.00 -4.37
C ILE A 94 14.81 -11.91 -3.29
N LEU A 95 14.92 -12.32 -2.03
CA LEU A 95 14.92 -11.39 -0.91
C LEU A 95 16.12 -10.45 -0.99
N LYS A 96 17.25 -10.99 -1.41
CA LYS A 96 18.49 -10.22 -1.54
C LYS A 96 18.31 -9.09 -2.55
N GLN A 97 17.56 -9.38 -3.61
CA GLN A 97 17.32 -8.40 -4.65
C GLN A 97 16.37 -7.31 -4.17
N ILE A 98 15.58 -7.62 -3.15
CA ILE A 98 14.71 -6.64 -2.53
C ILE A 98 15.54 -5.68 -1.70
N ASP A 99 16.52 -6.22 -0.99
CA ASP A 99 17.41 -5.44 -0.14
C ASP A 99 18.36 -4.62 -1.00
N ASN A 100 18.67 -5.13 -2.19
CA ASN A 100 19.53 -4.44 -3.15
C ASN A 100 18.70 -3.65 -4.16
N LYS A 101 17.42 -3.50 -3.86
CA LYS A 101 16.52 -2.75 -4.72
C LYS A 101 16.39 -1.32 -4.24
N GLY A 102 16.91 -0.40 -5.02
CA GLY A 102 16.95 0.99 -4.62
C GLY A 102 18.32 1.59 -4.85
N GLU A 103 18.56 2.01 -6.09
CA GLU A 103 19.87 2.52 -6.48
C GLU A 103 20.22 3.80 -5.74
N LEU A 104 21.14 3.68 -4.80
CA LEU A 104 21.65 4.83 -4.07
C LEU A 104 22.72 5.51 -4.91
N GLU A 105 22.28 6.21 -5.94
CA GLU A 105 23.17 6.88 -6.87
C GLU A 105 23.15 8.38 -6.63
N HIS A 106 24.21 9.05 -7.05
CA HIS A 106 24.33 10.48 -6.92
C HIS A 106 23.31 11.17 -7.82
N HIS A 107 22.93 12.38 -7.45
CA HIS A 107 21.98 13.15 -8.24
C HIS A 107 22.49 13.32 -9.66
N HIS A 108 21.65 12.97 -10.63
CA HIS A 108 22.07 12.92 -12.02
C HIS A 108 22.13 14.32 -12.64
N HIS A 109 23.14 15.08 -12.23
CA HIS A 109 23.38 16.39 -12.81
C HIS A 109 24.32 16.26 -14.01
N HIS A 110 24.55 15.03 -14.43
CA HIS A 110 25.38 14.75 -15.60
C HIS A 110 24.57 14.88 -16.88
N HIS A 111 23.39 15.47 -16.76
CA HIS A 111 22.52 15.73 -17.90
C HIS A 111 22.50 17.23 -18.18
N MET A 1 -0.08 1.20 4.90
CA MET A 1 -1.47 1.24 4.38
C MET A 1 -2.47 0.97 5.48
N PHE A 2 -3.08 2.04 5.98
CA PHE A 2 -4.11 1.93 6.99
C PHE A 2 -5.37 2.64 6.51
N THR A 3 -6.46 1.91 6.40
CA THR A 3 -7.72 2.49 5.96
C THR A 3 -8.83 2.21 6.97
N ALA A 4 -9.77 3.13 7.09
CA ALA A 4 -10.86 3.00 8.03
C ALA A 4 -12.20 2.94 7.32
N LYS A 5 -13.04 2.01 7.73
CA LYS A 5 -14.34 1.82 7.13
C LYS A 5 -15.44 2.03 8.17
N LEU A 6 -16.30 3.02 7.93
CA LEU A 6 -17.43 3.27 8.80
C LEU A 6 -18.41 2.09 8.70
N ILE A 7 -18.82 1.56 9.85
CA ILE A 7 -19.73 0.42 9.84
C ILE A 7 -21.03 0.74 10.56
N LYS A 8 -21.13 1.97 11.06
CA LYS A 8 -22.29 2.36 11.88
C LYS A 8 -22.78 3.74 11.46
N GLY A 9 -24.05 3.81 11.06
CA GLY A 9 -24.64 5.08 10.69
C GLY A 9 -24.69 5.28 9.19
N LYS A 10 -24.13 6.40 8.73
CA LYS A 10 -24.11 6.72 7.32
C LYS A 10 -22.94 7.65 7.02
N THR A 11 -22.84 8.74 7.76
CA THR A 11 -21.79 9.72 7.54
C THR A 11 -21.30 10.31 8.86
N TYR A 12 -19.99 10.26 9.08
CA TYR A 12 -19.39 10.81 10.28
C TYR A 12 -18.04 11.45 9.95
N ASN A 13 -17.85 12.67 10.41
CA ASN A 13 -16.62 13.39 10.14
C ASN A 13 -15.60 13.20 11.26
N VAL A 14 -14.45 12.66 10.92
CA VAL A 14 -13.36 12.48 11.87
C VAL A 14 -12.33 13.59 11.69
N MET A 15 -12.47 14.63 12.51
CA MET A 15 -11.62 15.83 12.43
C MET A 15 -11.80 16.53 11.08
N GLY A 16 -11.12 16.04 10.06
CA GLY A 16 -11.26 16.60 8.74
C GLY A 16 -11.55 15.53 7.70
N ILE A 17 -11.59 14.28 8.14
CA ILE A 17 -11.84 13.16 7.25
C ILE A 17 -13.27 12.68 7.40
N THR A 18 -14.10 13.00 6.42
CA THR A 18 -15.50 12.61 6.48
C THR A 18 -15.70 11.21 5.93
N PHE A 19 -16.17 10.31 6.78
CA PHE A 19 -16.38 8.92 6.40
C PHE A 19 -17.86 8.63 6.18
N ARG A 20 -18.13 7.66 5.33
CA ARG A 20 -19.48 7.15 5.16
C ARG A 20 -19.51 5.66 5.41
N ALA A 21 -20.56 5.19 6.08
CA ALA A 21 -20.74 3.76 6.34
C ALA A 21 -20.61 2.96 5.05
N GLY A 22 -19.64 2.06 5.02
CA GLY A 22 -19.40 1.25 3.85
C GLY A 22 -18.20 1.72 3.05
N VAL A 23 -17.84 2.98 3.23
CA VAL A 23 -16.73 3.58 2.50
C VAL A 23 -15.44 3.47 3.30
N SER A 24 -14.45 2.84 2.70
CA SER A 24 -13.14 2.72 3.31
C SER A 24 -12.22 3.84 2.79
N GLN A 25 -11.65 4.61 3.70
CA GLN A 25 -10.78 5.71 3.32
C GLN A 25 -9.48 5.64 4.10
N THR A 26 -8.37 5.95 3.43
CA THR A 26 -7.06 5.84 4.03
C THR A 26 -6.84 6.85 5.14
N VAL A 27 -6.33 6.38 6.26
CA VAL A 27 -6.09 7.23 7.42
C VAL A 27 -4.62 7.22 7.83
N PRO A 28 -4.14 8.33 8.40
CA PRO A 28 -2.81 8.40 9.01
C PRO A 28 -2.72 7.50 10.23
N LYS A 29 -1.51 7.19 10.67
CA LYS A 29 -1.32 6.27 11.79
C LYS A 29 -1.93 6.84 13.08
N LYS A 30 -1.97 8.16 13.19
CA LYS A 30 -2.62 8.80 14.34
C LYS A 30 -4.11 8.47 14.36
N LEU A 31 -4.78 8.73 13.25
CA LEU A 31 -6.20 8.45 13.13
C LEU A 31 -6.47 6.95 13.14
N TYR A 32 -5.49 6.17 12.73
CA TYR A 32 -5.60 4.71 12.78
C TYR A 32 -5.84 4.25 14.20
N GLU A 33 -5.04 4.77 15.13
CA GLU A 33 -5.20 4.44 16.54
C GLU A 33 -6.44 5.10 17.12
N TYR A 34 -6.68 6.34 16.70
CA TYR A 34 -7.83 7.11 17.15
C TYR A 34 -9.13 6.37 16.83
N LEU A 35 -9.26 5.90 15.60
CA LEU A 35 -10.46 5.20 15.18
C LEU A 35 -10.44 3.74 15.64
N ASN A 36 -9.24 3.23 15.91
CA ASN A 36 -9.09 1.89 16.45
C ASN A 36 -9.73 1.82 17.84
N GLU A 37 -9.75 2.96 18.51
CA GLU A 37 -10.34 3.08 19.84
C GLU A 37 -11.86 3.23 19.74
N ASN A 38 -12.39 3.24 18.52
CA ASN A 38 -13.81 3.46 18.30
C ASN A 38 -14.44 2.29 17.55
N PRO A 39 -15.39 1.59 18.21
CA PRO A 39 -15.94 0.33 17.71
C PRO A 39 -16.96 0.49 16.57
N TYR A 40 -17.07 1.69 16.01
CA TYR A 40 -17.98 1.90 14.88
C TYR A 40 -17.19 2.07 13.59
N PHE A 41 -15.90 1.76 13.67
CA PHE A 41 -15.04 1.74 12.50
C PHE A 41 -14.31 0.40 12.41
N ILE A 42 -14.40 -0.24 11.26
CA ILE A 42 -13.55 -1.38 10.97
C ILE A 42 -12.36 -0.93 10.14
N LEU A 43 -11.19 -0.94 10.76
CA LEU A 43 -9.99 -0.50 10.08
C LEU A 43 -9.26 -1.69 9.48
N THR A 44 -8.57 -1.47 8.39
CA THR A 44 -7.88 -2.54 7.70
C THR A 44 -6.42 -2.17 7.44
N GLN A 45 -5.51 -2.94 8.03
CA GLN A 45 -4.10 -2.80 7.75
C GLN A 45 -3.66 -3.91 6.78
N GLU A 46 -3.10 -3.50 5.65
CA GLU A 46 -2.68 -4.46 4.65
C GLU A 46 -1.17 -4.65 4.70
N LEU A 47 -0.75 -5.81 5.18
CA LEU A 47 0.66 -6.11 5.33
C LEU A 47 1.23 -6.67 4.03
N ASN A 48 1.83 -5.80 3.23
CA ASN A 48 2.46 -6.21 1.99
C ASN A 48 3.95 -5.86 2.01
N ASN A 49 4.49 -5.73 3.22
CA ASN A 49 5.92 -5.45 3.37
C ASN A 49 6.70 -6.76 3.33
N GLN A 50 6.28 -7.72 4.14
CA GLN A 50 6.84 -9.05 4.13
C GLN A 50 5.74 -10.08 4.28
N LYS A 51 5.08 -10.39 3.18
CA LYS A 51 3.96 -11.32 3.19
C LYS A 51 4.42 -12.72 2.80
N ASP A 52 5.64 -12.78 2.28
CA ASP A 52 6.24 -14.05 1.90
C ASP A 52 7.13 -14.58 3.00
N ASP A 53 7.68 -15.78 2.81
CA ASP A 53 8.42 -16.48 3.85
C ASP A 53 9.91 -16.15 3.82
N PRO A 54 10.41 -15.45 4.84
CA PRO A 54 11.83 -15.20 5.02
C PRO A 54 12.46 -16.16 6.05
N ILE A 55 13.75 -15.94 6.34
CA ILE A 55 14.49 -16.65 7.40
C ILE A 55 14.11 -18.15 7.48
N ASN A 56 14.37 -18.87 6.40
CA ASN A 56 14.03 -20.30 6.30
C ASN A 56 14.56 -20.86 4.99
N TYR A 57 15.81 -21.33 5.01
CA TYR A 57 16.46 -21.81 3.79
C TYR A 57 17.36 -23.01 4.10
N THR A 58 17.70 -23.76 3.07
CA THR A 58 18.51 -24.96 3.21
C THR A 58 19.97 -24.59 3.49
N GLU A 59 20.66 -25.37 4.31
CA GLU A 59 22.06 -25.10 4.62
C GLU A 59 22.91 -25.29 3.36
N SER A 60 22.51 -26.26 2.55
CA SER A 60 23.17 -26.50 1.28
C SER A 60 22.76 -25.44 0.27
N GLU A 61 21.58 -24.87 0.48
CA GLU A 61 21.05 -23.84 -0.39
C GLU A 61 21.72 -22.50 -0.10
N LEU A 62 21.85 -22.19 1.18
CA LEU A 62 22.49 -20.94 1.62
C LEU A 62 23.97 -20.92 1.26
N LYS A 63 24.61 -22.08 1.28
CA LYS A 63 26.02 -22.17 0.88
C LYS A 63 26.16 -22.02 -0.63
N GLY A 64 25.04 -22.10 -1.33
CA GLY A 64 25.04 -21.88 -2.77
C GLY A 64 24.42 -20.55 -3.12
N MET A 65 24.53 -19.59 -2.21
CA MET A 65 24.00 -18.25 -2.41
C MET A 65 25.09 -17.20 -2.36
N ASN A 66 24.68 -15.95 -2.35
CA ASN A 66 25.59 -14.81 -2.23
C ASN A 66 25.33 -14.08 -0.91
N LYS A 67 26.27 -13.26 -0.49
CA LYS A 67 26.21 -12.57 0.81
C LYS A 67 24.93 -11.73 0.97
N ALA A 68 24.53 -11.04 -0.09
CA ALA A 68 23.45 -10.05 -0.02
C ALA A 68 22.16 -10.63 0.53
N GLU A 69 21.74 -11.76 -0.02
CA GLU A 69 20.50 -12.41 0.41
C GLU A 69 20.56 -12.77 1.89
N HIS A 70 21.68 -13.38 2.33
CA HIS A 70 21.86 -13.73 3.73
C HIS A 70 21.57 -12.54 4.63
N GLU A 71 22.19 -11.42 4.31
CA GLU A 71 22.08 -10.22 5.13
C GLU A 71 20.63 -9.74 5.18
N SER A 72 19.97 -9.75 4.02
CA SER A 72 18.59 -9.33 3.94
C SER A 72 17.68 -10.23 4.78
N ILE A 73 17.91 -11.54 4.67
CA ILE A 73 17.12 -12.55 5.35
C ILE A 73 17.03 -12.27 6.86
N ILE A 74 18.17 -12.21 7.51
CA ILE A 74 18.20 -12.11 8.97
C ILE A 74 17.82 -10.70 9.42
N SER A 75 17.99 -9.73 8.54
CA SER A 75 17.57 -8.36 8.84
C SER A 75 16.05 -8.25 8.85
N ASN A 76 15.39 -9.17 8.15
CA ASN A 76 13.93 -9.22 8.16
C ASN A 76 13.44 -9.98 9.38
N LEU A 77 14.25 -10.93 9.85
CA LEU A 77 13.94 -11.65 11.08
C LEU A 77 14.04 -10.72 12.29
N GLY A 78 15.02 -9.82 12.26
CA GLY A 78 15.21 -8.88 13.34
C GLY A 78 16.66 -8.79 13.76
N ARG A 79 17.21 -9.91 14.22
CA ARG A 79 18.62 -9.95 14.60
C ARG A 79 19.50 -9.74 13.38
N ASN A 80 20.12 -8.59 13.32
CA ASN A 80 20.92 -8.19 12.17
C ASN A 80 22.12 -9.11 11.97
N PRO A 81 22.44 -9.42 10.71
CA PRO A 81 23.52 -10.34 10.34
C PRO A 81 24.90 -9.79 10.70
N SER A 82 24.94 -8.54 11.14
CA SER A 82 26.18 -7.89 11.54
C SER A 82 26.78 -8.59 12.76
N ASP A 83 25.95 -9.37 13.46
CA ASP A 83 26.39 -10.14 14.61
C ASP A 83 27.19 -11.35 14.17
N PHE A 84 27.00 -11.75 12.91
CA PHE A 84 27.64 -12.94 12.36
C PHE A 84 28.68 -12.52 11.31
N LYS A 85 29.95 -12.75 11.62
CA LYS A 85 31.03 -12.28 10.76
C LYS A 85 31.27 -13.21 9.58
N ASN A 86 31.09 -14.51 9.79
CA ASN A 86 31.36 -15.49 8.74
C ASN A 86 30.05 -16.06 8.20
N ALA A 87 30.14 -16.71 7.05
CA ALA A 87 28.97 -17.26 6.37
C ALA A 87 28.33 -18.39 7.19
N ASP A 88 29.15 -19.15 7.89
CA ASP A 88 28.66 -20.32 8.64
C ASP A 88 27.70 -19.91 9.76
N GLU A 89 28.10 -18.90 10.54
CA GLU A 89 27.26 -18.36 11.59
C GLU A 89 25.95 -17.81 11.03
N ARG A 90 26.04 -17.18 9.86
CA ARG A 90 24.85 -16.70 9.15
C ARG A 90 23.90 -17.85 8.86
N ILE A 91 24.44 -18.89 8.25
CA ILE A 91 23.66 -20.05 7.83
C ILE A 91 23.08 -20.78 9.04
N ALA A 92 23.92 -20.98 10.05
CA ALA A 92 23.50 -21.69 11.26
C ALA A 92 22.27 -21.05 11.90
N TYR A 93 22.25 -19.73 11.93
CA TYR A 93 21.15 -19.01 12.56
C TYR A 93 19.88 -19.10 11.70
N ILE A 94 20.04 -19.10 10.38
CA ILE A 94 18.90 -19.23 9.49
C ILE A 94 18.29 -20.63 9.61
N LEU A 95 19.16 -21.64 9.69
CA LEU A 95 18.72 -23.02 9.89
C LEU A 95 18.07 -23.18 11.25
N LYS A 96 18.63 -22.52 12.25
CA LYS A 96 18.10 -22.54 13.61
C LYS A 96 16.65 -22.05 13.63
N GLN A 97 16.36 -21.06 12.80
CA GLN A 97 15.03 -20.45 12.79
C GLN A 97 14.03 -21.29 12.00
N ILE A 98 14.50 -22.32 11.33
CA ILE A 98 13.60 -23.26 10.67
C ILE A 98 12.91 -24.12 11.71
N ASP A 99 13.69 -24.61 12.67
CA ASP A 99 13.17 -25.47 13.74
C ASP A 99 12.47 -24.63 14.81
N ASN A 100 12.69 -23.32 14.74
CA ASN A 100 12.07 -22.38 15.67
C ASN A 100 10.55 -22.42 15.55
N LYS A 101 10.07 -22.83 14.38
CA LYS A 101 8.64 -22.99 14.15
C LYS A 101 8.06 -24.08 15.05
N GLY A 102 7.10 -23.71 15.87
CA GLY A 102 6.48 -24.67 16.76
C GLY A 102 4.98 -24.74 16.55
N GLU A 103 4.38 -23.61 16.20
CA GLU A 103 2.94 -23.54 15.98
C GLU A 103 2.65 -23.32 14.50
N LEU A 104 2.61 -24.41 13.75
CA LEU A 104 2.35 -24.35 12.32
C LEU A 104 0.91 -24.77 12.02
N GLU A 105 0.51 -25.87 12.62
CA GLU A 105 -0.85 -26.37 12.46
C GLU A 105 -1.69 -26.01 13.66
N HIS A 106 -2.81 -26.72 13.83
CA HIS A 106 -3.72 -26.43 14.93
C HIS A 106 -3.94 -27.65 15.81
N HIS A 107 -3.07 -27.81 16.80
CA HIS A 107 -3.28 -28.81 17.84
C HIS A 107 -2.94 -28.18 19.20
N HIS A 108 -2.74 -26.87 19.16
CA HIS A 108 -2.38 -26.09 20.33
C HIS A 108 -3.61 -25.31 20.82
N HIS A 109 -4.78 -25.79 20.43
CA HIS A 109 -6.04 -25.10 20.71
C HIS A 109 -6.67 -25.57 22.03
N HIS A 110 -6.28 -26.75 22.49
CA HIS A 110 -6.94 -27.36 23.64
C HIS A 110 -6.03 -27.37 24.87
N HIS A 111 -6.47 -26.70 25.94
CA HIS A 111 -5.76 -26.71 27.21
C HIS A 111 -6.77 -26.66 28.35
N MET A 1 -1.20 0.98 3.51
CA MET A 1 -1.53 2.07 4.45
C MET A 1 -2.60 1.60 5.42
N PHE A 2 -3.21 2.54 6.13
CA PHE A 2 -4.27 2.22 7.08
C PHE A 2 -5.58 2.79 6.60
N THR A 3 -6.62 1.98 6.60
CA THR A 3 -7.93 2.41 6.17
C THR A 3 -8.96 2.20 7.26
N ALA A 4 -9.81 3.19 7.46
CA ALA A 4 -10.88 3.09 8.44
C ALA A 4 -12.22 3.23 7.75
N LYS A 5 -13.03 2.19 7.83
CA LYS A 5 -14.32 2.18 7.19
C LYS A 5 -15.42 2.32 8.24
N LEU A 6 -16.21 3.37 8.09
CA LEU A 6 -17.32 3.62 8.98
C LEU A 6 -18.35 2.52 8.79
N ILE A 7 -18.58 1.74 9.84
CA ILE A 7 -19.47 0.58 9.73
C ILE A 7 -20.80 0.83 10.41
N LYS A 8 -20.86 1.89 11.21
CA LYS A 8 -22.07 2.22 11.94
C LYS A 8 -22.43 3.69 11.73
N GLY A 9 -23.50 3.94 11.00
CA GLY A 9 -23.92 5.29 10.71
C GLY A 9 -24.26 5.49 9.25
N LYS A 10 -23.56 6.40 8.58
CA LYS A 10 -23.78 6.68 7.17
C LYS A 10 -22.68 7.61 6.66
N THR A 11 -22.69 8.83 7.16
CA THR A 11 -21.65 9.79 6.85
C THR A 11 -21.20 10.49 8.13
N TYR A 12 -19.96 10.25 8.54
CA TYR A 12 -19.44 10.85 9.75
C TYR A 12 -18.05 11.43 9.52
N ASN A 13 -17.86 12.68 9.94
CA ASN A 13 -16.58 13.36 9.80
C ASN A 13 -15.78 13.28 11.10
N VAL A 14 -14.56 12.77 11.01
CA VAL A 14 -13.66 12.74 12.15
C VAL A 14 -12.49 13.69 11.92
N MET A 15 -12.41 14.71 12.77
CA MET A 15 -11.39 15.76 12.68
C MET A 15 -11.60 16.62 11.43
N GLY A 16 -11.27 16.06 10.27
CA GLY A 16 -11.45 16.75 9.03
C GLY A 16 -11.51 15.80 7.85
N ILE A 17 -11.79 14.54 8.15
CA ILE A 17 -11.87 13.50 7.12
C ILE A 17 -13.29 12.93 7.10
N THR A 18 -13.81 12.71 5.90
CA THR A 18 -15.17 12.22 5.75
C THR A 18 -15.21 10.71 5.59
N PHE A 19 -15.88 10.05 6.54
CA PHE A 19 -16.04 8.62 6.50
C PHE A 19 -17.47 8.26 6.12
N ARG A 20 -17.62 7.24 5.30
CA ARG A 20 -18.94 6.80 4.87
C ARG A 20 -19.15 5.34 5.23
N ALA A 21 -20.37 5.01 5.62
CA ALA A 21 -20.70 3.65 5.99
C ALA A 21 -20.60 2.72 4.79
N GLY A 22 -19.55 1.92 4.77
CA GLY A 22 -19.32 1.02 3.66
C GLY A 22 -18.14 1.44 2.81
N VAL A 23 -17.56 2.59 3.13
CA VAL A 23 -16.43 3.12 2.38
C VAL A 23 -15.17 3.13 3.24
N SER A 24 -14.13 2.46 2.79
CA SER A 24 -12.88 2.38 3.52
C SER A 24 -12.03 3.62 3.25
N GLN A 25 -12.06 4.56 4.18
CA GLN A 25 -11.36 5.82 4.01
C GLN A 25 -9.91 5.70 4.45
N THR A 26 -9.02 6.36 3.73
CA THR A 26 -7.59 6.30 4.03
C THR A 26 -7.24 7.27 5.16
N VAL A 27 -6.61 6.74 6.20
CA VAL A 27 -6.26 7.54 7.37
C VAL A 27 -4.80 7.35 7.75
N PRO A 28 -4.21 8.33 8.44
CA PRO A 28 -2.89 8.19 9.05
C PRO A 28 -2.97 7.32 10.29
N LYS A 29 -1.84 6.80 10.74
CA LYS A 29 -1.82 5.93 11.91
C LYS A 29 -2.34 6.66 13.15
N LYS A 30 -2.26 7.99 13.13
CA LYS A 30 -2.84 8.81 14.18
C LYS A 30 -4.33 8.51 14.32
N LEU A 31 -5.04 8.57 13.19
CA LEU A 31 -6.47 8.29 13.18
C LEU A 31 -6.72 6.79 13.26
N TYR A 32 -5.79 6.00 12.77
CA TYR A 32 -5.89 4.56 12.84
C TYR A 32 -6.04 4.10 14.29
N GLU A 33 -5.25 4.69 15.17
CA GLU A 33 -5.30 4.33 16.58
C GLU A 33 -6.48 5.03 17.26
N TYR A 34 -6.69 6.30 16.88
CA TYR A 34 -7.78 7.10 17.43
C TYR A 34 -9.13 6.47 17.12
N LEU A 35 -9.26 5.86 15.96
CA LEU A 35 -10.50 5.20 15.57
C LEU A 35 -10.48 3.73 15.96
N ASN A 36 -9.29 3.21 16.26
CA ASN A 36 -9.15 1.84 16.74
C ASN A 36 -9.87 1.69 18.08
N GLU A 37 -9.81 2.74 18.89
CA GLU A 37 -10.53 2.75 20.18
C GLU A 37 -12.01 3.10 19.99
N ASN A 38 -12.45 3.20 18.74
CA ASN A 38 -13.85 3.50 18.44
C ASN A 38 -14.49 2.32 17.72
N PRO A 39 -15.47 1.66 18.37
CA PRO A 39 -16.06 0.41 17.88
C PRO A 39 -17.12 0.60 16.78
N TYR A 40 -17.07 1.71 16.06
CA TYR A 40 -17.97 1.91 14.92
C TYR A 40 -17.18 2.14 13.64
N PHE A 41 -15.90 1.77 13.70
CA PHE A 41 -15.03 1.79 12.53
C PHE A 41 -14.34 0.44 12.40
N ILE A 42 -14.29 -0.10 11.19
CA ILE A 42 -13.44 -1.25 10.92
C ILE A 42 -12.15 -0.77 10.27
N LEU A 43 -11.03 -1.17 10.80
CA LEU A 43 -9.75 -0.64 10.32
C LEU A 43 -8.92 -1.73 9.67
N THR A 44 -8.65 -1.55 8.39
CA THR A 44 -7.92 -2.52 7.60
C THR A 44 -6.54 -2.00 7.19
N GLN A 45 -5.57 -2.89 7.19
CA GLN A 45 -4.25 -2.60 6.68
C GLN A 45 -4.14 -3.19 5.27
N GLU A 46 -4.19 -2.34 4.27
CA GLU A 46 -4.23 -2.81 2.89
C GLU A 46 -2.87 -2.70 2.21
N LEU A 47 -2.62 -3.61 1.28
CA LEU A 47 -1.35 -3.67 0.59
C LEU A 47 -1.31 -2.69 -0.57
N ASN A 48 -0.33 -1.80 -0.53
CA ASN A 48 -0.17 -0.81 -1.58
C ASN A 48 0.87 -1.30 -2.58
N ASN A 49 1.03 -0.58 -3.68
CA ASN A 49 2.06 -0.90 -4.65
C ASN A 49 3.34 -0.17 -4.30
N GLN A 50 4.47 -0.81 -4.52
CA GLN A 50 5.76 -0.24 -4.14
C GLN A 50 5.97 1.11 -4.81
N LYS A 51 6.50 2.06 -4.05
CA LYS A 51 6.59 3.43 -4.51
C LYS A 51 7.88 3.66 -5.28
N ASP A 52 8.86 2.81 -5.06
CA ASP A 52 10.12 2.88 -5.78
C ASP A 52 10.33 1.63 -6.61
N ASP A 53 10.35 1.80 -7.93
CA ASP A 53 10.52 0.68 -8.84
C ASP A 53 11.63 1.02 -9.84
N PRO A 54 12.75 0.28 -9.79
CA PRO A 54 13.95 0.57 -10.59
C PRO A 54 13.68 0.62 -12.10
N ILE A 55 14.35 1.55 -12.78
CA ILE A 55 14.25 1.74 -14.24
C ILE A 55 12.79 1.89 -14.70
N ASN A 56 11.94 2.36 -13.81
CA ASN A 56 10.52 2.47 -14.07
C ASN A 56 9.94 3.67 -13.33
N TYR A 57 10.12 4.84 -13.92
CA TYR A 57 9.67 6.09 -13.32
C TYR A 57 9.04 6.98 -14.40
N THR A 58 8.22 7.91 -13.98
CA THR A 58 7.66 8.89 -14.90
C THR A 58 8.69 9.95 -15.24
N GLU A 59 8.61 10.49 -16.46
CA GLU A 59 9.50 11.57 -16.86
C GLU A 59 9.35 12.73 -15.90
N SER A 60 8.10 13.03 -15.55
CA SER A 60 7.82 14.04 -14.56
C SER A 60 8.45 13.67 -13.22
N GLU A 61 8.54 12.37 -12.94
CA GLU A 61 9.12 11.92 -11.68
C GLU A 61 10.65 12.04 -11.73
N LEU A 62 11.20 11.76 -12.90
CA LEU A 62 12.65 11.78 -13.09
C LEU A 62 13.17 13.19 -13.32
N LYS A 63 12.28 14.11 -13.70
CA LYS A 63 12.65 15.52 -13.89
C LYS A 63 13.08 16.16 -12.57
N GLY A 64 12.51 15.67 -11.48
CA GLY A 64 12.82 16.21 -10.17
C GLY A 64 13.98 15.48 -9.51
N MET A 65 14.54 14.52 -10.23
CA MET A 65 15.67 13.75 -9.71
C MET A 65 16.97 14.23 -10.34
N ASN A 66 18.00 14.35 -9.53
CA ASN A 66 19.30 14.79 -10.00
C ASN A 66 19.97 13.68 -10.79
N LYS A 67 21.08 14.00 -11.43
CA LYS A 67 21.82 13.03 -12.23
C LYS A 67 22.22 11.82 -11.39
N ALA A 68 22.59 12.07 -10.13
CA ALA A 68 23.03 11.02 -9.22
C ALA A 68 21.94 9.97 -9.01
N GLU A 69 20.70 10.43 -8.78
CA GLU A 69 19.57 9.52 -8.62
C GLU A 69 19.42 8.65 -9.85
N HIS A 70 19.47 9.27 -11.03
CA HIS A 70 19.40 8.54 -12.30
C HIS A 70 20.51 7.52 -12.39
N GLU A 71 21.71 7.90 -11.96
CA GLU A 71 22.86 7.03 -12.05
C GLU A 71 22.63 5.74 -11.25
N SER A 72 22.19 5.87 -10.00
CA SER A 72 21.93 4.71 -9.18
C SER A 72 20.80 3.85 -9.76
N ILE A 73 19.82 4.51 -10.37
CA ILE A 73 18.69 3.81 -10.99
C ILE A 73 19.17 2.89 -12.11
N ILE A 74 19.90 3.45 -13.06
CA ILE A 74 20.31 2.69 -14.23
C ILE A 74 21.44 1.72 -13.88
N SER A 75 22.15 2.01 -12.79
CA SER A 75 23.16 1.09 -12.27
C SER A 75 22.49 -0.19 -11.80
N ASN A 76 21.29 -0.05 -11.22
CA ASN A 76 20.51 -1.21 -10.80
C ASN A 76 20.01 -1.97 -12.02
N LEU A 77 19.71 -1.24 -13.10
CA LEU A 77 19.32 -1.86 -14.36
C LEU A 77 20.48 -2.67 -14.94
N GLY A 78 21.69 -2.15 -14.79
CA GLY A 78 22.85 -2.84 -15.31
C GLY A 78 23.49 -2.11 -16.47
N ARG A 79 23.26 -0.81 -16.56
CA ARG A 79 23.88 0.01 -17.59
C ARG A 79 24.61 1.18 -16.94
N ASN A 80 25.86 1.41 -17.34
CA ASN A 80 26.64 2.52 -16.82
C ASN A 80 26.03 3.85 -17.26
N PRO A 81 25.55 4.65 -16.30
CA PRO A 81 24.84 5.90 -16.57
C PRO A 81 25.79 7.07 -16.82
N SER A 82 27.09 6.84 -16.64
CA SER A 82 28.07 7.89 -16.88
C SER A 82 28.32 8.06 -18.38
N ASP A 83 27.62 7.26 -19.17
CA ASP A 83 27.71 7.36 -20.62
C ASP A 83 26.87 8.55 -21.10
N PHE A 84 26.00 9.02 -20.21
CA PHE A 84 25.17 10.18 -20.49
C PHE A 84 25.75 11.40 -19.79
N LYS A 85 25.95 12.47 -20.53
CA LYS A 85 26.63 13.64 -20.01
C LYS A 85 25.66 14.55 -19.26
N ASN A 86 24.39 14.49 -19.63
CA ASN A 86 23.38 15.31 -18.99
C ASN A 86 22.23 14.45 -18.47
N ALA A 87 21.34 15.03 -17.69
CA ALA A 87 20.25 14.28 -17.09
C ALA A 87 19.16 13.99 -18.11
N ASP A 88 19.16 14.74 -19.20
CA ASP A 88 18.16 14.60 -20.25
C ASP A 88 18.28 13.24 -20.94
N GLU A 89 19.49 12.90 -21.34
CA GLU A 89 19.77 11.61 -21.98
C GLU A 89 19.47 10.46 -21.03
N ARG A 90 19.68 10.70 -19.73
CA ARG A 90 19.41 9.70 -18.71
C ARG A 90 17.91 9.41 -18.65
N ILE A 91 17.11 10.47 -18.77
CA ILE A 91 15.66 10.34 -18.80
C ILE A 91 15.23 9.52 -20.01
N ALA A 92 15.79 9.87 -21.17
CA ALA A 92 15.46 9.20 -22.42
C ALA A 92 15.74 7.70 -22.35
N TYR A 93 16.85 7.34 -21.71
CA TYR A 93 17.22 5.93 -21.57
C TYR A 93 16.22 5.21 -20.67
N ILE A 94 15.88 5.84 -19.55
CA ILE A 94 14.94 5.23 -18.61
C ILE A 94 13.54 5.13 -19.25
N LEU A 95 13.16 6.16 -20.00
CA LEU A 95 11.85 6.19 -20.65
C LEU A 95 11.73 5.11 -21.72
N LYS A 96 12.84 4.75 -22.34
CA LYS A 96 12.82 3.72 -23.37
C LYS A 96 12.81 2.34 -22.72
N GLN A 97 13.50 2.21 -21.60
CA GLN A 97 13.58 0.95 -20.89
C GLN A 97 12.29 0.66 -20.11
N ILE A 98 11.61 1.71 -19.66
CA ILE A 98 10.32 1.53 -19.00
C ILE A 98 9.27 1.09 -20.02
N ASP A 99 9.53 1.41 -21.28
CA ASP A 99 8.67 0.97 -22.38
C ASP A 99 8.86 -0.52 -22.63
N ASN A 100 10.10 -0.96 -22.59
CA ASN A 100 10.44 -2.36 -22.84
C ASN A 100 10.45 -3.15 -21.53
N LYS A 101 9.28 -3.25 -20.90
CA LYS A 101 9.12 -4.06 -19.70
C LYS A 101 7.91 -4.97 -19.88
N GLY A 102 8.10 -6.07 -20.59
CA GLY A 102 7.02 -6.99 -20.84
C GLY A 102 7.48 -8.28 -21.48
N GLU A 103 7.98 -9.19 -20.67
CA GLU A 103 8.48 -10.47 -21.17
C GLU A 103 7.37 -11.51 -21.25
N LEU A 104 6.13 -11.04 -21.16
CA LEU A 104 4.97 -11.91 -21.30
C LEU A 104 4.60 -12.01 -22.76
N GLU A 105 4.97 -13.12 -23.38
CA GLU A 105 4.84 -13.28 -24.83
C GLU A 105 3.51 -13.94 -25.20
N HIS A 106 3.01 -13.58 -26.37
CA HIS A 106 1.81 -14.20 -26.95
C HIS A 106 1.95 -14.24 -28.46
N HIS A 107 2.20 -15.43 -29.00
CA HIS A 107 2.48 -15.58 -30.42
C HIS A 107 1.30 -16.21 -31.16
N HIS A 108 1.16 -15.86 -32.43
CA HIS A 108 0.12 -16.42 -33.28
C HIS A 108 0.39 -17.90 -33.53
N HIS A 109 -0.49 -18.76 -33.03
CA HIS A 109 -0.40 -20.18 -33.30
C HIS A 109 -0.86 -20.42 -34.74
N HIS A 110 -0.13 -21.23 -35.48
CA HIS A 110 -0.40 -21.43 -36.91
C HIS A 110 -1.81 -21.97 -37.12
N HIS A 111 -2.07 -23.16 -36.58
CA HIS A 111 -3.41 -23.75 -36.65
C HIS A 111 -3.82 -24.24 -35.27
N MET A 1 -0.11 1.84 3.70
CA MET A 1 -1.26 2.78 3.75
C MET A 1 -2.38 2.17 4.59
N PHE A 2 -3.03 3.01 5.41
CA PHE A 2 -4.07 2.52 6.32
C PHE A 2 -5.43 3.11 5.94
N THR A 3 -6.48 2.31 6.08
CA THR A 3 -7.83 2.77 5.80
C THR A 3 -8.77 2.43 6.96
N ALA A 4 -9.70 3.34 7.25
CA ALA A 4 -10.71 3.11 8.27
C ALA A 4 -12.09 3.15 7.64
N LYS A 5 -12.97 2.27 8.08
CA LYS A 5 -14.29 2.17 7.48
C LYS A 5 -15.40 2.40 8.50
N LEU A 6 -16.25 3.38 8.22
CA LEU A 6 -17.39 3.68 9.06
C LEU A 6 -18.45 2.60 8.87
N ILE A 7 -18.89 1.98 9.95
CA ILE A 7 -19.86 0.91 9.88
C ILE A 7 -21.20 1.32 10.48
N LYS A 8 -21.19 2.40 11.25
CA LYS A 8 -22.39 2.84 11.95
C LYS A 8 -22.50 4.36 11.92
N GLY A 9 -23.51 4.87 11.24
CA GLY A 9 -23.75 6.30 11.25
C GLY A 9 -23.96 6.89 9.86
N LYS A 10 -23.77 6.06 8.83
CA LYS A 10 -23.94 6.47 7.43
C LYS A 10 -22.79 7.37 6.99
N THR A 11 -22.54 8.43 7.74
CA THR A 11 -21.46 9.35 7.46
C THR A 11 -20.89 9.91 8.75
N TYR A 12 -19.58 10.10 8.80
CA TYR A 12 -18.93 10.64 9.99
C TYR A 12 -17.64 11.35 9.58
N ASN A 13 -17.36 12.48 10.22
CA ASN A 13 -16.19 13.27 9.90
C ASN A 13 -15.13 13.18 11.00
N VAL A 14 -13.91 12.86 10.61
CA VAL A 14 -12.80 12.82 11.55
C VAL A 14 -11.65 13.70 11.06
N MET A 15 -11.53 14.89 11.62
CA MET A 15 -10.44 15.81 11.31
C MET A 15 -10.38 16.12 9.82
N GLY A 16 -11.53 16.14 9.17
CA GLY A 16 -11.59 16.42 7.75
C GLY A 16 -11.86 15.17 6.93
N ILE A 17 -11.51 14.02 7.48
CA ILE A 17 -11.73 12.76 6.79
C ILE A 17 -13.20 12.39 6.85
N THR A 18 -13.83 12.28 5.68
CA THR A 18 -15.26 12.01 5.63
C THR A 18 -15.53 10.53 5.34
N PHE A 19 -15.95 9.82 6.37
CA PHE A 19 -16.22 8.40 6.26
C PHE A 19 -17.68 8.15 5.92
N ARG A 20 -17.94 7.02 5.27
CA ARG A 20 -19.29 6.61 4.92
C ARG A 20 -19.48 5.14 5.28
N ALA A 21 -20.72 4.75 5.54
CA ALA A 21 -21.04 3.35 5.83
C ALA A 21 -20.56 2.44 4.69
N GLY A 22 -19.56 1.63 5.00
CA GLY A 22 -19.03 0.69 4.02
C GLY A 22 -17.90 1.28 3.20
N VAL A 23 -17.47 2.48 3.56
CA VAL A 23 -16.40 3.15 2.84
C VAL A 23 -15.17 3.32 3.71
N SER A 24 -14.12 2.57 3.37
CA SER A 24 -12.84 2.71 4.04
C SER A 24 -12.00 3.80 3.39
N GLN A 25 -11.72 4.87 4.13
CA GLN A 25 -10.89 5.95 3.61
C GLN A 25 -9.55 5.96 4.34
N THR A 26 -8.55 6.58 3.72
CA THR A 26 -7.19 6.59 4.26
C THR A 26 -7.10 7.40 5.55
N VAL A 27 -6.41 6.84 6.54
CA VAL A 27 -6.23 7.52 7.82
C VAL A 27 -4.75 7.54 8.23
N PRO A 28 -4.33 8.63 8.87
CA PRO A 28 -2.98 8.76 9.42
C PRO A 28 -2.73 7.80 10.59
N LYS A 29 -1.47 7.66 10.97
CA LYS A 29 -1.05 6.71 12.01
C LYS A 29 -1.83 6.92 13.32
N LYS A 30 -2.06 8.16 13.71
CA LYS A 30 -2.71 8.45 14.98
C LYS A 30 -4.20 8.17 14.91
N LEU A 31 -4.80 8.43 13.75
CA LEU A 31 -6.22 8.22 13.58
C LEU A 31 -6.54 6.73 13.43
N TYR A 32 -5.57 5.96 12.97
CA TYR A 32 -5.73 4.51 12.86
C TYR A 32 -6.00 3.91 14.24
N GLU A 33 -5.25 4.38 15.23
CA GLU A 33 -5.41 3.89 16.60
C GLU A 33 -6.64 4.53 17.25
N TYR A 34 -6.86 5.81 16.96
CA TYR A 34 -8.01 6.53 17.49
C TYR A 34 -9.32 5.85 17.09
N LEU A 35 -9.40 5.42 15.84
CA LEU A 35 -10.59 4.76 15.33
C LEU A 35 -10.57 3.26 15.65
N ASN A 36 -9.39 2.74 15.92
CA ASN A 36 -9.24 1.34 16.36
C ASN A 36 -9.97 1.13 17.67
N GLU A 37 -9.91 2.15 18.52
CA GLU A 37 -10.58 2.12 19.81
C GLU A 37 -11.98 2.74 19.70
N ASN A 38 -12.53 2.71 18.49
CA ASN A 38 -13.84 3.26 18.24
C ASN A 38 -14.80 2.15 17.80
N PRO A 39 -15.90 1.96 18.53
CA PRO A 39 -16.85 0.86 18.31
C PRO A 39 -17.51 0.86 16.93
N TYR A 40 -17.73 2.04 16.35
CA TYR A 40 -18.45 2.13 15.09
C TYR A 40 -17.51 2.29 13.89
N PHE A 41 -16.26 1.85 14.07
CA PHE A 41 -15.29 1.87 12.99
C PHE A 41 -14.58 0.53 12.86
N ILE A 42 -14.70 -0.10 11.70
CA ILE A 42 -13.91 -1.27 11.38
C ILE A 42 -12.83 -0.89 10.37
N LEU A 43 -11.59 -0.91 10.81
CA LEU A 43 -10.49 -0.45 9.98
C LEU A 43 -9.89 -1.62 9.20
N THR A 44 -9.03 -1.30 8.25
CA THR A 44 -8.35 -2.29 7.44
C THR A 44 -7.02 -1.74 6.95
N GLN A 45 -5.95 -2.49 7.16
CA GLN A 45 -4.64 -2.09 6.69
C GLN A 45 -4.41 -2.61 5.29
N GLU A 46 -3.87 -1.75 4.45
CA GLU A 46 -3.55 -2.10 3.08
C GLU A 46 -2.06 -2.37 2.96
N LEU A 47 -1.60 -2.61 1.74
CA LEU A 47 -0.20 -2.88 1.50
C LEU A 47 0.64 -1.63 1.77
N ASN A 48 1.92 -1.84 2.05
CA ASN A 48 2.85 -0.74 2.24
C ASN A 48 3.28 -0.19 0.88
N ASN A 49 3.52 -1.12 -0.05
CA ASN A 49 3.87 -0.78 -1.43
C ASN A 49 5.20 -0.04 -1.51
N GLN A 50 5.57 0.35 -2.72
CA GLN A 50 6.73 1.19 -2.94
C GLN A 50 6.27 2.63 -3.10
N LYS A 51 7.21 3.57 -2.99
CA LYS A 51 6.89 5.00 -3.12
C LYS A 51 5.97 5.45 -1.99
N ASP A 52 6.03 4.72 -0.87
CA ASP A 52 5.25 5.03 0.31
C ASP A 52 5.73 6.35 0.91
N ASP A 53 7.03 6.55 0.86
CA ASP A 53 7.64 7.82 1.17
C ASP A 53 8.53 8.25 0.02
N PRO A 54 7.98 9.00 -0.94
CA PRO A 54 8.68 9.42 -2.14
C PRO A 54 9.72 10.50 -1.85
N ILE A 55 10.99 10.10 -1.86
CA ILE A 55 12.09 11.04 -1.65
C ILE A 55 13.42 10.28 -1.68
N ASN A 56 13.44 9.15 -2.37
CA ASN A 56 14.56 8.23 -2.31
C ASN A 56 14.84 7.60 -3.69
N TYR A 57 14.71 8.39 -4.74
CA TYR A 57 14.86 7.89 -6.09
C TYR A 57 16.27 8.14 -6.62
N THR A 58 16.60 7.46 -7.72
CA THR A 58 17.89 7.59 -8.37
C THR A 58 18.09 9.01 -8.90
N GLU A 59 19.30 9.55 -8.73
CA GLU A 59 19.64 10.86 -9.28
C GLU A 59 19.32 10.88 -10.78
N SER A 60 19.85 9.90 -11.49
CA SER A 60 19.59 9.76 -12.91
C SER A 60 18.10 9.58 -13.17
N GLU A 61 17.40 8.90 -12.26
CA GLU A 61 15.98 8.65 -12.46
C GLU A 61 15.19 9.95 -12.29
N LEU A 62 15.56 10.72 -11.27
CA LEU A 62 14.92 12.00 -10.98
C LEU A 62 15.15 13.00 -12.10
N LYS A 63 16.37 13.03 -12.62
CA LYS A 63 16.73 13.97 -13.68
C LYS A 63 15.99 13.64 -14.97
N GLY A 64 15.47 12.42 -15.06
CA GLY A 64 14.70 12.01 -16.21
C GLY A 64 13.22 11.93 -15.92
N MET A 65 12.81 12.45 -14.77
CA MET A 65 11.41 12.43 -14.36
C MET A 65 10.67 13.66 -14.85
N ASN A 66 9.35 13.56 -14.85
CA ASN A 66 8.49 14.69 -15.18
C ASN A 66 8.53 15.70 -14.03
N LYS A 67 8.43 16.98 -14.38
CA LYS A 67 8.39 18.05 -13.38
C LYS A 67 7.29 17.79 -12.35
N ALA A 68 6.16 17.29 -12.83
CA ALA A 68 5.00 17.02 -11.97
C ALA A 68 5.29 15.88 -11.00
N GLU A 69 6.17 14.97 -11.38
CA GLU A 69 6.56 13.87 -10.50
C GLU A 69 7.26 14.41 -9.27
N HIS A 70 8.25 15.26 -9.50
CA HIS A 70 8.96 15.93 -8.41
C HIS A 70 8.01 16.67 -7.50
N GLU A 71 7.03 17.35 -8.09
CA GLU A 71 6.03 18.07 -7.32
C GLU A 71 5.28 17.12 -6.40
N SER A 72 4.78 16.03 -6.98
CA SER A 72 4.07 15.01 -6.22
C SER A 72 4.93 14.49 -5.07
N ILE A 73 6.21 14.29 -5.36
CA ILE A 73 7.18 13.85 -4.37
C ILE A 73 7.26 14.81 -3.18
N ILE A 74 7.61 16.07 -3.45
CA ILE A 74 7.84 17.03 -2.39
C ILE A 74 6.53 17.55 -1.78
N SER A 75 5.41 17.31 -2.45
CA SER A 75 4.11 17.65 -1.88
C SER A 75 3.78 16.69 -0.75
N ASN A 76 4.00 15.39 -1.00
CA ASN A 76 3.71 14.37 0.00
C ASN A 76 4.77 14.38 1.09
N LEU A 77 5.99 14.76 0.74
CA LEU A 77 7.07 14.88 1.70
C LEU A 77 6.81 16.01 2.68
N GLY A 78 6.19 17.08 2.19
CA GLY A 78 5.93 18.23 3.02
C GLY A 78 6.90 19.37 2.74
N ARG A 79 7.27 19.51 1.47
CA ARG A 79 8.14 20.59 1.04
C ARG A 79 7.41 21.54 0.10
N ASN A 80 6.78 20.95 -0.93
CA ASN A 80 6.08 21.70 -1.97
C ASN A 80 7.04 22.50 -2.85
N PRO A 81 6.88 22.43 -4.18
CA PRO A 81 7.77 23.13 -5.10
C PRO A 81 7.41 24.60 -5.26
N SER A 82 7.51 25.34 -4.16
CA SER A 82 7.18 26.76 -4.15
C SER A 82 8.38 27.61 -4.54
N ASP A 83 9.57 27.03 -4.48
CA ASP A 83 10.77 27.73 -4.94
C ASP A 83 11.81 26.73 -5.46
N PHE A 84 11.61 26.33 -6.71
CA PHE A 84 12.56 25.46 -7.41
C PHE A 84 12.65 25.89 -8.85
N LYS A 85 13.76 26.49 -9.23
CA LYS A 85 13.93 27.03 -10.56
C LYS A 85 14.81 26.11 -11.42
N ASN A 86 15.68 25.37 -10.77
CA ASN A 86 16.58 24.46 -11.47
C ASN A 86 16.16 23.01 -11.26
N ALA A 87 16.49 22.17 -12.22
CA ALA A 87 16.26 20.74 -12.08
C ALA A 87 17.25 20.18 -11.07
N ASP A 88 18.46 20.72 -11.11
CA ASP A 88 19.51 20.36 -10.16
C ASP A 88 19.03 20.55 -8.73
N GLU A 89 18.32 21.65 -8.49
CA GLU A 89 17.76 21.96 -7.18
C GLU A 89 16.79 20.87 -6.73
N ARG A 90 15.93 20.46 -7.65
CA ARG A 90 14.92 19.46 -7.35
C ARG A 90 15.57 18.12 -6.97
N ILE A 91 16.56 17.72 -7.76
CA ILE A 91 17.28 16.47 -7.49
C ILE A 91 18.08 16.60 -6.20
N ALA A 92 18.69 17.76 -6.00
CA ALA A 92 19.52 18.01 -4.82
C ALA A 92 18.73 17.86 -3.54
N TYR A 93 17.49 18.36 -3.54
CA TYR A 93 16.66 18.28 -2.35
C TYR A 93 16.21 16.84 -2.10
N ILE A 94 15.93 16.10 -3.16
CA ILE A 94 15.52 14.71 -3.01
C ILE A 94 16.69 13.84 -2.55
N LEU A 95 17.88 14.13 -3.08
CA LEU A 95 19.10 13.42 -2.66
C LEU A 95 19.52 13.83 -1.26
N LYS A 96 19.01 14.97 -0.79
CA LYS A 96 19.32 15.47 0.55
C LYS A 96 18.87 14.47 1.61
N GLN A 97 17.66 13.94 1.44
CA GLN A 97 17.12 12.98 2.39
C GLN A 97 17.87 11.65 2.31
N ILE A 98 18.25 11.28 1.09
CA ILE A 98 19.02 10.05 0.88
C ILE A 98 20.40 10.16 1.54
N ASP A 99 21.01 11.33 1.41
CA ASP A 99 22.30 11.61 2.03
C ASP A 99 22.14 11.69 3.56
N ASN A 100 21.03 12.25 4.00
CA ASN A 100 20.74 12.41 5.41
C ASN A 100 20.53 11.05 6.10
N LYS A 101 19.63 10.24 5.58
CA LYS A 101 19.25 8.99 6.23
C LYS A 101 19.93 7.79 5.56
N GLY A 102 21.04 8.06 4.90
CA GLY A 102 21.75 6.99 4.20
C GLY A 102 22.97 6.50 4.94
N GLU A 103 23.41 7.26 5.95
CA GLU A 103 24.61 6.91 6.68
C GLU A 103 24.34 5.88 7.77
N LEU A 104 24.48 4.61 7.40
CA LEU A 104 24.36 3.51 8.36
C LEU A 104 25.61 2.64 8.25
N GLU A 105 25.56 1.65 7.37
CA GLU A 105 26.74 0.86 7.05
C GLU A 105 27.50 1.52 5.91
N HIS A 106 26.76 2.02 4.93
CA HIS A 106 27.34 2.85 3.90
C HIS A 106 27.69 4.20 4.52
N HIS A 107 28.82 4.76 4.10
CA HIS A 107 29.32 5.99 4.69
C HIS A 107 29.59 5.73 6.18
N HIS A 108 30.26 4.62 6.46
CA HIS A 108 30.56 4.18 7.82
C HIS A 108 31.31 5.27 8.57
N HIS A 109 30.93 5.49 9.82
CA HIS A 109 31.45 6.62 10.60
C HIS A 109 32.88 6.38 11.10
N HIS A 110 33.47 5.26 10.72
CA HIS A 110 34.84 4.93 11.09
C HIS A 110 35.30 3.70 10.34
N HIS A 111 36.46 3.78 9.70
CA HIS A 111 36.97 2.65 8.95
C HIS A 111 38.26 2.13 9.58
N MET A 1 -0.46 3.03 5.59
CA MET A 1 -1.48 2.52 4.65
C MET A 1 -2.59 1.81 5.40
N PHE A 2 -3.33 2.57 6.21
CA PHE A 2 -4.44 2.04 6.95
C PHE A 2 -5.74 2.61 6.41
N THR A 3 -6.70 1.75 6.13
CA THR A 3 -7.98 2.20 5.60
C THR A 3 -9.10 1.94 6.61
N ALA A 4 -9.79 3.01 6.98
CA ALA A 4 -10.88 2.91 7.94
C ALA A 4 -12.21 3.06 7.24
N LYS A 5 -13.15 2.20 7.60
CA LYS A 5 -14.47 2.20 6.99
C LYS A 5 -15.54 2.28 8.05
N LEU A 6 -16.38 3.31 7.96
CA LEU A 6 -17.49 3.50 8.89
C LEU A 6 -18.47 2.34 8.78
N ILE A 7 -18.63 1.59 9.85
CA ILE A 7 -19.49 0.41 9.85
C ILE A 7 -20.80 0.66 10.59
N LYS A 8 -20.75 1.57 11.56
CA LYS A 8 -21.91 1.86 12.38
C LYS A 8 -22.35 3.31 12.18
N GLY A 9 -23.37 3.52 11.37
CA GLY A 9 -23.86 4.86 11.12
C GLY A 9 -24.27 5.07 9.68
N LYS A 10 -23.63 6.04 9.02
CA LYS A 10 -23.99 6.44 7.67
C LYS A 10 -23.02 7.49 7.17
N THR A 11 -22.90 8.58 7.92
CA THR A 11 -22.05 9.70 7.56
C THR A 11 -21.39 10.27 8.81
N TYR A 12 -20.06 10.24 8.84
CA TYR A 12 -19.32 10.74 9.99
C TYR A 12 -17.92 11.17 9.56
N ASN A 13 -17.58 12.42 9.83
CA ASN A 13 -16.28 12.94 9.48
C ASN A 13 -15.41 13.13 10.71
N VAL A 14 -14.16 12.71 10.62
CA VAL A 14 -13.23 12.84 11.72
C VAL A 14 -12.21 13.94 11.42
N MET A 15 -12.37 15.07 12.11
CA MET A 15 -11.51 16.24 11.93
C MET A 15 -11.68 16.86 10.54
N GLY A 16 -11.12 16.21 9.55
CA GLY A 16 -11.22 16.70 8.18
C GLY A 16 -11.46 15.60 7.17
N ILE A 17 -11.48 14.36 7.63
CA ILE A 17 -11.70 13.22 6.75
C ILE A 17 -13.15 12.76 6.86
N THR A 18 -13.88 12.89 5.76
CA THR A 18 -15.30 12.59 5.76
C THR A 18 -15.56 11.14 5.38
N PHE A 19 -16.04 10.35 6.34
CA PHE A 19 -16.30 8.94 6.11
C PHE A 19 -17.78 8.68 5.86
N ARG A 20 -18.05 7.60 5.13
CA ARG A 20 -19.42 7.14 4.90
C ARG A 20 -19.49 5.65 5.17
N ALA A 21 -20.66 5.18 5.59
CA ALA A 21 -20.88 3.75 5.79
C ALA A 21 -20.62 2.97 4.50
N GLY A 22 -19.55 2.18 4.51
CA GLY A 22 -19.22 1.39 3.34
C GLY A 22 -18.01 1.95 2.59
N VAL A 23 -17.57 3.13 2.99
CA VAL A 23 -16.43 3.77 2.34
C VAL A 23 -15.18 3.66 3.21
N SER A 24 -14.16 3.02 2.67
CA SER A 24 -12.89 2.86 3.38
C SER A 24 -11.86 3.83 2.82
N GLN A 25 -11.30 4.67 3.69
CA GLN A 25 -10.32 5.66 3.26
C GLN A 25 -9.05 5.57 4.10
N THR A 26 -7.96 6.08 3.54
CA THR A 26 -6.67 6.05 4.20
C THR A 26 -6.63 7.03 5.36
N VAL A 27 -6.21 6.54 6.52
CA VAL A 27 -6.08 7.38 7.71
C VAL A 27 -4.66 7.29 8.27
N PRO A 28 -4.16 8.40 8.83
CA PRO A 28 -2.86 8.42 9.51
C PRO A 28 -2.87 7.53 10.74
N LYS A 29 -1.69 7.10 11.16
CA LYS A 29 -1.55 6.18 12.30
C LYS A 29 -2.24 6.73 13.54
N LYS A 30 -2.19 8.04 13.71
CA LYS A 30 -2.84 8.70 14.85
C LYS A 30 -4.35 8.45 14.85
N LEU A 31 -4.97 8.58 13.69
CA LEU A 31 -6.40 8.37 13.57
C LEU A 31 -6.73 6.88 13.54
N TYR A 32 -5.78 6.09 13.08
CA TYR A 32 -5.90 4.64 13.07
C TYR A 32 -6.16 4.12 14.49
N GLU A 33 -5.35 4.58 15.43
CA GLU A 33 -5.51 4.19 16.82
C GLU A 33 -6.67 4.94 17.48
N TYR A 34 -6.92 6.15 17.02
CA TYR A 34 -8.04 6.94 17.51
C TYR A 34 -9.35 6.22 17.21
N LEU A 35 -9.50 5.72 15.99
CA LEU A 35 -10.68 4.97 15.61
C LEU A 35 -10.60 3.55 16.15
N ASN A 36 -9.39 3.12 16.49
CA ASN A 36 -9.19 1.81 17.10
C ASN A 36 -9.82 1.78 18.48
N GLU A 37 -9.92 2.95 19.10
CA GLU A 37 -10.58 3.08 20.40
C GLU A 37 -12.06 3.41 20.23
N ASN A 38 -12.55 3.30 18.99
CA ASN A 38 -13.95 3.59 18.68
C ASN A 38 -14.53 2.50 17.77
N PRO A 39 -15.24 1.52 18.37
CA PRO A 39 -15.68 0.29 17.68
C PRO A 39 -16.81 0.49 16.66
N TYR A 40 -16.90 1.67 16.06
CA TYR A 40 -17.89 1.89 15.01
C TYR A 40 -17.21 2.11 13.66
N PHE A 41 -15.90 1.86 13.63
CA PHE A 41 -15.14 1.85 12.39
C PHE A 41 -14.44 0.51 12.24
N ILE A 42 -14.39 -0.01 11.03
CA ILE A 42 -13.58 -1.19 10.78
C ILE A 42 -12.25 -0.75 10.19
N LEU A 43 -11.18 -1.20 10.81
CA LEU A 43 -9.85 -0.75 10.44
C LEU A 43 -9.12 -1.84 9.67
N THR A 44 -9.04 -1.64 8.37
CA THR A 44 -8.42 -2.61 7.49
C THR A 44 -7.06 -2.11 7.02
N GLN A 45 -6.04 -2.92 7.24
CA GLN A 45 -4.70 -2.58 6.80
C GLN A 45 -4.33 -3.41 5.57
N GLU A 46 -4.34 -2.78 4.42
CA GLU A 46 -4.16 -3.47 3.16
C GLU A 46 -2.74 -3.32 2.64
N LEU A 47 -1.98 -4.40 2.76
CA LEU A 47 -0.61 -4.42 2.28
C LEU A 47 -0.47 -5.52 1.23
N ASN A 48 -0.45 -5.11 -0.03
CA ASN A 48 -0.38 -6.07 -1.12
C ASN A 48 0.32 -5.47 -2.33
N ASN A 49 1.50 -6.02 -2.66
CA ASN A 49 2.24 -5.64 -3.86
C ASN A 49 2.60 -4.15 -3.87
N GLN A 50 2.94 -3.64 -5.06
CA GLN A 50 3.46 -2.29 -5.20
C GLN A 50 2.98 -1.62 -6.48
N LYS A 51 3.34 -2.23 -7.62
CA LYS A 51 3.11 -1.62 -8.93
C LYS A 51 1.67 -1.81 -9.43
N ASP A 52 0.73 -1.82 -8.50
CA ASP A 52 -0.68 -2.01 -8.82
C ASP A 52 -1.37 -0.67 -9.08
N ASP A 53 -0.70 0.41 -8.71
CA ASP A 53 -1.23 1.75 -8.95
C ASP A 53 -0.08 2.72 -9.16
N PRO A 54 0.28 2.98 -10.43
CA PRO A 54 1.41 3.83 -10.79
C PRO A 54 1.05 5.31 -10.89
N ILE A 55 2.09 6.16 -10.99
CA ILE A 55 1.96 7.61 -11.16
C ILE A 55 1.05 8.24 -10.10
N ASN A 56 0.95 7.56 -8.96
CA ASN A 56 0.06 7.96 -7.89
C ASN A 56 0.55 7.39 -6.57
N TYR A 57 1.35 8.16 -5.84
CA TYR A 57 1.89 7.71 -4.57
C TYR A 57 1.94 8.87 -3.59
N THR A 58 2.01 8.55 -2.31
CA THR A 58 2.18 9.57 -1.29
C THR A 58 3.54 10.20 -1.41
N GLU A 59 3.63 11.50 -1.12
CA GLU A 59 4.91 12.17 -1.03
C GLU A 59 5.78 11.46 0.01
N SER A 60 5.12 10.90 1.02
CA SER A 60 5.78 10.05 1.99
C SER A 60 6.41 8.84 1.31
N GLU A 61 5.71 8.28 0.30
CA GLU A 61 6.23 7.11 -0.39
C GLU A 61 7.22 7.49 -1.48
N LEU A 62 6.95 8.62 -2.14
CA LEU A 62 7.78 9.10 -3.24
C LEU A 62 9.11 9.64 -2.73
N LYS A 63 9.16 9.94 -1.43
CA LYS A 63 10.38 10.40 -0.79
C LYS A 63 11.46 9.33 -0.86
N GLY A 64 11.05 8.08 -0.75
CA GLY A 64 11.99 6.98 -0.71
C GLY A 64 11.81 6.02 -1.86
N MET A 65 11.86 4.73 -1.54
CA MET A 65 11.83 3.66 -2.53
C MET A 65 13.05 3.76 -3.45
N ASN A 66 13.03 3.03 -4.55
CA ASN A 66 14.14 3.06 -5.50
C ASN A 66 13.72 3.84 -6.74
N LYS A 67 14.69 4.27 -7.53
CA LYS A 67 14.41 5.08 -8.71
C LYS A 67 13.72 4.24 -9.78
N ALA A 68 14.08 2.96 -9.83
CA ALA A 68 13.56 2.04 -10.85
C ALA A 68 12.04 2.09 -10.96
N GLU A 69 11.36 2.07 -9.82
CA GLU A 69 9.90 2.18 -9.79
C GLU A 69 9.46 3.45 -10.48
N HIS A 70 9.98 4.59 -9.98
CA HIS A 70 9.63 5.90 -10.50
C HIS A 70 9.88 5.98 -12.00
N GLU A 71 11.05 5.54 -12.43
CA GLU A 71 11.47 5.59 -13.84
C GLU A 71 10.46 4.88 -14.73
N SER A 72 10.13 3.65 -14.37
CA SER A 72 9.20 2.84 -15.15
C SER A 72 7.86 3.55 -15.32
N ILE A 73 7.44 4.23 -14.26
CA ILE A 73 6.19 4.95 -14.26
C ILE A 73 6.17 6.05 -15.32
N ILE A 74 7.09 6.99 -15.22
CA ILE A 74 7.10 8.15 -16.11
C ILE A 74 7.46 7.77 -17.55
N SER A 75 8.27 6.73 -17.72
CA SER A 75 8.63 6.28 -19.05
C SER A 75 7.41 5.72 -19.79
N ASN A 76 6.49 5.11 -19.04
CA ASN A 76 5.25 4.63 -19.61
C ASN A 76 4.18 5.73 -19.61
N LEU A 77 4.41 6.75 -18.79
CA LEU A 77 3.52 7.90 -18.75
C LEU A 77 3.71 8.75 -20.00
N GLY A 78 4.95 8.86 -20.44
CA GLY A 78 5.26 9.64 -21.62
C GLY A 78 6.34 10.67 -21.35
N ARG A 79 6.63 10.90 -20.08
CA ARG A 79 7.64 11.88 -19.71
C ARG A 79 8.83 11.17 -19.04
N ASN A 80 9.68 10.60 -19.89
CA ASN A 80 10.88 9.91 -19.44
C ASN A 80 11.72 10.79 -18.52
N PRO A 81 12.29 10.20 -17.47
CA PRO A 81 13.09 10.94 -16.47
C PRO A 81 14.49 11.31 -16.99
N SER A 82 14.54 11.93 -18.16
CA SER A 82 15.80 12.36 -18.73
C SER A 82 16.35 13.55 -17.96
N ASP A 83 15.51 14.57 -17.77
CA ASP A 83 15.91 15.75 -17.01
C ASP A 83 15.36 15.68 -15.58
N PHE A 84 14.53 14.66 -15.33
CA PHE A 84 14.04 14.39 -13.99
C PHE A 84 15.00 13.42 -13.31
N LYS A 85 15.73 13.94 -12.34
CA LYS A 85 16.80 13.19 -11.71
C LYS A 85 16.89 13.56 -10.23
N ASN A 86 16.70 14.84 -9.93
CA ASN A 86 16.72 15.34 -8.58
C ASN A 86 15.53 14.80 -7.78
N ALA A 87 15.79 14.44 -6.53
CA ALA A 87 14.78 13.81 -5.67
C ALA A 87 13.47 14.60 -5.61
N ASP A 88 13.55 15.90 -5.29
CA ASP A 88 12.34 16.69 -5.10
C ASP A 88 11.67 17.01 -6.43
N GLU A 89 12.44 17.04 -7.52
CA GLU A 89 11.87 17.23 -8.86
C GLU A 89 11.08 15.99 -9.26
N ARG A 90 11.63 14.84 -8.92
CA ARG A 90 10.97 13.56 -9.12
C ARG A 90 9.58 13.56 -8.46
N ILE A 91 9.58 13.89 -7.18
CA ILE A 91 8.36 13.95 -6.39
C ILE A 91 7.39 15.00 -6.95
N ALA A 92 7.94 16.15 -7.33
CA ALA A 92 7.15 17.26 -7.86
C ALA A 92 6.31 16.82 -9.06
N TYR A 93 6.94 16.14 -10.01
CA TYR A 93 6.22 15.74 -11.23
C TYR A 93 5.12 14.75 -10.91
N ILE A 94 5.45 13.72 -10.13
CA ILE A 94 4.48 12.68 -9.83
C ILE A 94 3.33 13.20 -8.96
N LEU A 95 3.63 14.13 -8.06
CA LEU A 95 2.59 14.74 -7.23
C LEU A 95 1.62 15.56 -8.08
N LYS A 96 2.16 16.27 -9.07
CA LYS A 96 1.33 17.09 -9.94
C LYS A 96 0.45 16.23 -10.83
N GLN A 97 0.79 14.95 -10.96
CA GLN A 97 -0.04 14.03 -11.72
C GLN A 97 -1.30 13.71 -10.93
N ILE A 98 -1.20 13.86 -9.61
CA ILE A 98 -2.30 13.58 -8.71
C ILE A 98 -3.19 14.81 -8.57
N ASP A 99 -2.55 15.96 -8.34
CA ASP A 99 -3.28 17.22 -8.17
C ASP A 99 -3.99 17.63 -9.47
N ASN A 100 -3.26 17.58 -10.58
CA ASN A 100 -3.85 17.94 -11.87
C ASN A 100 -4.53 16.72 -12.49
N LYS A 101 -5.81 16.57 -12.21
CA LYS A 101 -6.56 15.44 -12.72
C LYS A 101 -8.01 15.82 -12.98
N GLY A 102 -8.41 16.99 -12.49
CA GLY A 102 -9.76 17.47 -12.74
C GLY A 102 -10.55 17.66 -11.47
N GLU A 103 -10.25 18.73 -10.73
CA GLU A 103 -11.05 19.11 -9.57
C GLU A 103 -12.36 19.74 -10.03
N LEU A 104 -13.40 18.93 -10.12
CA LEU A 104 -14.67 19.39 -10.66
C LEU A 104 -15.77 19.31 -9.61
N GLU A 105 -16.18 20.48 -9.13
CA GLU A 105 -17.30 20.59 -8.22
C GLU A 105 -18.31 21.60 -8.75
N HIS A 106 -17.78 22.65 -9.38
CA HIS A 106 -18.57 23.84 -9.67
C HIS A 106 -18.81 23.99 -11.15
N HIS A 107 -20.07 24.01 -11.55
CA HIS A 107 -20.44 24.25 -12.93
C HIS A 107 -20.43 25.75 -13.21
N HIS A 108 -20.53 26.14 -14.47
CA HIS A 108 -20.42 27.55 -14.84
C HIS A 108 -21.77 28.25 -14.72
N HIS A 109 -22.79 27.67 -15.33
CA HIS A 109 -24.15 28.22 -15.25
C HIS A 109 -25.17 27.15 -15.56
N HIS A 110 -25.41 26.91 -16.84
CA HIS A 110 -26.25 25.81 -17.28
C HIS A 110 -25.35 24.59 -17.50
N HIS A 111 -24.16 24.87 -18.01
CA HIS A 111 -23.09 23.90 -18.05
C HIS A 111 -21.83 24.55 -17.50
N MET A 1 -0.30 -0.23 4.92
CA MET A 1 -1.18 0.97 4.82
C MET A 1 -2.32 0.84 5.82
N PHE A 2 -2.79 1.97 6.35
CA PHE A 2 -3.92 1.96 7.27
C PHE A 2 -5.16 2.52 6.57
N THR A 3 -6.27 1.81 6.68
CA THR A 3 -7.50 2.24 6.06
C THR A 3 -8.69 1.99 7.01
N ALA A 4 -9.48 3.03 7.24
CA ALA A 4 -10.62 2.91 8.13
C ALA A 4 -11.92 2.96 7.33
N LYS A 5 -12.87 2.11 7.70
CA LYS A 5 -14.15 2.06 7.03
C LYS A 5 -15.30 2.13 8.03
N LEU A 6 -16.08 3.19 7.95
CA LEU A 6 -17.25 3.35 8.80
C LEU A 6 -18.27 2.27 8.47
N ILE A 7 -18.69 1.51 9.48
CA ILE A 7 -19.65 0.43 9.26
C ILE A 7 -20.94 0.68 10.02
N LYS A 8 -20.82 1.21 11.23
CA LYS A 8 -21.97 1.44 12.09
C LYS A 8 -22.38 2.91 12.04
N GLY A 9 -23.27 3.21 11.12
CA GLY A 9 -23.73 4.57 10.95
C GLY A 9 -24.06 4.88 9.50
N LYS A 10 -23.65 6.06 9.06
CA LYS A 10 -23.95 6.54 7.71
C LYS A 10 -22.89 7.53 7.28
N THR A 11 -22.70 8.56 8.09
CA THR A 11 -21.69 9.57 7.85
C THR A 11 -21.19 10.15 9.17
N TYR A 12 -19.87 10.22 9.32
CA TYR A 12 -19.28 10.69 10.56
C TYR A 12 -18.03 11.52 10.25
N ASN A 13 -18.01 12.75 10.74
CA ASN A 13 -16.89 13.65 10.51
C ASN A 13 -15.78 13.43 11.54
N VAL A 14 -14.62 13.03 11.07
CA VAL A 14 -13.46 12.84 11.95
C VAL A 14 -12.37 13.85 11.58
N MET A 15 -12.20 14.87 12.44
CA MET A 15 -11.24 15.95 12.21
C MET A 15 -11.57 16.69 10.92
N GLY A 16 -10.98 16.26 9.82
CA GLY A 16 -11.25 16.89 8.53
C GLY A 16 -11.62 15.88 7.48
N ILE A 17 -11.80 14.63 7.91
CA ILE A 17 -12.12 13.54 7.00
C ILE A 17 -13.56 13.10 7.23
N THR A 18 -14.33 13.01 6.15
CA THR A 18 -15.72 12.62 6.24
C THR A 18 -15.89 11.14 5.91
N PHE A 19 -16.13 10.34 6.94
CA PHE A 19 -16.32 8.90 6.78
C PHE A 19 -17.78 8.59 6.50
N ARG A 20 -18.01 7.60 5.65
CA ARG A 20 -19.36 7.18 5.32
C ARG A 20 -19.46 5.67 5.37
N ALA A 21 -20.61 5.17 5.82
CA ALA A 21 -20.87 3.74 5.90
C ALA A 21 -20.53 3.02 4.60
N GLY A 22 -19.59 2.08 4.69
CA GLY A 22 -19.24 1.26 3.55
C GLY A 22 -18.03 1.78 2.79
N VAL A 23 -17.51 2.92 3.19
CA VAL A 23 -16.39 3.53 2.49
C VAL A 23 -15.09 3.41 3.28
N SER A 24 -14.15 2.65 2.73
CA SER A 24 -12.79 2.58 3.28
C SER A 24 -11.99 3.81 2.83
N GLN A 25 -11.33 4.47 3.78
CA GLN A 25 -10.57 5.68 3.47
C GLN A 25 -9.16 5.58 4.06
N THR A 26 -8.18 6.03 3.28
CA THR A 26 -6.78 5.98 3.70
C THR A 26 -6.51 7.02 4.79
N VAL A 27 -6.30 6.55 6.00
CA VAL A 27 -6.12 7.43 7.15
C VAL A 27 -4.68 7.40 7.63
N PRO A 28 -4.23 8.48 8.28
CA PRO A 28 -2.90 8.54 8.90
C PRO A 28 -2.79 7.60 10.10
N LYS A 29 -1.56 7.35 10.51
CA LYS A 29 -1.27 6.41 11.60
C LYS A 29 -1.98 6.79 12.89
N LYS A 30 -2.02 8.09 13.17
CA LYS A 30 -2.68 8.59 14.38
C LYS A 30 -4.17 8.32 14.36
N LEU A 31 -4.82 8.67 13.25
CA LEU A 31 -6.27 8.51 13.14
C LEU A 31 -6.67 7.04 13.14
N TYR A 32 -5.77 6.18 12.68
CA TYR A 32 -6.00 4.74 12.72
C TYR A 32 -6.23 4.29 14.16
N GLU A 33 -5.35 4.71 15.05
CA GLU A 33 -5.48 4.33 16.45
C GLU A 33 -6.61 5.10 17.12
N TYR A 34 -6.77 6.36 16.74
CA TYR A 34 -7.85 7.20 17.25
C TYR A 34 -9.21 6.53 16.99
N LEU A 35 -9.37 5.99 15.79
CA LEU A 35 -10.63 5.33 15.43
C LEU A 35 -10.62 3.87 15.89
N ASN A 36 -9.43 3.34 16.15
CA ASN A 36 -9.29 1.99 16.69
C ASN A 36 -9.97 1.90 18.06
N GLU A 37 -9.97 3.02 18.77
CA GLU A 37 -10.63 3.10 20.08
C GLU A 37 -12.13 3.36 19.94
N ASN A 38 -12.62 3.49 18.71
CA ASN A 38 -14.04 3.78 18.47
C ASN A 38 -14.68 2.68 17.62
N PRO A 39 -15.64 1.94 18.21
CA PRO A 39 -16.25 0.76 17.57
C PRO A 39 -17.31 1.13 16.52
N TYR A 40 -17.00 2.11 15.68
CA TYR A 40 -17.91 2.47 14.59
C TYR A 40 -17.36 1.96 13.26
N PHE A 41 -16.10 1.59 13.25
CA PHE A 41 -15.38 1.33 12.02
C PHE A 41 -14.81 -0.07 12.00
N ILE A 42 -14.62 -0.59 10.80
CA ILE A 42 -13.76 -1.74 10.58
C ILE A 42 -12.45 -1.22 10.02
N LEU A 43 -11.41 -1.29 10.83
CA LEU A 43 -10.13 -0.78 10.43
C LEU A 43 -9.32 -1.87 9.76
N THR A 44 -9.00 -1.64 8.51
CA THR A 44 -8.32 -2.61 7.69
C THR A 44 -6.83 -2.28 7.61
N GLN A 45 -6.01 -3.17 8.14
CA GLN A 45 -4.56 -3.02 8.06
C GLN A 45 -4.06 -3.70 6.79
N GLU A 46 -3.58 -2.89 5.86
CA GLU A 46 -3.25 -3.39 4.54
C GLU A 46 -1.76 -3.60 4.39
N LEU A 47 -1.40 -4.56 3.56
CA LEU A 47 -0.04 -5.06 3.46
C LEU A 47 0.88 -4.09 2.73
N ASN A 48 2.03 -3.83 3.32
CA ASN A 48 3.15 -3.18 2.64
C ASN A 48 4.19 -4.25 2.32
N ASN A 49 3.83 -5.49 2.64
CA ASN A 49 4.75 -6.61 2.60
C ASN A 49 4.95 -7.12 1.18
N GLN A 50 4.11 -6.67 0.26
CA GLN A 50 4.18 -7.12 -1.13
C GLN A 50 5.40 -6.52 -1.83
N LYS A 51 6.52 -7.22 -1.76
CA LYS A 51 7.73 -6.81 -2.42
C LYS A 51 8.39 -7.99 -3.12
N ASP A 52 7.69 -8.54 -4.09
CA ASP A 52 8.19 -9.65 -4.89
C ASP A 52 9.25 -9.14 -5.86
N ASP A 53 9.12 -7.88 -6.24
CA ASP A 53 9.99 -7.24 -7.24
C ASP A 53 9.94 -8.00 -8.55
N PRO A 54 8.95 -7.68 -9.39
CA PRO A 54 8.79 -8.30 -10.69
C PRO A 54 9.43 -7.50 -11.82
N ILE A 55 9.94 -8.22 -12.82
CA ILE A 55 10.40 -7.65 -14.09
C ILE A 55 11.54 -6.62 -13.91
N ASN A 56 12.26 -6.74 -12.80
CA ASN A 56 13.30 -5.79 -12.47
C ASN A 56 14.56 -6.49 -11.96
N TYR A 57 14.88 -7.62 -12.56
CA TYR A 57 16.02 -8.42 -12.15
C TYR A 57 17.24 -8.07 -12.99
N THR A 58 18.43 -8.32 -12.44
CA THR A 58 19.68 -8.10 -13.15
C THR A 58 19.71 -8.90 -14.44
N GLU A 59 19.99 -8.24 -15.56
CA GLU A 59 20.06 -8.93 -16.85
C GLU A 59 21.18 -9.95 -16.83
N SER A 60 22.19 -9.70 -16.00
CA SER A 60 23.27 -10.64 -15.80
C SER A 60 22.77 -11.85 -15.03
N GLU A 61 21.78 -11.63 -14.15
CA GLU A 61 21.18 -12.76 -13.43
C GLU A 61 20.18 -13.46 -14.35
N LEU A 62 19.42 -12.66 -15.09
CA LEU A 62 18.44 -13.17 -16.05
C LEU A 62 19.13 -13.97 -17.16
N LYS A 63 20.42 -13.72 -17.33
CA LYS A 63 21.20 -14.41 -18.36
C LYS A 63 21.27 -15.90 -18.03
N GLY A 64 21.30 -16.21 -16.74
CA GLY A 64 21.36 -17.60 -16.31
C GLY A 64 20.00 -18.17 -15.96
N MET A 65 19.06 -17.28 -15.62
CA MET A 65 17.69 -17.69 -15.29
C MET A 65 17.09 -18.53 -16.41
N ASN A 66 16.38 -19.59 -16.02
CA ASN A 66 15.86 -20.55 -16.99
C ASN A 66 14.53 -20.10 -17.58
N LYS A 67 13.93 -20.98 -18.39
CA LYS A 67 12.69 -20.70 -19.08
C LYS A 67 11.56 -20.39 -18.08
N ALA A 68 11.34 -21.31 -17.14
CA ALA A 68 10.24 -21.21 -16.20
C ALA A 68 10.31 -19.92 -15.37
N GLU A 69 11.52 -19.55 -14.97
CA GLU A 69 11.73 -18.35 -14.17
C GLU A 69 11.34 -17.12 -14.97
N HIS A 70 11.87 -16.99 -16.19
CA HIS A 70 11.49 -15.90 -17.09
C HIS A 70 9.99 -15.86 -17.31
N GLU A 71 9.39 -17.03 -17.50
CA GLU A 71 7.95 -17.12 -17.73
C GLU A 71 7.18 -16.56 -16.55
N SER A 72 7.59 -16.93 -15.34
CA SER A 72 6.91 -16.45 -14.15
C SER A 72 7.10 -14.94 -14.00
N ILE A 73 8.33 -14.48 -14.21
CA ILE A 73 8.66 -13.06 -14.07
C ILE A 73 7.77 -12.17 -14.94
N ILE A 74 7.76 -12.43 -16.23
CA ILE A 74 7.06 -11.55 -17.16
C ILE A 74 5.55 -11.73 -17.05
N SER A 75 5.11 -12.90 -16.63
CA SER A 75 3.69 -13.14 -16.43
C SER A 75 3.21 -12.38 -15.20
N ASN A 76 4.11 -12.14 -14.25
CA ASN A 76 3.82 -11.28 -13.11
C ASN A 76 3.69 -9.83 -13.59
N LEU A 77 4.48 -9.49 -14.61
CA LEU A 77 4.37 -8.19 -15.25
C LEU A 77 3.04 -8.06 -15.98
N GLY A 78 2.60 -9.16 -16.58
CA GLY A 78 1.32 -9.17 -17.27
C GLY A 78 1.43 -9.56 -18.73
N ARG A 79 2.51 -10.26 -19.07
CA ARG A 79 2.69 -10.72 -20.45
C ARG A 79 3.41 -12.07 -20.48
N ASN A 80 2.81 -13.02 -21.16
CA ASN A 80 3.37 -14.36 -21.27
C ASN A 80 4.46 -14.38 -22.35
N PRO A 81 5.58 -15.06 -22.09
CA PRO A 81 6.69 -15.13 -23.04
C PRO A 81 6.50 -16.24 -24.06
N SER A 82 5.31 -16.28 -24.65
CA SER A 82 5.02 -17.22 -25.72
C SER A 82 5.46 -16.63 -27.06
N ASP A 83 5.30 -15.32 -27.18
CA ASP A 83 5.74 -14.59 -28.37
C ASP A 83 7.25 -14.62 -28.46
N PHE A 84 7.91 -14.56 -27.31
CA PHE A 84 9.35 -14.60 -27.24
C PHE A 84 9.80 -16.03 -26.97
N LYS A 85 10.38 -16.66 -27.97
CA LYS A 85 10.75 -18.07 -27.87
C LYS A 85 12.20 -18.22 -27.42
N ASN A 86 13.01 -17.22 -27.72
CA ASN A 86 14.42 -17.25 -27.37
C ASN A 86 14.66 -16.45 -26.09
N ALA A 87 15.68 -16.84 -25.33
CA ALA A 87 15.99 -16.21 -24.05
C ALA A 87 16.41 -14.76 -24.22
N ASP A 88 17.07 -14.44 -25.33
CA ASP A 88 17.61 -13.10 -25.54
C ASP A 88 16.52 -12.05 -25.46
N GLU A 89 15.48 -12.20 -26.28
CA GLU A 89 14.33 -11.31 -26.27
C GLU A 89 13.64 -11.30 -24.91
N ARG A 90 13.63 -12.45 -24.25
CA ARG A 90 13.05 -12.55 -22.91
C ARG A 90 13.82 -11.70 -21.91
N ILE A 91 15.14 -11.78 -21.99
CA ILE A 91 16.00 -10.97 -21.13
C ILE A 91 15.85 -9.49 -21.48
N ALA A 92 15.85 -9.20 -22.78
CA ALA A 92 15.76 -7.83 -23.26
C ALA A 92 14.44 -7.18 -22.86
N TYR A 93 13.36 -7.95 -22.93
CA TYR A 93 12.04 -7.45 -22.58
C TYR A 93 11.98 -7.08 -21.10
N ILE A 94 12.56 -7.93 -20.26
CA ILE A 94 12.63 -7.67 -18.82
C ILE A 94 13.58 -6.50 -18.54
N LEU A 95 14.69 -6.49 -19.25
CA LEU A 95 15.71 -5.46 -19.09
C LEU A 95 15.12 -4.08 -19.35
N LYS A 96 14.35 -3.95 -20.42
CA LYS A 96 13.83 -2.66 -20.83
C LYS A 96 12.66 -2.20 -19.98
N GLN A 97 12.22 -3.03 -19.04
CA GLN A 97 11.22 -2.59 -18.07
C GLN A 97 11.92 -1.79 -16.99
N ILE A 98 13.17 -2.15 -16.75
CA ILE A 98 14.03 -1.43 -15.83
C ILE A 98 14.47 -0.12 -16.47
N ASP A 99 14.68 -0.16 -17.78
CA ASP A 99 15.08 1.02 -18.54
C ASP A 99 13.92 1.98 -18.72
N ASN A 100 12.75 1.44 -19.01
CA ASN A 100 11.55 2.25 -19.20
C ASN A 100 10.64 2.12 -17.97
N LYS A 101 11.07 2.72 -16.87
CA LYS A 101 10.32 2.66 -15.63
C LYS A 101 9.76 4.04 -15.27
N GLY A 102 8.44 4.14 -15.25
CA GLY A 102 7.80 5.37 -14.85
C GLY A 102 7.06 6.04 -15.99
N GLU A 103 5.74 6.06 -15.90
CA GLU A 103 4.91 6.72 -16.90
C GLU A 103 4.51 8.10 -16.39
N LEU A 104 5.45 8.75 -15.72
CA LEU A 104 5.23 10.07 -15.14
C LEU A 104 5.68 11.14 -16.12
N GLU A 105 5.01 12.28 -16.11
CA GLU A 105 5.28 13.33 -17.07
C GLU A 105 5.83 14.60 -16.41
N HIS A 106 5.03 15.24 -15.57
CA HIS A 106 5.41 16.55 -15.02
C HIS A 106 5.91 16.44 -13.58
N HIS A 107 7.11 15.88 -13.41
CA HIS A 107 7.78 15.80 -12.11
C HIS A 107 6.93 15.08 -11.06
N HIS A 108 6.00 14.24 -11.53
CA HIS A 108 5.09 13.44 -10.68
C HIS A 108 4.21 14.29 -9.74
N HIS A 109 3.11 13.70 -9.32
CA HIS A 109 2.14 14.38 -8.46
C HIS A 109 2.53 14.17 -6.99
N HIS A 110 2.17 15.11 -6.13
CA HIS A 110 2.47 15.00 -4.71
C HIS A 110 1.27 14.50 -3.94
N HIS A 111 0.34 15.39 -3.64
CA HIS A 111 -0.90 15.02 -2.95
C HIS A 111 -1.86 16.19 -2.98
#